data_3J48
# 
_entry.id   3J48 
# 
_audit_conform.dict_name       mmcif_pdbx.dic 
_audit_conform.dict_version    5.387 
_audit_conform.dict_location   http://mmcif.pdb.org/dictionaries/ascii/mmcif_pdbx.dic 
# 
loop_
_database_2.database_id 
_database_2.database_code 
_database_2.pdbx_database_accession 
_database_2.pdbx_DOI 
PDB   3J48         pdb_00003j48 10.2210/pdb3j48/pdb 
RCSB  RCSB160230   ?            ?                   
WWPDB D_1000160230 ?            ?                   
# 
loop_
_pdbx_audit_revision_history.ordinal 
_pdbx_audit_revision_history.data_content_type 
_pdbx_audit_revision_history.major_revision 
_pdbx_audit_revision_history.minor_revision 
_pdbx_audit_revision_history.revision_date 
1 'Structure model' 1 0 2013-12-04 
2 'Structure model' 1 1 2013-12-25 
3 'Structure model' 1 2 2014-01-29 
4 'Structure model' 1 3 2018-07-18 
5 'Structure model' 1 4 2024-02-21 
# 
_pdbx_audit_revision_details.ordinal             1 
_pdbx_audit_revision_details.revision_ordinal    1 
_pdbx_audit_revision_details.data_content_type   'Structure model' 
_pdbx_audit_revision_details.provider            repository 
_pdbx_audit_revision_details.type                'Initial release' 
_pdbx_audit_revision_details.description         ? 
_pdbx_audit_revision_details.details             ? 
# 
loop_
_pdbx_audit_revision_group.ordinal 
_pdbx_audit_revision_group.revision_ordinal 
_pdbx_audit_revision_group.data_content_type 
_pdbx_audit_revision_group.group 
1 2 'Structure model' 'Database references'    
2 3 'Structure model' 'Database references'    
3 4 'Structure model' 'Data collection'        
4 5 'Structure model' 'Data collection'        
5 5 'Structure model' 'Database references'    
6 5 'Structure model' 'Derived calculations'   
7 5 'Structure model' 'Refinement description' 
# 
loop_
_pdbx_audit_revision_category.ordinal 
_pdbx_audit_revision_category.revision_ordinal 
_pdbx_audit_revision_category.data_content_type 
_pdbx_audit_revision_category.category 
1 4 'Structure model' em_software                   
2 5 'Structure model' chem_comp_atom                
3 5 'Structure model' chem_comp_bond                
4 5 'Structure model' database_2                    
5 5 'Structure model' em_3d_fitting_list            
6 5 'Structure model' pdbx_initial_refinement_model 
7 5 'Structure model' pdbx_struct_oper_list         
8 5 'Structure model' struct_ref_seq_dif            
# 
loop_
_pdbx_audit_revision_item.ordinal 
_pdbx_audit_revision_item.revision_ordinal 
_pdbx_audit_revision_item.data_content_type 
_pdbx_audit_revision_item.item 
1  4 'Structure model' '_em_software.image_processing_id'                
2  4 'Structure model' '_em_software.name'                               
3  5 'Structure model' '_database_2.pdbx_DOI'                            
4  5 'Structure model' '_database_2.pdbx_database_accession'             
5  5 'Structure model' '_em_3d_fitting_list.accession_code'              
6  5 'Structure model' '_em_3d_fitting_list.initial_refinement_model_id' 
7  5 'Structure model' '_em_3d_fitting_list.source_name'                 
8  5 'Structure model' '_em_3d_fitting_list.type'                        
9  5 'Structure model' '_pdbx_struct_oper_list.name'                     
10 5 'Structure model' '_pdbx_struct_oper_list.symmetry_operation'       
11 5 'Structure model' '_pdbx_struct_oper_list.type'                     
12 5 'Structure model' '_struct_ref_seq_dif.details'                     
# 
_pdbx_database_status.status_code                     REL 
_pdbx_database_status.entry_id                        3J48 
_pdbx_database_status.recvd_initial_deposition_date   2013-06-28 
_pdbx_database_status.deposit_site                    RCSB 
_pdbx_database_status.process_site                    RCSB 
_pdbx_database_status.status_code_sf                  ? 
_pdbx_database_status.status_code_mr                  ? 
_pdbx_database_status.SG_entry                        ? 
_pdbx_database_status.status_code_cs                  ? 
_pdbx_database_status.methods_development_category    ? 
_pdbx_database_status.pdb_format_compatible           Y 
_pdbx_database_status.status_code_nmr_data            ? 
# 
_pdbx_database_related.db_name        EMDB 
_pdbx_database_related.db_id          EMD-5710 
_pdbx_database_related.content_type   'associated EM volume' 
_pdbx_database_related.details        . 
# 
loop_
_audit_author.name 
_audit_author.pdbx_ordinal 
'Butan, C.'   1 
'Fiman, D.J.' 2 
'Hogle, J.M.' 3 
# 
_citation.id                        primary 
_citation.title                     
'Cryo-Electron Microscopy Reconstruction Shows Poliovirus 135S Particles Poised for Membrane Interaction and RNA Release.' 
_citation.journal_abbrev            J.Virol. 
_citation.journal_volume            88 
_citation.page_first                1758 
_citation.page_last                 1770 
_citation.year                      2014 
_citation.journal_id_ASTM           JOVIAM 
_citation.country                   US 
_citation.journal_id_ISSN           0022-538X 
_citation.journal_id_CSD            0825 
_citation.book_publisher            ? 
_citation.pdbx_database_id_PubMed   24257617 
_citation.pdbx_database_id_DOI      10.1128/JVI.01949-13 
# 
loop_
_citation_author.citation_id 
_citation_author.name 
_citation_author.ordinal 
_citation_author.identifier_ORCID 
primary 'Butan, C.'    1 ? 
primary 'Filman, D.J.' 2 ? 
primary 'Hogle, J.M.'  3 ? 
# 
loop_
_entity.id 
_entity.type 
_entity.src_method 
_entity.pdbx_description 
_entity.formula_weight 
_entity.pdbx_number_of_molecules 
_entity.pdbx_ec 
_entity.pdbx_mutation 
_entity.pdbx_fragment 
_entity.details 
1 polymer man 'Protein VP1' 33488.613 1 ? ? 'UNP residues 580-881' ? 
2 polymer man 'Protein VP2' 30075.783 1 ? ? 'UNP residues 70-341'  ? 
3 polymer man 'Protein VP3' 26547.482 1 ? ? 'UNP residues 342-579' ? 
# 
loop_
_entity_name_com.entity_id 
_entity_name_com.name 
1 'P1D, Virion protein 1' 
2 'P1B, Virion protein 2' 
3 'P1C, Virion protein 3' 
# 
loop_
_entity_poly.entity_id 
_entity_poly.type 
_entity_poly.nstd_linkage 
_entity_poly.nstd_monomer 
_entity_poly.pdbx_seq_one_letter_code 
_entity_poly.pdbx_seq_one_letter_code_can 
_entity_poly.pdbx_strand_id 
_entity_poly.pdbx_target_identifier 
1 'polypeptide(L)' no no 
;GLGQMLESMIDNTVRETVGAATSRDALPNTEASGPTHSKEIPALTAVETGATNPLVPSDTVQTRHVVQHRSRSESSIESF
FARGACVTIMTVDNPASTTNKDKLFAVWKITYKDTVQLRRKLEFFTYSRFDMELTFVVTANFTETNNGHALNQVYQIMYV
PPGAPVPEKWDDYTWQTSSNPSIFYTYGTAPARISVPYVGISNAYSHFYDGFSKVPLKDQSAALGDSLYGAASLNDFGIL
AVRVVNDHNPTKVTSKIRVYLKPKHIRVWCPRPPRAVAYYGPGVDYKDGTLTPLSTKDLTTY
;
;GLGQMLESMIDNTVRETVGAATSRDALPNTEASGPTHSKEIPALTAVETGATNPLVPSDTVQTRHVVQHRSRSESSIESF
FARGACVTIMTVDNPASTTNKDKLFAVWKITYKDTVQLRRKLEFFTYSRFDMELTFVVTANFTETNNGHALNQVYQIMYV
PPGAPVPEKWDDYTWQTSSNPSIFYTYGTAPARISVPYVGISNAYSHFYDGFSKVPLKDQSAALGDSLYGAASLNDFGIL
AVRVVNDHNPTKVTSKIRVYLKPKHIRVWCPRPPRAVAYYGPGVDYKDGTLTPLSTKDLTTY
;
1 ? 
2 'polypeptide(L)' no no 
;SPNIEACGYSDRVLQLTLGNSTITTQEAANSVVAYGRWPEYLRDSEANPVDQPTEPDVAACRFYTLDTVSWTKESRGWWW
KLPDALRDMGLFGQNMYYHYLGRSGYTVHVQCNASKFHQGALGVFAVPEMCLAGDSNTTTMHTSYQNANPGEKGGTFTGT
FTPDNNQTSPARRFCPVDYLLGNGTLLGNAFVFPHQIINLRTNNCATLVLPYVNSLSIDSMVKHNNWGIAILPLAPLNFA
SESSPEIPITLTIAPMCCEFNGLRNITLPRLQ
;
;SPNIEACGYSDRVLQLTLGNSTITTQEAANSVVAYGRWPEYLRDSEANPVDQPTEPDVAACRFYTLDTVSWTKESRGWWW
KLPDALRDMGLFGQNMYYHYLGRSGYTVHVQCNASKFHQGALGVFAVPEMCLAGDSNTTTMHTSYQNANPGEKGGTFTGT
FTPDNNQTSPARRFCPVDYLLGNGTLLGNAFVFPHQIINLRTNNCATLVLPYVNSLSIDSMVKHNNWGIAILPLAPLNFA
SESSPEIPITLTIAPMCCEFNGLRNITLPRLQ
;
2 ? 
3 'polypeptide(L)' no no 
;GLPVMNTPGSNQYLTADNFQSPCALPEFDVTPPIDIPGEVKNMMELAEIDTMIPFDLSATKKNTMEMYRVRLSDKPHTDD
PILCLSLSPASDPRLSHTMLGEILNYYTHWAGSLKFTFLFCGSMMATGKLLVSYAPPGADPPKKRKEAMLGTHVIWDIGL
QSSCTMVVPWISNTTYRQTIDDSFTEGGYISVFYQTRIVVPLSTPREMDILGFVSACNDFSVRLLRDTTHIEQKALAQ
;
;GLPVMNTPGSNQYLTADNFQSPCALPEFDVTPPIDIPGEVKNMMELAEIDTMIPFDLSATKKNTMEMYRVRLSDKPHTDD
PILCLSLSPASDPRLSHTMLGEILNYYTHWAGSLKFTFLFCGSMMATGKLLVSYAPPGADPPKKRKEAMLGTHVIWDIGL
QSSCTMVVPWISNTTYRQTIDDSFTEGGYISVFYQTRIVVPLSTPREMDILGFVSACNDFSVRLLRDTTHIEQKALAQ
;
3 ? 
# 
loop_
_entity_poly_seq.entity_id 
_entity_poly_seq.num 
_entity_poly_seq.mon_id 
_entity_poly_seq.hetero 
1 1   GLY n 
1 2   LEU n 
1 3   GLY n 
1 4   GLN n 
1 5   MET n 
1 6   LEU n 
1 7   GLU n 
1 8   SER n 
1 9   MET n 
1 10  ILE n 
1 11  ASP n 
1 12  ASN n 
1 13  THR n 
1 14  VAL n 
1 15  ARG n 
1 16  GLU n 
1 17  THR n 
1 18  VAL n 
1 19  GLY n 
1 20  ALA n 
1 21  ALA n 
1 22  THR n 
1 23  SER n 
1 24  ARG n 
1 25  ASP n 
1 26  ALA n 
1 27  LEU n 
1 28  PRO n 
1 29  ASN n 
1 30  THR n 
1 31  GLU n 
1 32  ALA n 
1 33  SER n 
1 34  GLY n 
1 35  PRO n 
1 36  THR n 
1 37  HIS n 
1 38  SER n 
1 39  LYS n 
1 40  GLU n 
1 41  ILE n 
1 42  PRO n 
1 43  ALA n 
1 44  LEU n 
1 45  THR n 
1 46  ALA n 
1 47  VAL n 
1 48  GLU n 
1 49  THR n 
1 50  GLY n 
1 51  ALA n 
1 52  THR n 
1 53  ASN n 
1 54  PRO n 
1 55  LEU n 
1 56  VAL n 
1 57  PRO n 
1 58  SER n 
1 59  ASP n 
1 60  THR n 
1 61  VAL n 
1 62  GLN n 
1 63  THR n 
1 64  ARG n 
1 65  HIS n 
1 66  VAL n 
1 67  VAL n 
1 68  GLN n 
1 69  HIS n 
1 70  ARG n 
1 71  SER n 
1 72  ARG n 
1 73  SER n 
1 74  GLU n 
1 75  SER n 
1 76  SER n 
1 77  ILE n 
1 78  GLU n 
1 79  SER n 
1 80  PHE n 
1 81  PHE n 
1 82  ALA n 
1 83  ARG n 
1 84  GLY n 
1 85  ALA n 
1 86  CYS n 
1 87  VAL n 
1 88  THR n 
1 89  ILE n 
1 90  MET n 
1 91  THR n 
1 92  VAL n 
1 93  ASP n 
1 94  ASN n 
1 95  PRO n 
1 96  ALA n 
1 97  SER n 
1 98  THR n 
1 99  THR n 
1 100 ASN n 
1 101 LYS n 
1 102 ASP n 
1 103 LYS n 
1 104 LEU n 
1 105 PHE n 
1 106 ALA n 
1 107 VAL n 
1 108 TRP n 
1 109 LYS n 
1 110 ILE n 
1 111 THR n 
1 112 TYR n 
1 113 LYS n 
1 114 ASP n 
1 115 THR n 
1 116 VAL n 
1 117 GLN n 
1 118 LEU n 
1 119 ARG n 
1 120 ARG n 
1 121 LYS n 
1 122 LEU n 
1 123 GLU n 
1 124 PHE n 
1 125 PHE n 
1 126 THR n 
1 127 TYR n 
1 128 SER n 
1 129 ARG n 
1 130 PHE n 
1 131 ASP n 
1 132 MET n 
1 133 GLU n 
1 134 LEU n 
1 135 THR n 
1 136 PHE n 
1 137 VAL n 
1 138 VAL n 
1 139 THR n 
1 140 ALA n 
1 141 ASN n 
1 142 PHE n 
1 143 THR n 
1 144 GLU n 
1 145 THR n 
1 146 ASN n 
1 147 ASN n 
1 148 GLY n 
1 149 HIS n 
1 150 ALA n 
1 151 LEU n 
1 152 ASN n 
1 153 GLN n 
1 154 VAL n 
1 155 TYR n 
1 156 GLN n 
1 157 ILE n 
1 158 MET n 
1 159 TYR n 
1 160 VAL n 
1 161 PRO n 
1 162 PRO n 
1 163 GLY n 
1 164 ALA n 
1 165 PRO n 
1 166 VAL n 
1 167 PRO n 
1 168 GLU n 
1 169 LYS n 
1 170 TRP n 
1 171 ASP n 
1 172 ASP n 
1 173 TYR n 
1 174 THR n 
1 175 TRP n 
1 176 GLN n 
1 177 THR n 
1 178 SER n 
1 179 SER n 
1 180 ASN n 
1 181 PRO n 
1 182 SER n 
1 183 ILE n 
1 184 PHE n 
1 185 TYR n 
1 186 THR n 
1 187 TYR n 
1 188 GLY n 
1 189 THR n 
1 190 ALA n 
1 191 PRO n 
1 192 ALA n 
1 193 ARG n 
1 194 ILE n 
1 195 SER n 
1 196 VAL n 
1 197 PRO n 
1 198 TYR n 
1 199 VAL n 
1 200 GLY n 
1 201 ILE n 
1 202 SER n 
1 203 ASN n 
1 204 ALA n 
1 205 TYR n 
1 206 SER n 
1 207 HIS n 
1 208 PHE n 
1 209 TYR n 
1 210 ASP n 
1 211 GLY n 
1 212 PHE n 
1 213 SER n 
1 214 LYS n 
1 215 VAL n 
1 216 PRO n 
1 217 LEU n 
1 218 LYS n 
1 219 ASP n 
1 220 GLN n 
1 221 SER n 
1 222 ALA n 
1 223 ALA n 
1 224 LEU n 
1 225 GLY n 
1 226 ASP n 
1 227 SER n 
1 228 LEU n 
1 229 TYR n 
1 230 GLY n 
1 231 ALA n 
1 232 ALA n 
1 233 SER n 
1 234 LEU n 
1 235 ASN n 
1 236 ASP n 
1 237 PHE n 
1 238 GLY n 
1 239 ILE n 
1 240 LEU n 
1 241 ALA n 
1 242 VAL n 
1 243 ARG n 
1 244 VAL n 
1 245 VAL n 
1 246 ASN n 
1 247 ASP n 
1 248 HIS n 
1 249 ASN n 
1 250 PRO n 
1 251 THR n 
1 252 LYS n 
1 253 VAL n 
1 254 THR n 
1 255 SER n 
1 256 LYS n 
1 257 ILE n 
1 258 ARG n 
1 259 VAL n 
1 260 TYR n 
1 261 LEU n 
1 262 LYS n 
1 263 PRO n 
1 264 LYS n 
1 265 HIS n 
1 266 ILE n 
1 267 ARG n 
1 268 VAL n 
1 269 TRP n 
1 270 CYS n 
1 271 PRO n 
1 272 ARG n 
1 273 PRO n 
1 274 PRO n 
1 275 ARG n 
1 276 ALA n 
1 277 VAL n 
1 278 ALA n 
1 279 TYR n 
1 280 TYR n 
1 281 GLY n 
1 282 PRO n 
1 283 GLY n 
1 284 VAL n 
1 285 ASP n 
1 286 TYR n 
1 287 LYS n 
1 288 ASP n 
1 289 GLY n 
1 290 THR n 
1 291 LEU n 
1 292 THR n 
1 293 PRO n 
1 294 LEU n 
1 295 SER n 
1 296 THR n 
1 297 LYS n 
1 298 ASP n 
1 299 LEU n 
1 300 THR n 
1 301 THR n 
1 302 TYR n 
2 1   SER n 
2 2   PRO n 
2 3   ASN n 
2 4   ILE n 
2 5   GLU n 
2 6   ALA n 
2 7   CYS n 
2 8   GLY n 
2 9   TYR n 
2 10  SER n 
2 11  ASP n 
2 12  ARG n 
2 13  VAL n 
2 14  LEU n 
2 15  GLN n 
2 16  LEU n 
2 17  THR n 
2 18  LEU n 
2 19  GLY n 
2 20  ASN n 
2 21  SER n 
2 22  THR n 
2 23  ILE n 
2 24  THR n 
2 25  THR n 
2 26  GLN n 
2 27  GLU n 
2 28  ALA n 
2 29  ALA n 
2 30  ASN n 
2 31  SER n 
2 32  VAL n 
2 33  VAL n 
2 34  ALA n 
2 35  TYR n 
2 36  GLY n 
2 37  ARG n 
2 38  TRP n 
2 39  PRO n 
2 40  GLU n 
2 41  TYR n 
2 42  LEU n 
2 43  ARG n 
2 44  ASP n 
2 45  SER n 
2 46  GLU n 
2 47  ALA n 
2 48  ASN n 
2 49  PRO n 
2 50  VAL n 
2 51  ASP n 
2 52  GLN n 
2 53  PRO n 
2 54  THR n 
2 55  GLU n 
2 56  PRO n 
2 57  ASP n 
2 58  VAL n 
2 59  ALA n 
2 60  ALA n 
2 61  CYS n 
2 62  ARG n 
2 63  PHE n 
2 64  TYR n 
2 65  THR n 
2 66  LEU n 
2 67  ASP n 
2 68  THR n 
2 69  VAL n 
2 70  SER n 
2 71  TRP n 
2 72  THR n 
2 73  LYS n 
2 74  GLU n 
2 75  SER n 
2 76  ARG n 
2 77  GLY n 
2 78  TRP n 
2 79  TRP n 
2 80  TRP n 
2 81  LYS n 
2 82  LEU n 
2 83  PRO n 
2 84  ASP n 
2 85  ALA n 
2 86  LEU n 
2 87  ARG n 
2 88  ASP n 
2 89  MET n 
2 90  GLY n 
2 91  LEU n 
2 92  PHE n 
2 93  GLY n 
2 94  GLN n 
2 95  ASN n 
2 96  MET n 
2 97  TYR n 
2 98  TYR n 
2 99  HIS n 
2 100 TYR n 
2 101 LEU n 
2 102 GLY n 
2 103 ARG n 
2 104 SER n 
2 105 GLY n 
2 106 TYR n 
2 107 THR n 
2 108 VAL n 
2 109 HIS n 
2 110 VAL n 
2 111 GLN n 
2 112 CYS n 
2 113 ASN n 
2 114 ALA n 
2 115 SER n 
2 116 LYS n 
2 117 PHE n 
2 118 HIS n 
2 119 GLN n 
2 120 GLY n 
2 121 ALA n 
2 122 LEU n 
2 123 GLY n 
2 124 VAL n 
2 125 PHE n 
2 126 ALA n 
2 127 VAL n 
2 128 PRO n 
2 129 GLU n 
2 130 MET n 
2 131 CYS n 
2 132 LEU n 
2 133 ALA n 
2 134 GLY n 
2 135 ASP n 
2 136 SER n 
2 137 ASN n 
2 138 THR n 
2 139 THR n 
2 140 THR n 
2 141 MET n 
2 142 HIS n 
2 143 THR n 
2 144 SER n 
2 145 TYR n 
2 146 GLN n 
2 147 ASN n 
2 148 ALA n 
2 149 ASN n 
2 150 PRO n 
2 151 GLY n 
2 152 GLU n 
2 153 LYS n 
2 154 GLY n 
2 155 GLY n 
2 156 THR n 
2 157 PHE n 
2 158 THR n 
2 159 GLY n 
2 160 THR n 
2 161 PHE n 
2 162 THR n 
2 163 PRO n 
2 164 ASP n 
2 165 ASN n 
2 166 ASN n 
2 167 GLN n 
2 168 THR n 
2 169 SER n 
2 170 PRO n 
2 171 ALA n 
2 172 ARG n 
2 173 ARG n 
2 174 PHE n 
2 175 CYS n 
2 176 PRO n 
2 177 VAL n 
2 178 ASP n 
2 179 TYR n 
2 180 LEU n 
2 181 LEU n 
2 182 GLY n 
2 183 ASN n 
2 184 GLY n 
2 185 THR n 
2 186 LEU n 
2 187 LEU n 
2 188 GLY n 
2 189 ASN n 
2 190 ALA n 
2 191 PHE n 
2 192 VAL n 
2 193 PHE n 
2 194 PRO n 
2 195 HIS n 
2 196 GLN n 
2 197 ILE n 
2 198 ILE n 
2 199 ASN n 
2 200 LEU n 
2 201 ARG n 
2 202 THR n 
2 203 ASN n 
2 204 ASN n 
2 205 CYS n 
2 206 ALA n 
2 207 THR n 
2 208 LEU n 
2 209 VAL n 
2 210 LEU n 
2 211 PRO n 
2 212 TYR n 
2 213 VAL n 
2 214 ASN n 
2 215 SER n 
2 216 LEU n 
2 217 SER n 
2 218 ILE n 
2 219 ASP n 
2 220 SER n 
2 221 MET n 
2 222 VAL n 
2 223 LYS n 
2 224 HIS n 
2 225 ASN n 
2 226 ASN n 
2 227 TRP n 
2 228 GLY n 
2 229 ILE n 
2 230 ALA n 
2 231 ILE n 
2 232 LEU n 
2 233 PRO n 
2 234 LEU n 
2 235 ALA n 
2 236 PRO n 
2 237 LEU n 
2 238 ASN n 
2 239 PHE n 
2 240 ALA n 
2 241 SER n 
2 242 GLU n 
2 243 SER n 
2 244 SER n 
2 245 PRO n 
2 246 GLU n 
2 247 ILE n 
2 248 PRO n 
2 249 ILE n 
2 250 THR n 
2 251 LEU n 
2 252 THR n 
2 253 ILE n 
2 254 ALA n 
2 255 PRO n 
2 256 MET n 
2 257 CYS n 
2 258 CYS n 
2 259 GLU n 
2 260 PHE n 
2 261 ASN n 
2 262 GLY n 
2 263 LEU n 
2 264 ARG n 
2 265 ASN n 
2 266 ILE n 
2 267 THR n 
2 268 LEU n 
2 269 PRO n 
2 270 ARG n 
2 271 LEU n 
2 272 GLN n 
3 1   GLY n 
3 2   LEU n 
3 3   PRO n 
3 4   VAL n 
3 5   MET n 
3 6   ASN n 
3 7   THR n 
3 8   PRO n 
3 9   GLY n 
3 10  SER n 
3 11  ASN n 
3 12  GLN n 
3 13  TYR n 
3 14  LEU n 
3 15  THR n 
3 16  ALA n 
3 17  ASP n 
3 18  ASN n 
3 19  PHE n 
3 20  GLN n 
3 21  SER n 
3 22  PRO n 
3 23  CYS n 
3 24  ALA n 
3 25  LEU n 
3 26  PRO n 
3 27  GLU n 
3 28  PHE n 
3 29  ASP n 
3 30  VAL n 
3 31  THR n 
3 32  PRO n 
3 33  PRO n 
3 34  ILE n 
3 35  ASP n 
3 36  ILE n 
3 37  PRO n 
3 38  GLY n 
3 39  GLU n 
3 40  VAL n 
3 41  LYS n 
3 42  ASN n 
3 43  MET n 
3 44  MET n 
3 45  GLU n 
3 46  LEU n 
3 47  ALA n 
3 48  GLU n 
3 49  ILE n 
3 50  ASP n 
3 51  THR n 
3 52  MET n 
3 53  ILE n 
3 54  PRO n 
3 55  PHE n 
3 56  ASP n 
3 57  LEU n 
3 58  SER n 
3 59  ALA n 
3 60  THR n 
3 61  LYS n 
3 62  LYS n 
3 63  ASN n 
3 64  THR n 
3 65  MET n 
3 66  GLU n 
3 67  MET n 
3 68  TYR n 
3 69  ARG n 
3 70  VAL n 
3 71  ARG n 
3 72  LEU n 
3 73  SER n 
3 74  ASP n 
3 75  LYS n 
3 76  PRO n 
3 77  HIS n 
3 78  THR n 
3 79  ASP n 
3 80  ASP n 
3 81  PRO n 
3 82  ILE n 
3 83  LEU n 
3 84  CYS n 
3 85  LEU n 
3 86  SER n 
3 87  LEU n 
3 88  SER n 
3 89  PRO n 
3 90  ALA n 
3 91  SER n 
3 92  ASP n 
3 93  PRO n 
3 94  ARG n 
3 95  LEU n 
3 96  SER n 
3 97  HIS n 
3 98  THR n 
3 99  MET n 
3 100 LEU n 
3 101 GLY n 
3 102 GLU n 
3 103 ILE n 
3 104 LEU n 
3 105 ASN n 
3 106 TYR n 
3 107 TYR n 
3 108 THR n 
3 109 HIS n 
3 110 TRP n 
3 111 ALA n 
3 112 GLY n 
3 113 SER n 
3 114 LEU n 
3 115 LYS n 
3 116 PHE n 
3 117 THR n 
3 118 PHE n 
3 119 LEU n 
3 120 PHE n 
3 121 CYS n 
3 122 GLY n 
3 123 SER n 
3 124 MET n 
3 125 MET n 
3 126 ALA n 
3 127 THR n 
3 128 GLY n 
3 129 LYS n 
3 130 LEU n 
3 131 LEU n 
3 132 VAL n 
3 133 SER n 
3 134 TYR n 
3 135 ALA n 
3 136 PRO n 
3 137 PRO n 
3 138 GLY n 
3 139 ALA n 
3 140 ASP n 
3 141 PRO n 
3 142 PRO n 
3 143 LYS n 
3 144 LYS n 
3 145 ARG n 
3 146 LYS n 
3 147 GLU n 
3 148 ALA n 
3 149 MET n 
3 150 LEU n 
3 151 GLY n 
3 152 THR n 
3 153 HIS n 
3 154 VAL n 
3 155 ILE n 
3 156 TRP n 
3 157 ASP n 
3 158 ILE n 
3 159 GLY n 
3 160 LEU n 
3 161 GLN n 
3 162 SER n 
3 163 SER n 
3 164 CYS n 
3 165 THR n 
3 166 MET n 
3 167 VAL n 
3 168 VAL n 
3 169 PRO n 
3 170 TRP n 
3 171 ILE n 
3 172 SER n 
3 173 ASN n 
3 174 THR n 
3 175 THR n 
3 176 TYR n 
3 177 ARG n 
3 178 GLN n 
3 179 THR n 
3 180 ILE n 
3 181 ASP n 
3 182 ASP n 
3 183 SER n 
3 184 PHE n 
3 185 THR n 
3 186 GLU n 
3 187 GLY n 
3 188 GLY n 
3 189 TYR n 
3 190 ILE n 
3 191 SER n 
3 192 VAL n 
3 193 PHE n 
3 194 TYR n 
3 195 GLN n 
3 196 THR n 
3 197 ARG n 
3 198 ILE n 
3 199 VAL n 
3 200 VAL n 
3 201 PRO n 
3 202 LEU n 
3 203 SER n 
3 204 THR n 
3 205 PRO n 
3 206 ARG n 
3 207 GLU n 
3 208 MET n 
3 209 ASP n 
3 210 ILE n 
3 211 LEU n 
3 212 GLY n 
3 213 PHE n 
3 214 VAL n 
3 215 SER n 
3 216 ALA n 
3 217 CYS n 
3 218 ASN n 
3 219 ASP n 
3 220 PHE n 
3 221 SER n 
3 222 VAL n 
3 223 ARG n 
3 224 LEU n 
3 225 LEU n 
3 226 ARG n 
3 227 ASP n 
3 228 THR n 
3 229 THR n 
3 230 HIS n 
3 231 ILE n 
3 232 GLU n 
3 233 GLN n 
3 234 LYS n 
3 235 ALA n 
3 236 LEU n 
3 237 ALA n 
3 238 GLN n 
# 
loop_
_entity_src_gen.entity_id 
_entity_src_gen.pdbx_src_id 
_entity_src_gen.pdbx_alt_source_flag 
_entity_src_gen.pdbx_seq_type 
_entity_src_gen.pdbx_beg_seq_num 
_entity_src_gen.pdbx_end_seq_num 
_entity_src_gen.gene_src_common_name 
_entity_src_gen.gene_src_genus 
_entity_src_gen.pdbx_gene_src_gene 
_entity_src_gen.gene_src_species 
_entity_src_gen.gene_src_strain 
_entity_src_gen.gene_src_tissue 
_entity_src_gen.gene_src_tissue_fraction 
_entity_src_gen.gene_src_details 
_entity_src_gen.pdbx_gene_src_fragment 
_entity_src_gen.pdbx_gene_src_scientific_name 
_entity_src_gen.pdbx_gene_src_ncbi_taxonomy_id 
_entity_src_gen.pdbx_gene_src_variant 
_entity_src_gen.pdbx_gene_src_cell_line 
_entity_src_gen.pdbx_gene_src_atcc 
_entity_src_gen.pdbx_gene_src_organ 
_entity_src_gen.pdbx_gene_src_organelle 
_entity_src_gen.pdbx_gene_src_cell 
_entity_src_gen.pdbx_gene_src_cellular_location 
_entity_src_gen.host_org_common_name 
_entity_src_gen.pdbx_host_org_scientific_name 
_entity_src_gen.pdbx_host_org_ncbi_taxonomy_id 
_entity_src_gen.host_org_genus 
_entity_src_gen.pdbx_host_org_gene 
_entity_src_gen.pdbx_host_org_organ 
_entity_src_gen.host_org_species 
_entity_src_gen.pdbx_host_org_tissue 
_entity_src_gen.pdbx_host_org_tissue_fraction 
_entity_src_gen.pdbx_host_org_strain 
_entity_src_gen.pdbx_host_org_variant 
_entity_src_gen.pdbx_host_org_cell_line 
_entity_src_gen.pdbx_host_org_atcc 
_entity_src_gen.pdbx_host_org_culture_collection 
_entity_src_gen.pdbx_host_org_cell 
_entity_src_gen.pdbx_host_org_organelle 
_entity_src_gen.pdbx_host_org_cellular_location 
_entity_src_gen.pdbx_host_org_vector_type 
_entity_src_gen.pdbx_host_org_vector 
_entity_src_gen.host_org_details 
_entity_src_gen.expression_system_id 
_entity_src_gen.plasmid_name 
_entity_src_gen.plasmid_details 
_entity_src_gen.pdbx_description 
1 1 sample ? ? ? ? ? ? ? Mahoney ? ? ? ? 'Human poliovirus 1' 12081 ? ? ? ? ? ? ? human 'Homo sapiens' 9606 ? ? ? ? ? ? ? ? HeLa ? 
? ? ? ? ? ? ? ? ? ? ? 
2 1 sample ? ? ? ? ? ? ? Mahoney ? ? ? ? 'Human poliovirus 1' 12081 ? ? ? ? ? ? ? human 'Homo sapiens' 9606 ? ? ? ? ? ? ? ? HeLa ? 
? ? ? ? ? ? ? ? ? ? ? 
3 1 sample ? ? ? ? ? ? ? Mahoney ? ? ? ? 'Human poliovirus 1' 12081 ? ? ? ? ? ? ? human 'Homo sapiens' 9606 ? ? ? ? ? ? ? ? HeLa ? 
? ? ? ? ? ? ? ? ? ? ? 
# 
loop_
_chem_comp.id 
_chem_comp.type 
_chem_comp.mon_nstd_flag 
_chem_comp.name 
_chem_comp.pdbx_synonyms 
_chem_comp.formula 
_chem_comp.formula_weight 
ALA 'L-peptide linking' y ALANINE         ? 'C3 H7 N O2'     89.093  
ARG 'L-peptide linking' y ARGININE        ? 'C6 H15 N4 O2 1' 175.209 
ASN 'L-peptide linking' y ASPARAGINE      ? 'C4 H8 N2 O3'    132.118 
ASP 'L-peptide linking' y 'ASPARTIC ACID' ? 'C4 H7 N O4'     133.103 
CYS 'L-peptide linking' y CYSTEINE        ? 'C3 H7 N O2 S'   121.158 
GLN 'L-peptide linking' y GLUTAMINE       ? 'C5 H10 N2 O3'   146.144 
GLU 'L-peptide linking' y 'GLUTAMIC ACID' ? 'C5 H9 N O4'     147.129 
GLY 'peptide linking'   y GLYCINE         ? 'C2 H5 N O2'     75.067  
HIS 'L-peptide linking' y HISTIDINE       ? 'C6 H10 N3 O2 1' 156.162 
ILE 'L-peptide linking' y ISOLEUCINE      ? 'C6 H13 N O2'    131.173 
LEU 'L-peptide linking' y LEUCINE         ? 'C6 H13 N O2'    131.173 
LYS 'L-peptide linking' y LYSINE          ? 'C6 H15 N2 O2 1' 147.195 
MET 'L-peptide linking' y METHIONINE      ? 'C5 H11 N O2 S'  149.211 
PHE 'L-peptide linking' y PHENYLALANINE   ? 'C9 H11 N O2'    165.189 
PRO 'L-peptide linking' y PROLINE         ? 'C5 H9 N O2'     115.130 
SER 'L-peptide linking' y SERINE          ? 'C3 H7 N O3'     105.093 
THR 'L-peptide linking' y THREONINE       ? 'C4 H9 N O3'     119.119 
TRP 'L-peptide linking' y TRYPTOPHAN      ? 'C11 H12 N2 O2'  204.225 
TYR 'L-peptide linking' y TYROSINE        ? 'C9 H11 N O3'    181.189 
VAL 'L-peptide linking' y VALINE          ? 'C5 H11 N O2'    117.146 
# 
loop_
_pdbx_poly_seq_scheme.asym_id 
_pdbx_poly_seq_scheme.entity_id 
_pdbx_poly_seq_scheme.seq_id 
_pdbx_poly_seq_scheme.mon_id 
_pdbx_poly_seq_scheme.ndb_seq_num 
_pdbx_poly_seq_scheme.pdb_seq_num 
_pdbx_poly_seq_scheme.auth_seq_num 
_pdbx_poly_seq_scheme.pdb_mon_id 
_pdbx_poly_seq_scheme.auth_mon_id 
_pdbx_poly_seq_scheme.pdb_strand_id 
_pdbx_poly_seq_scheme.pdb_ins_code 
_pdbx_poly_seq_scheme.hetero 
A 1 1   GLY 1   1   ?   ?   ?   1 . n 
A 1 2   LEU 2   2   ?   ?   ?   1 . n 
A 1 3   GLY 3   3   ?   ?   ?   1 . n 
A 1 4   GLN 4   4   ?   ?   ?   1 . n 
A 1 5   MET 5   5   ?   ?   ?   1 . n 
A 1 6   LEU 6   6   ?   ?   ?   1 . n 
A 1 7   GLU 7   7   ?   ?   ?   1 . n 
A 1 8   SER 8   8   ?   ?   ?   1 . n 
A 1 9   MET 9   9   ?   ?   ?   1 . n 
A 1 10  ILE 10  10  ?   ?   ?   1 . n 
A 1 11  ASP 11  11  ?   ?   ?   1 . n 
A 1 12  ASN 12  12  ?   ?   ?   1 . n 
A 1 13  THR 13  13  ?   ?   ?   1 . n 
A 1 14  VAL 14  14  ?   ?   ?   1 . n 
A 1 15  ARG 15  15  ?   ?   ?   1 . n 
A 1 16  GLU 16  16  ?   ?   ?   1 . n 
A 1 17  THR 17  17  ?   ?   ?   1 . n 
A 1 18  VAL 18  18  ?   ?   ?   1 . n 
A 1 19  GLY 19  19  ?   ?   ?   1 . n 
A 1 20  ALA 20  20  ?   ?   ?   1 . n 
A 1 21  ALA 21  21  ?   ?   ?   1 . n 
A 1 22  THR 22  22  ?   ?   ?   1 . n 
A 1 23  SER 23  23  ?   ?   ?   1 . n 
A 1 24  ARG 24  24  ?   ?   ?   1 . n 
A 1 25  ASP 25  25  ?   ?   ?   1 . n 
A 1 26  ALA 26  26  ?   ?   ?   1 . n 
A 1 27  LEU 27  27  ?   ?   ?   1 . n 
A 1 28  PRO 28  28  ?   ?   ?   1 . n 
A 1 29  ASN 29  29  ?   ?   ?   1 . n 
A 1 30  THR 30  30  ?   ?   ?   1 . n 
A 1 31  GLU 31  31  ?   ?   ?   1 . n 
A 1 32  ALA 32  32  ?   ?   ?   1 . n 
A 1 33  SER 33  33  ?   ?   ?   1 . n 
A 1 34  GLY 34  34  ?   ?   ?   1 . n 
A 1 35  PRO 35  35  ?   ?   ?   1 . n 
A 1 36  THR 36  36  ?   ?   ?   1 . n 
A 1 37  HIS 37  37  ?   ?   ?   1 . n 
A 1 38  SER 38  38  ?   ?   ?   1 . n 
A 1 39  LYS 39  39  ?   ?   ?   1 . n 
A 1 40  GLU 40  40  ?   ?   ?   1 . n 
A 1 41  ILE 41  41  ?   ?   ?   1 . n 
A 1 42  PRO 42  42  ?   ?   ?   1 . n 
A 1 43  ALA 43  43  ?   ?   ?   1 . n 
A 1 44  LEU 44  44  ?   ?   ?   1 . n 
A 1 45  THR 45  45  ?   ?   ?   1 . n 
A 1 46  ALA 46  46  ?   ?   ?   1 . n 
A 1 47  VAL 47  47  ?   ?   ?   1 . n 
A 1 48  GLU 48  48  ?   ?   ?   1 . n 
A 1 49  THR 49  49  ?   ?   ?   1 . n 
A 1 50  GLY 50  50  ?   ?   ?   1 . n 
A 1 51  ALA 51  51  51  ALA ALA 1 . n 
A 1 52  THR 52  52  52  THR THR 1 . n 
A 1 53  ASN 53  53  53  ASN ASN 1 . n 
A 1 54  PRO 54  54  54  PRO PRO 1 . n 
A 1 55  LEU 55  55  55  LEU LEU 1 . n 
A 1 56  VAL 56  56  56  VAL VAL 1 . n 
A 1 57  PRO 57  57  57  PRO PRO 1 . n 
A 1 58  SER 58  58  58  SER SER 1 . n 
A 1 59  ASP 59  59  59  ASP ASP 1 . n 
A 1 60  THR 60  60  60  THR THR 1 . n 
A 1 61  VAL 61  61  61  VAL VAL 1 . n 
A 1 62  GLN 62  62  62  GLN GLN 1 . n 
A 1 63  THR 63  63  63  THR THR 1 . n 
A 1 64  ARG 64  64  64  ARG ARG 1 . n 
A 1 65  HIS 65  65  65  HIS HIS 1 . n 
A 1 66  VAL 66  66  66  VAL VAL 1 . n 
A 1 67  VAL 67  67  67  VAL VAL 1 . n 
A 1 68  GLN 68  68  68  GLN GLN 1 . n 
A 1 69  HIS 69  69  69  HIS HIS 1 . n 
A 1 70  ARG 70  70  70  ARG ARG 1 . n 
A 1 71  SER 71  71  71  SER SER 1 . n 
A 1 72  ARG 72  72  72  ARG ARG 1 . n 
A 1 73  SER 73  73  73  SER SER 1 . n 
A 1 74  GLU 74  74  74  GLU GLU 1 . n 
A 1 75  SER 75  75  75  SER SER 1 . n 
A 1 76  SER 76  76  76  SER SER 1 . n 
A 1 77  ILE 77  77  77  ILE ILE 1 . n 
A 1 78  GLU 78  78  78  GLU GLU 1 . n 
A 1 79  SER 79  79  79  SER SER 1 . n 
A 1 80  PHE 80  80  80  PHE PHE 1 . n 
A 1 81  PHE 81  81  81  PHE PHE 1 . n 
A 1 82  ALA 82  82  82  ALA ALA 1 . n 
A 1 83  ARG 83  83  83  ARG ARG 1 . n 
A 1 84  GLY 84  84  84  GLY GLY 1 . n 
A 1 85  ALA 85  85  85  ALA ALA 1 . n 
A 1 86  CYS 86  86  86  CYS CYS 1 . n 
A 1 87  VAL 87  87  87  VAL VAL 1 . n 
A 1 88  THR 88  88  88  THR THR 1 . n 
A 1 89  ILE 89  89  89  ILE ILE 1 . n 
A 1 90  MET 90  90  90  MET MET 1 . n 
A 1 91  THR 91  91  91  THR THR 1 . n 
A 1 92  VAL 92  92  92  VAL VAL 1 . n 
A 1 93  ASP 93  93  93  ASP ASP 1 . n 
A 1 94  ASN 94  94  94  ASN ASN 1 . n 
A 1 95  PRO 95  95  95  PRO PRO 1 . n 
A 1 96  ALA 96  96  96  ALA ALA 1 . n 
A 1 97  SER 97  97  97  SER SER 1 . n 
A 1 98  THR 98  98  98  THR THR 1 . n 
A 1 99  THR 99  99  99  THR THR 1 . n 
A 1 100 ASN 100 100 100 ASN ASN 1 . n 
A 1 101 LYS 101 101 101 LYS LYS 1 . n 
A 1 102 ASP 102 102 102 ASP ASP 1 . n 
A 1 103 LYS 103 103 103 LYS LYS 1 . n 
A 1 104 LEU 104 104 104 LEU LEU 1 . n 
A 1 105 PHE 105 105 105 PHE PHE 1 . n 
A 1 106 ALA 106 106 106 ALA ALA 1 . n 
A 1 107 VAL 107 107 107 VAL VAL 1 . n 
A 1 108 TRP 108 108 108 TRP TRP 1 . n 
A 1 109 LYS 109 109 109 LYS LYS 1 . n 
A 1 110 ILE 110 110 110 ILE ILE 1 . n 
A 1 111 THR 111 111 111 THR THR 1 . n 
A 1 112 TYR 112 112 112 TYR TYR 1 . n 
A 1 113 LYS 113 113 113 LYS LYS 1 . n 
A 1 114 ASP 114 114 114 ASP ASP 1 . n 
A 1 115 THR 115 115 115 THR THR 1 . n 
A 1 116 VAL 116 116 116 VAL VAL 1 . n 
A 1 117 GLN 117 117 117 GLN GLN 1 . n 
A 1 118 LEU 118 118 118 LEU LEU 1 . n 
A 1 119 ARG 119 119 119 ARG ARG 1 . n 
A 1 120 ARG 120 120 120 ARG ARG 1 . n 
A 1 121 LYS 121 121 121 LYS LYS 1 . n 
A 1 122 LEU 122 122 122 LEU LEU 1 . n 
A 1 123 GLU 123 123 123 GLU GLU 1 . n 
A 1 124 PHE 124 124 124 PHE PHE 1 . n 
A 1 125 PHE 125 125 125 PHE PHE 1 . n 
A 1 126 THR 126 126 126 THR THR 1 . n 
A 1 127 TYR 127 127 127 TYR TYR 1 . n 
A 1 128 SER 128 128 128 SER SER 1 . n 
A 1 129 ARG 129 129 129 ARG ARG 1 . n 
A 1 130 PHE 130 130 130 PHE PHE 1 . n 
A 1 131 ASP 131 131 131 ASP ASP 1 . n 
A 1 132 MET 132 132 132 MET MET 1 . n 
A 1 133 GLU 133 133 133 GLU GLU 1 . n 
A 1 134 LEU 134 134 134 LEU LEU 1 . n 
A 1 135 THR 135 135 135 THR THR 1 . n 
A 1 136 PHE 136 136 136 PHE PHE 1 . n 
A 1 137 VAL 137 137 137 VAL VAL 1 . n 
A 1 138 VAL 138 138 138 VAL VAL 1 . n 
A 1 139 THR 139 139 139 THR THR 1 . n 
A 1 140 ALA 140 140 140 ALA ALA 1 . n 
A 1 141 ASN 141 141 141 ASN ASN 1 . n 
A 1 142 PHE 142 142 142 PHE PHE 1 . n 
A 1 143 THR 143 143 143 THR THR 1 . n 
A 1 144 GLU 144 144 144 GLU GLU 1 . n 
A 1 145 THR 145 145 145 THR THR 1 . n 
A 1 146 ASN 146 146 146 ASN ASN 1 . n 
A 1 147 ASN 147 147 147 ASN ASN 1 . n 
A 1 148 GLY 148 148 148 GLY GLY 1 . n 
A 1 149 HIS 149 149 149 HIS HIS 1 . n 
A 1 150 ALA 150 150 150 ALA ALA 1 . n 
A 1 151 LEU 151 151 151 LEU LEU 1 . n 
A 1 152 ASN 152 152 152 ASN ASN 1 . n 
A 1 153 GLN 153 153 153 GLN GLN 1 . n 
A 1 154 VAL 154 154 154 VAL VAL 1 . n 
A 1 155 TYR 155 155 155 TYR TYR 1 . n 
A 1 156 GLN 156 156 156 GLN GLN 1 . n 
A 1 157 ILE 157 157 157 ILE ILE 1 . n 
A 1 158 MET 158 158 158 MET MET 1 . n 
A 1 159 TYR 159 159 159 TYR TYR 1 . n 
A 1 160 VAL 160 160 160 VAL VAL 1 . n 
A 1 161 PRO 161 161 161 PRO PRO 1 . n 
A 1 162 PRO 162 162 162 PRO PRO 1 . n 
A 1 163 GLY 163 163 163 GLY GLY 1 . n 
A 1 164 ALA 164 164 164 ALA ALA 1 . n 
A 1 165 PRO 165 165 165 PRO PRO 1 . n 
A 1 166 VAL 166 166 166 VAL VAL 1 . n 
A 1 167 PRO 167 167 167 PRO PRO 1 . n 
A 1 168 GLU 168 168 168 GLU GLU 1 . n 
A 1 169 LYS 169 169 169 LYS LYS 1 . n 
A 1 170 TRP 170 170 170 TRP TRP 1 . n 
A 1 171 ASP 171 171 171 ASP ASP 1 . n 
A 1 172 ASP 172 172 172 ASP ASP 1 . n 
A 1 173 TYR 173 173 173 TYR TYR 1 . n 
A 1 174 THR 174 174 174 THR THR 1 . n 
A 1 175 TRP 175 175 175 TRP TRP 1 . n 
A 1 176 GLN 176 176 176 GLN GLN 1 . n 
A 1 177 THR 177 177 177 THR THR 1 . n 
A 1 178 SER 178 178 178 SER SER 1 . n 
A 1 179 SER 179 179 179 SER SER 1 . n 
A 1 180 ASN 180 180 180 ASN ASN 1 . n 
A 1 181 PRO 181 181 181 PRO PRO 1 . n 
A 1 182 SER 182 182 182 SER SER 1 . n 
A 1 183 ILE 183 183 183 ILE ILE 1 . n 
A 1 184 PHE 184 184 184 PHE PHE 1 . n 
A 1 185 TYR 185 185 185 TYR TYR 1 . n 
A 1 186 THR 186 186 186 THR THR 1 . n 
A 1 187 TYR 187 187 187 TYR TYR 1 . n 
A 1 188 GLY 188 188 188 GLY GLY 1 . n 
A 1 189 THR 189 189 189 THR THR 1 . n 
A 1 190 ALA 190 190 190 ALA ALA 1 . n 
A 1 191 PRO 191 191 191 PRO PRO 1 . n 
A 1 192 ALA 192 192 192 ALA ALA 1 . n 
A 1 193 ARG 193 193 193 ARG ARG 1 . n 
A 1 194 ILE 194 194 194 ILE ILE 1 . n 
A 1 195 SER 195 195 195 SER SER 1 . n 
A 1 196 VAL 196 196 196 VAL VAL 1 . n 
A 1 197 PRO 197 197 197 PRO PRO 1 . n 
A 1 198 TYR 198 198 198 TYR TYR 1 . n 
A 1 199 VAL 199 199 199 VAL VAL 1 . n 
A 1 200 GLY 200 200 200 GLY GLY 1 . n 
A 1 201 ILE 201 201 201 ILE ILE 1 . n 
A 1 202 SER 202 202 202 SER SER 1 . n 
A 1 203 ASN 203 203 203 ASN ASN 1 . n 
A 1 204 ALA 204 204 204 ALA ALA 1 . n 
A 1 205 TYR 205 205 205 TYR TYR 1 . n 
A 1 206 SER 206 206 206 SER SER 1 . n 
A 1 207 HIS 207 207 207 HIS HIS 1 . n 
A 1 208 PHE 208 208 208 PHE PHE 1 . n 
A 1 209 TYR 209 209 209 TYR TYR 1 . n 
A 1 210 ASP 210 210 210 ASP ASP 1 . n 
A 1 211 GLY 211 211 211 GLY GLY 1 . n 
A 1 212 PHE 212 212 212 PHE PHE 1 . n 
A 1 213 SER 213 213 213 SER SER 1 . n 
A 1 214 LYS 214 214 214 LYS LYS 1 . n 
A 1 215 VAL 215 215 215 VAL VAL 1 . n 
A 1 216 PRO 216 216 216 PRO PRO 1 . n 
A 1 217 LEU 217 217 217 LEU LEU 1 . n 
A 1 218 LYS 218 218 218 LYS LYS 1 . n 
A 1 219 ASP 219 219 ?   ?   ?   1 . n 
A 1 220 GLN 220 220 ?   ?   ?   1 . n 
A 1 221 SER 221 221 ?   ?   ?   1 . n 
A 1 222 ALA 222 222 ?   ?   ?   1 . n 
A 1 223 ALA 223 223 ?   ?   ?   1 . n 
A 1 224 LEU 224 224 224 LEU LEU 1 . n 
A 1 225 GLY 225 225 225 GLY GLY 1 . n 
A 1 226 ASP 226 226 226 ASP ASP 1 . n 
A 1 227 SER 227 227 227 SER SER 1 . n 
A 1 228 LEU 228 228 228 LEU LEU 1 . n 
A 1 229 TYR 229 229 229 TYR TYR 1 . n 
A 1 230 GLY 230 230 230 GLY GLY 1 . n 
A 1 231 ALA 231 231 231 ALA ALA 1 . n 
A 1 232 ALA 232 232 232 ALA ALA 1 . n 
A 1 233 SER 233 233 233 SER SER 1 . n 
A 1 234 LEU 234 234 234 LEU LEU 1 . n 
A 1 235 ASN 235 235 235 ASN ASN 1 . n 
A 1 236 ASP 236 236 236 ASP ASP 1 . n 
A 1 237 PHE 237 237 237 PHE PHE 1 . n 
A 1 238 GLY 238 238 238 GLY GLY 1 . n 
A 1 239 ILE 239 239 239 ILE ILE 1 . n 
A 1 240 LEU 240 240 240 LEU LEU 1 . n 
A 1 241 ALA 241 241 241 ALA ALA 1 . n 
A 1 242 VAL 242 242 242 VAL VAL 1 . n 
A 1 243 ARG 243 243 243 ARG ARG 1 . n 
A 1 244 VAL 244 244 244 VAL VAL 1 . n 
A 1 245 VAL 245 245 245 VAL VAL 1 . n 
A 1 246 ASN 246 246 246 ASN ASN 1 . n 
A 1 247 ASP 247 247 247 ASP ASP 1 . n 
A 1 248 HIS 248 248 248 HIS HIS 1 . n 
A 1 249 ASN 249 249 249 ASN ASN 1 . n 
A 1 250 PRO 250 250 250 PRO PRO 1 . n 
A 1 251 THR 251 251 251 THR THR 1 . n 
A 1 252 LYS 252 252 252 LYS LYS 1 . n 
A 1 253 VAL 253 253 253 VAL VAL 1 . n 
A 1 254 THR 254 254 254 THR THR 1 . n 
A 1 255 SER 255 255 255 SER SER 1 . n 
A 1 256 LYS 256 256 256 LYS LYS 1 . n 
A 1 257 ILE 257 257 257 ILE ILE 1 . n 
A 1 258 ARG 258 258 258 ARG ARG 1 . n 
A 1 259 VAL 259 259 259 VAL VAL 1 . n 
A 1 260 TYR 260 260 260 TYR TYR 1 . n 
A 1 261 LEU 261 261 261 LEU LEU 1 . n 
A 1 262 LYS 262 262 262 LYS LYS 1 . n 
A 1 263 PRO 263 263 263 PRO PRO 1 . n 
A 1 264 LYS 264 264 264 LYS LYS 1 . n 
A 1 265 HIS 265 265 265 HIS HIS 1 . n 
A 1 266 ILE 266 266 266 ILE ILE 1 . n 
A 1 267 ARG 267 267 267 ARG ARG 1 . n 
A 1 268 VAL 268 268 268 VAL VAL 1 . n 
A 1 269 TRP 269 269 269 TRP TRP 1 . n 
A 1 270 CYS 270 270 270 CYS CYS 1 . n 
A 1 271 PRO 271 271 271 PRO PRO 1 . n 
A 1 272 ARG 272 272 272 ARG ARG 1 . n 
A 1 273 PRO 273 273 273 PRO PRO 1 . n 
A 1 274 PRO 274 274 274 PRO PRO 1 . n 
A 1 275 ARG 275 275 275 ARG ARG 1 . n 
A 1 276 ALA 276 276 276 ALA ALA 1 . n 
A 1 277 VAL 277 277 277 VAL VAL 1 . n 
A 1 278 ALA 278 278 278 ALA ALA 1 . n 
A 1 279 TYR 279 279 279 TYR TYR 1 . n 
A 1 280 TYR 280 280 280 TYR TYR 1 . n 
A 1 281 GLY 281 281 281 GLY GLY 1 . n 
A 1 282 PRO 282 282 282 PRO PRO 1 . n 
A 1 283 GLY 283 283 283 GLY GLY 1 . n 
A 1 284 VAL 284 284 284 VAL VAL 1 . n 
A 1 285 ASP 285 285 285 ASP ASP 1 . n 
A 1 286 TYR 286 286 286 TYR TYR 1 . n 
A 1 287 LYS 287 287 287 LYS LYS 1 . n 
A 1 288 ASP 288 288 288 ASP ASP 1 . n 
A 1 289 GLY 289 289 289 GLY GLY 1 . n 
A 1 290 THR 290 290 290 THR THR 1 . n 
A 1 291 LEU 291 291 ?   ?   ?   1 . n 
A 1 292 THR 292 292 ?   ?   ?   1 . n 
A 1 293 PRO 293 293 ?   ?   ?   1 . n 
A 1 294 LEU 294 294 ?   ?   ?   1 . n 
A 1 295 SER 295 295 ?   ?   ?   1 . n 
A 1 296 THR 296 296 ?   ?   ?   1 . n 
A 1 297 LYS 297 297 ?   ?   ?   1 . n 
A 1 298 ASP 298 298 ?   ?   ?   1 . n 
A 1 299 LEU 299 299 ?   ?   ?   1 . n 
A 1 300 THR 300 300 ?   ?   ?   1 . n 
A 1 301 THR 301 301 ?   ?   ?   1 . n 
A 1 302 TYR 302 302 ?   ?   ?   1 . n 
B 2 1   SER 1   1   ?   ?   ?   2 . n 
B 2 2   PRO 2   2   ?   ?   ?   2 . n 
B 2 3   ASN 3   3   ?   ?   ?   2 . n 
B 2 4   ILE 4   4   ?   ?   ?   2 . n 
B 2 5   GLU 5   5   ?   ?   ?   2 . n 
B 2 6   ALA 6   6   ?   ?   ?   2 . n 
B 2 7   CYS 7   7   ?   ?   ?   2 . n 
B 2 8   GLY 8   8   ?   ?   ?   2 . n 
B 2 9   TYR 9   9   ?   ?   ?   2 . n 
B 2 10  SER 10  10  ?   ?   ?   2 . n 
B 2 11  ASP 11  11  ?   ?   ?   2 . n 
B 2 12  ARG 12  12  ?   ?   ?   2 . n 
B 2 13  VAL 13  13  ?   ?   ?   2 . n 
B 2 14  LEU 14  14  14  LEU LEU 2 . n 
B 2 15  GLN 15  15  15  GLN GLN 2 . n 
B 2 16  LEU 16  16  16  LEU LEU 2 . n 
B 2 17  THR 17  17  17  THR THR 2 . n 
B 2 18  LEU 18  18  18  LEU LEU 2 . n 
B 2 19  GLY 19  19  19  GLY GLY 2 . n 
B 2 20  ASN 20  20  20  ASN ASN 2 . n 
B 2 21  SER 21  21  21  SER SER 2 . n 
B 2 22  THR 22  22  22  THR THR 2 . n 
B 2 23  ILE 23  23  23  ILE ILE 2 . n 
B 2 24  THR 24  24  24  THR THR 2 . n 
B 2 25  THR 25  25  25  THR THR 2 . n 
B 2 26  GLN 26  26  26  GLN GLN 2 . n 
B 2 27  GLU 27  27  27  GLU GLU 2 . n 
B 2 28  ALA 28  28  28  ALA ALA 2 . n 
B 2 29  ALA 29  29  29  ALA ALA 2 . n 
B 2 30  ASN 30  30  30  ASN ASN 2 . n 
B 2 31  SER 31  31  31  SER SER 2 . n 
B 2 32  VAL 32  32  32  VAL VAL 2 . n 
B 2 33  VAL 33  33  33  VAL VAL 2 . n 
B 2 34  ALA 34  34  34  ALA ALA 2 . n 
B 2 35  TYR 35  35  35  TYR TYR 2 . n 
B 2 36  GLY 36  36  36  GLY GLY 2 . n 
B 2 37  ARG 37  37  37  ARG ARG 2 . n 
B 2 38  TRP 38  38  38  TRP TRP 2 . n 
B 2 39  PRO 39  39  39  PRO PRO 2 . n 
B 2 40  GLU 40  40  40  GLU GLU 2 . n 
B 2 41  TYR 41  41  41  TYR TYR 2 . n 
B 2 42  LEU 42  42  42  LEU LEU 2 . n 
B 2 43  ARG 43  43  43  ARG ARG 2 . n 
B 2 44  ASP 44  44  44  ASP ASP 2 . n 
B 2 45  SER 45  45  ?   ?   ?   2 . n 
B 2 46  GLU 46  46  ?   ?   ?   2 . n 
B 2 47  ALA 47  47  ?   ?   ?   2 . n 
B 2 48  ASN 48  48  ?   ?   ?   2 . n 
B 2 49  PRO 49  49  ?   ?   ?   2 . n 
B 2 50  VAL 50  50  ?   ?   ?   2 . n 
B 2 51  ASP 51  51  ?   ?   ?   2 . n 
B 2 52  GLN 52  52  ?   ?   ?   2 . n 
B 2 53  PRO 53  53  ?   ?   ?   2 . n 
B 2 54  THR 54  54  ?   ?   ?   2 . n 
B 2 55  GLU 55  55  ?   ?   ?   2 . n 
B 2 56  PRO 56  56  ?   ?   ?   2 . n 
B 2 57  ASP 57  57  ?   ?   ?   2 . n 
B 2 58  VAL 58  58  58  VAL VAL 2 . n 
B 2 59  ALA 59  59  59  ALA ALA 2 . n 
B 2 60  ALA 60  60  60  ALA ALA 2 . n 
B 2 61  CYS 61  61  61  CYS CYS 2 . n 
B 2 62  ARG 62  62  62  ARG ARG 2 . n 
B 2 63  PHE 63  63  63  PHE PHE 2 . n 
B 2 64  TYR 64  64  64  TYR TYR 2 . n 
B 2 65  THR 65  65  65  THR THR 2 . n 
B 2 66  LEU 66  66  66  LEU LEU 2 . n 
B 2 67  ASP 67  67  67  ASP ASP 2 . n 
B 2 68  THR 68  68  68  THR THR 2 . n 
B 2 69  VAL 69  69  69  VAL VAL 2 . n 
B 2 70  SER 70  70  70  SER SER 2 . n 
B 2 71  TRP 71  71  71  TRP TRP 2 . n 
B 2 72  THR 72  72  72  THR THR 2 . n 
B 2 73  LYS 73  73  73  LYS LYS 2 . n 
B 2 74  GLU 74  74  74  GLU GLU 2 . n 
B 2 75  SER 75  75  75  SER SER 2 . n 
B 2 76  ARG 76  76  76  ARG ARG 2 . n 
B 2 77  GLY 77  77  77  GLY GLY 2 . n 
B 2 78  TRP 78  78  78  TRP TRP 2 . n 
B 2 79  TRP 79  79  79  TRP TRP 2 . n 
B 2 80  TRP 80  80  80  TRP TRP 2 . n 
B 2 81  LYS 81  81  81  LYS LYS 2 . n 
B 2 82  LEU 82  82  82  LEU LEU 2 . n 
B 2 83  PRO 83  83  83  PRO PRO 2 . n 
B 2 84  ASP 84  84  84  ASP ASP 2 . n 
B 2 85  ALA 85  85  85  ALA ALA 2 . n 
B 2 86  LEU 86  86  86  LEU LEU 2 . n 
B 2 87  ARG 87  87  87  ARG ARG 2 . n 
B 2 88  ASP 88  88  88  ASP ASP 2 . n 
B 2 89  MET 89  89  89  MET MET 2 . n 
B 2 90  GLY 90  90  90  GLY GLY 2 . n 
B 2 91  LEU 91  91  91  LEU LEU 2 . n 
B 2 92  PHE 92  92  92  PHE PHE 2 . n 
B 2 93  GLY 93  93  93  GLY GLY 2 . n 
B 2 94  GLN 94  94  94  GLN GLN 2 . n 
B 2 95  ASN 95  95  95  ASN ASN 2 . n 
B 2 96  MET 96  96  96  MET MET 2 . n 
B 2 97  TYR 97  97  97  TYR TYR 2 . n 
B 2 98  TYR 98  98  98  TYR TYR 2 . n 
B 2 99  HIS 99  99  99  HIS HIS 2 . n 
B 2 100 TYR 100 100 100 TYR TYR 2 . n 
B 2 101 LEU 101 101 101 LEU LEU 2 . n 
B 2 102 GLY 102 102 102 GLY GLY 2 . n 
B 2 103 ARG 103 103 103 ARG ARG 2 . n 
B 2 104 SER 104 104 104 SER SER 2 . n 
B 2 105 GLY 105 105 105 GLY GLY 2 . n 
B 2 106 TYR 106 106 106 TYR TYR 2 . n 
B 2 107 THR 107 107 107 THR THR 2 . n 
B 2 108 VAL 108 108 108 VAL VAL 2 . n 
B 2 109 HIS 109 109 109 HIS HIS 2 . n 
B 2 110 VAL 110 110 110 VAL VAL 2 . n 
B 2 111 GLN 111 111 111 GLN GLN 2 . n 
B 2 112 CYS 112 112 112 CYS CYS 2 . n 
B 2 113 ASN 113 113 113 ASN ASN 2 . n 
B 2 114 ALA 114 114 114 ALA ALA 2 . n 
B 2 115 SER 115 115 115 SER SER 2 . n 
B 2 116 LYS 116 116 116 LYS LYS 2 . n 
B 2 117 PHE 117 117 117 PHE PHE 2 . n 
B 2 118 HIS 118 118 118 HIS HIS 2 . n 
B 2 119 GLN 119 119 119 GLN GLN 2 . n 
B 2 120 GLY 120 120 120 GLY GLY 2 . n 
B 2 121 ALA 121 121 121 ALA ALA 2 . n 
B 2 122 LEU 122 122 122 LEU LEU 2 . n 
B 2 123 GLY 123 123 123 GLY GLY 2 . n 
B 2 124 VAL 124 124 124 VAL VAL 2 . n 
B 2 125 PHE 125 125 125 PHE PHE 2 . n 
B 2 126 ALA 126 126 126 ALA ALA 2 . n 
B 2 127 VAL 127 127 127 VAL VAL 2 . n 
B 2 128 PRO 128 128 128 PRO PRO 2 . n 
B 2 129 GLU 129 129 129 GLU GLU 2 . n 
B 2 130 MET 130 130 130 MET MET 2 . n 
B 2 131 CYS 131 131 131 CYS CYS 2 . n 
B 2 132 LEU 132 132 132 LEU LEU 2 . n 
B 2 133 ALA 133 133 133 ALA ALA 2 . n 
B 2 134 GLY 134 134 134 GLY GLY 2 . n 
B 2 135 ASP 135 135 135 ASP ASP 2 . n 
B 2 136 SER 136 136 136 SER SER 2 . n 
B 2 137 ASN 137 137 137 ASN ASN 2 . n 
B 2 138 THR 138 138 138 THR THR 2 . n 
B 2 139 THR 139 139 139 THR THR 2 . n 
B 2 140 THR 140 140 140 THR THR 2 . n 
B 2 141 MET 141 141 141 MET MET 2 . n 
B 2 142 HIS 142 142 142 HIS HIS 2 . n 
B 2 143 THR 143 143 143 THR THR 2 . n 
B 2 144 SER 144 144 144 SER SER 2 . n 
B 2 145 TYR 145 145 145 TYR TYR 2 . n 
B 2 146 GLN 146 146 146 GLN GLN 2 . n 
B 2 147 ASN 147 147 147 ASN ASN 2 . n 
B 2 148 ALA 148 148 148 ALA ALA 2 . n 
B 2 149 ASN 149 149 149 ASN ASN 2 . n 
B 2 150 PRO 150 150 150 PRO PRO 2 . n 
B 2 151 GLY 151 151 151 GLY GLY 2 . n 
B 2 152 GLU 152 152 152 GLU GLU 2 . n 
B 2 153 LYS 153 153 153 LYS LYS 2 . n 
B 2 154 GLY 154 154 154 GLY GLY 2 . n 
B 2 155 GLY 155 155 155 GLY GLY 2 . n 
B 2 156 THR 156 156 156 THR THR 2 . n 
B 2 157 PHE 157 157 157 PHE PHE 2 . n 
B 2 158 THR 158 158 ?   ?   ?   2 . n 
B 2 159 GLY 159 159 ?   ?   ?   2 . n 
B 2 160 THR 160 160 ?   ?   ?   2 . n 
B 2 161 PHE 161 161 ?   ?   ?   2 . n 
B 2 162 THR 162 162 ?   ?   ?   2 . n 
B 2 163 PRO 163 163 ?   ?   ?   2 . n 
B 2 164 ASP 164 164 ?   ?   ?   2 . n 
B 2 165 ASN 165 165 ?   ?   ?   2 . n 
B 2 166 ASN 166 166 ?   ?   ?   2 . n 
B 2 167 GLN 167 167 ?   ?   ?   2 . n 
B 2 168 THR 168 168 ?   ?   ?   2 . n 
B 2 169 SER 169 169 ?   ?   ?   2 . n 
B 2 170 PRO 170 170 ?   ?   ?   2 . n 
B 2 171 ALA 171 171 ?   ?   ?   2 . n 
B 2 172 ARG 172 172 ?   ?   ?   2 . n 
B 2 173 ARG 173 173 173 ARG ARG 2 . n 
B 2 174 PHE 174 174 174 PHE PHE 2 . n 
B 2 175 CYS 175 175 175 CYS CYS 2 . n 
B 2 176 PRO 176 176 176 PRO PRO 2 . n 
B 2 177 VAL 177 177 177 VAL VAL 2 . n 
B 2 178 ASP 178 178 178 ASP ASP 2 . n 
B 2 179 TYR 179 179 179 TYR TYR 2 . n 
B 2 180 LEU 180 180 180 LEU LEU 2 . n 
B 2 181 LEU 181 181 181 LEU LEU 2 . n 
B 2 182 GLY 182 182 182 GLY GLY 2 . n 
B 2 183 ASN 183 183 183 ASN ASN 2 . n 
B 2 184 GLY 184 184 184 GLY GLY 2 . n 
B 2 185 THR 185 185 185 THR THR 2 . n 
B 2 186 LEU 186 186 186 LEU LEU 2 . n 
B 2 187 LEU 187 187 187 LEU LEU 2 . n 
B 2 188 GLY 188 188 188 GLY GLY 2 . n 
B 2 189 ASN 189 189 189 ASN ASN 2 . n 
B 2 190 ALA 190 190 190 ALA ALA 2 . n 
B 2 191 PHE 191 191 191 PHE PHE 2 . n 
B 2 192 VAL 192 192 192 VAL VAL 2 . n 
B 2 193 PHE 193 193 193 PHE PHE 2 . n 
B 2 194 PRO 194 194 194 PRO PRO 2 . n 
B 2 195 HIS 195 195 195 HIS HIS 2 . n 
B 2 196 GLN 196 196 196 GLN GLN 2 . n 
B 2 197 ILE 197 197 197 ILE ILE 2 . n 
B 2 198 ILE 198 198 198 ILE ILE 2 . n 
B 2 199 ASN 199 199 199 ASN ASN 2 . n 
B 2 200 LEU 200 200 200 LEU LEU 2 . n 
B 2 201 ARG 201 201 201 ARG ARG 2 . n 
B 2 202 THR 202 202 202 THR THR 2 . n 
B 2 203 ASN 203 203 203 ASN ASN 2 . n 
B 2 204 ASN 204 204 204 ASN ASN 2 . n 
B 2 205 CYS 205 205 205 CYS CYS 2 . n 
B 2 206 ALA 206 206 206 ALA ALA 2 . n 
B 2 207 THR 207 207 207 THR THR 2 . n 
B 2 208 LEU 208 208 208 LEU LEU 2 . n 
B 2 209 VAL 209 209 209 VAL VAL 2 . n 
B 2 210 LEU 210 210 210 LEU LEU 2 . n 
B 2 211 PRO 211 211 211 PRO PRO 2 . n 
B 2 212 TYR 212 212 212 TYR TYR 2 . n 
B 2 213 VAL 213 213 213 VAL VAL 2 . n 
B 2 214 ASN 214 214 214 ASN ASN 2 . n 
B 2 215 SER 215 215 215 SER SER 2 . n 
B 2 216 LEU 216 216 216 LEU LEU 2 . n 
B 2 217 SER 217 217 217 SER SER 2 . n 
B 2 218 ILE 218 218 218 ILE ILE 2 . n 
B 2 219 ASP 219 219 219 ASP ASP 2 . n 
B 2 220 SER 220 220 220 SER SER 2 . n 
B 2 221 MET 221 221 221 MET MET 2 . n 
B 2 222 VAL 222 222 222 VAL VAL 2 . n 
B 2 223 LYS 223 223 223 LYS LYS 2 . n 
B 2 224 HIS 224 224 224 HIS HIS 2 . n 
B 2 225 ASN 225 225 225 ASN ASN 2 . n 
B 2 226 ASN 226 226 226 ASN ASN 2 . n 
B 2 227 TRP 227 227 227 TRP TRP 2 . n 
B 2 228 GLY 228 228 228 GLY GLY 2 . n 
B 2 229 ILE 229 229 229 ILE ILE 2 . n 
B 2 230 ALA 230 230 230 ALA ALA 2 . n 
B 2 231 ILE 231 231 231 ILE ILE 2 . n 
B 2 232 LEU 232 232 232 LEU LEU 2 . n 
B 2 233 PRO 233 233 233 PRO PRO 2 . n 
B 2 234 LEU 234 234 234 LEU LEU 2 . n 
B 2 235 ALA 235 235 235 ALA ALA 2 . n 
B 2 236 PRO 236 236 236 PRO PRO 2 . n 
B 2 237 LEU 237 237 237 LEU LEU 2 . n 
B 2 238 ASN 238 238 238 ASN ASN 2 . n 
B 2 239 PHE 239 239 239 PHE PHE 2 . n 
B 2 240 ALA 240 240 240 ALA ALA 2 . n 
B 2 241 SER 241 241 241 SER SER 2 . n 
B 2 242 GLU 242 242 242 GLU GLU 2 . n 
B 2 243 SER 243 243 243 SER SER 2 . n 
B 2 244 SER 244 244 244 SER SER 2 . n 
B 2 245 PRO 245 245 245 PRO PRO 2 . n 
B 2 246 GLU 246 246 246 GLU GLU 2 . n 
B 2 247 ILE 247 247 247 ILE ILE 2 . n 
B 2 248 PRO 248 248 248 PRO PRO 2 . n 
B 2 249 ILE 249 249 249 ILE ILE 2 . n 
B 2 250 THR 250 250 250 THR THR 2 . n 
B 2 251 LEU 251 251 251 LEU LEU 2 . n 
B 2 252 THR 252 252 252 THR THR 2 . n 
B 2 253 ILE 253 253 253 ILE ILE 2 . n 
B 2 254 ALA 254 254 254 ALA ALA 2 . n 
B 2 255 PRO 255 255 255 PRO PRO 2 . n 
B 2 256 MET 256 256 256 MET MET 2 . n 
B 2 257 CYS 257 257 257 CYS CYS 2 . n 
B 2 258 CYS 258 258 258 CYS CYS 2 . n 
B 2 259 GLU 259 259 259 GLU GLU 2 . n 
B 2 260 PHE 260 260 260 PHE PHE 2 . n 
B 2 261 ASN 261 261 261 ASN ASN 2 . n 
B 2 262 GLY 262 262 262 GLY GLY 2 . n 
B 2 263 LEU 263 263 263 LEU LEU 2 . n 
B 2 264 ARG 264 264 264 ARG ARG 2 . n 
B 2 265 ASN 265 265 265 ASN ASN 2 . n 
B 2 266 ILE 266 266 ?   ?   ?   2 . n 
B 2 267 THR 267 267 ?   ?   ?   2 . n 
B 2 268 LEU 268 268 ?   ?   ?   2 . n 
B 2 269 PRO 269 269 ?   ?   ?   2 . n 
B 2 270 ARG 270 270 ?   ?   ?   2 . n 
B 2 271 LEU 271 271 ?   ?   ?   2 . n 
B 2 272 GLN 272 272 ?   ?   ?   2 . n 
C 3 1   GLY 1   1   1   GLY GLY 3 . n 
C 3 2   LEU 2   2   2   LEU LEU 3 . n 
C 3 3   PRO 3   3   3   PRO PRO 3 . n 
C 3 4   VAL 4   4   4   VAL VAL 3 . n 
C 3 5   MET 5   5   5   MET MET 3 . n 
C 3 6   ASN 6   6   6   ASN ASN 3 . n 
C 3 7   THR 7   7   7   THR THR 3 . n 
C 3 8   PRO 8   8   8   PRO PRO 3 . n 
C 3 9   GLY 9   9   9   GLY GLY 3 . n 
C 3 10  SER 10  10  10  SER SER 3 . n 
C 3 11  ASN 11  11  11  ASN ASN 3 . n 
C 3 12  GLN 12  12  12  GLN GLN 3 . n 
C 3 13  TYR 13  13  13  TYR TYR 3 . n 
C 3 14  LEU 14  14  14  LEU LEU 3 . n 
C 3 15  THR 15  15  15  THR THR 3 . n 
C 3 16  ALA 16  16  16  ALA ALA 3 . n 
C 3 17  ASP 17  17  17  ASP ASP 3 . n 
C 3 18  ASN 18  18  18  ASN ASN 3 . n 
C 3 19  PHE 19  19  19  PHE PHE 3 . n 
C 3 20  GLN 20  20  20  GLN GLN 3 . n 
C 3 21  SER 21  21  21  SER SER 3 . n 
C 3 22  PRO 22  22  22  PRO PRO 3 . n 
C 3 23  CYS 23  23  23  CYS CYS 3 . n 
C 3 24  ALA 24  24  24  ALA ALA 3 . n 
C 3 25  LEU 25  25  25  LEU LEU 3 . n 
C 3 26  PRO 26  26  26  PRO PRO 3 . n 
C 3 27  GLU 27  27  27  GLU GLU 3 . n 
C 3 28  PHE 28  28  28  PHE PHE 3 . n 
C 3 29  ASP 29  29  29  ASP ASP 3 . n 
C 3 30  VAL 30  30  30  VAL VAL 3 . n 
C 3 31  THR 31  31  31  THR THR 3 . n 
C 3 32  PRO 32  32  32  PRO PRO 3 . n 
C 3 33  PRO 33  33  33  PRO PRO 3 . n 
C 3 34  ILE 34  34  34  ILE ILE 3 . n 
C 3 35  ASP 35  35  35  ASP ASP 3 . n 
C 3 36  ILE 36  36  36  ILE ILE 3 . n 
C 3 37  PRO 37  37  37  PRO PRO 3 . n 
C 3 38  GLY 38  38  38  GLY GLY 3 . n 
C 3 39  GLU 39  39  39  GLU GLU 3 . n 
C 3 40  VAL 40  40  40  VAL VAL 3 . n 
C 3 41  LYS 41  41  41  LYS LYS 3 . n 
C 3 42  ASN 42  42  42  ASN ASN 3 . n 
C 3 43  MET 43  43  43  MET MET 3 . n 
C 3 44  MET 44  44  44  MET MET 3 . n 
C 3 45  GLU 45  45  45  GLU GLU 3 . n 
C 3 46  LEU 46  46  46  LEU LEU 3 . n 
C 3 47  ALA 47  47  47  ALA ALA 3 . n 
C 3 48  GLU 48  48  48  GLU GLU 3 . n 
C 3 49  ILE 49  49  49  ILE ILE 3 . n 
C 3 50  ASP 50  50  50  ASP ASP 3 . n 
C 3 51  THR 51  51  51  THR THR 3 . n 
C 3 52  MET 52  52  52  MET MET 3 . n 
C 3 53  ILE 53  53  53  ILE ILE 3 . n 
C 3 54  PRO 54  54  54  PRO PRO 3 . n 
C 3 55  PHE 55  55  55  PHE PHE 3 . n 
C 3 56  ASP 56  56  56  ASP ASP 3 . n 
C 3 57  LEU 57  57  57  LEU LEU 3 . n 
C 3 58  SER 58  58  58  SER SER 3 . n 
C 3 59  ALA 59  59  59  ALA ALA 3 . n 
C 3 60  THR 60  60  60  THR THR 3 . n 
C 3 61  LYS 61  61  61  LYS LYS 3 . n 
C 3 62  LYS 62  62  62  LYS LYS 3 . n 
C 3 63  ASN 63  63  63  ASN ASN 3 . n 
C 3 64  THR 64  64  64  THR THR 3 . n 
C 3 65  MET 65  65  65  MET MET 3 . n 
C 3 66  GLU 66  66  66  GLU GLU 3 . n 
C 3 67  MET 67  67  67  MET MET 3 . n 
C 3 68  TYR 68  68  68  TYR TYR 3 . n 
C 3 69  ARG 69  69  69  ARG ARG 3 . n 
C 3 70  VAL 70  70  70  VAL VAL 3 . n 
C 3 71  ARG 71  71  71  ARG ARG 3 . n 
C 3 72  LEU 72  72  72  LEU LEU 3 . n 
C 3 73  SER 73  73  73  SER SER 3 . n 
C 3 74  ASP 74  74  74  ASP ASP 3 . n 
C 3 75  LYS 75  75  75  LYS LYS 3 . n 
C 3 76  PRO 76  76  76  PRO PRO 3 . n 
C 3 77  HIS 77  77  77  HIS HIS 3 . n 
C 3 78  THR 78  78  78  THR THR 3 . n 
C 3 79  ASP 79  79  79  ASP ASP 3 . n 
C 3 80  ASP 80  80  80  ASP ASP 3 . n 
C 3 81  PRO 81  81  81  PRO PRO 3 . n 
C 3 82  ILE 82  82  82  ILE ILE 3 . n 
C 3 83  LEU 83  83  83  LEU LEU 3 . n 
C 3 84  CYS 84  84  84  CYS CYS 3 . n 
C 3 85  LEU 85  85  85  LEU LEU 3 . n 
C 3 86  SER 86  86  86  SER SER 3 . n 
C 3 87  LEU 87  87  87  LEU LEU 3 . n 
C 3 88  SER 88  88  88  SER SER 3 . n 
C 3 89  PRO 89  89  89  PRO PRO 3 . n 
C 3 90  ALA 90  90  90  ALA ALA 3 . n 
C 3 91  SER 91  91  91  SER SER 3 . n 
C 3 92  ASP 92  92  92  ASP ASP 3 . n 
C 3 93  PRO 93  93  93  PRO PRO 3 . n 
C 3 94  ARG 94  94  94  ARG ARG 3 . n 
C 3 95  LEU 95  95  95  LEU LEU 3 . n 
C 3 96  SER 96  96  96  SER SER 3 . n 
C 3 97  HIS 97  97  97  HIS HIS 3 . n 
C 3 98  THR 98  98  98  THR THR 3 . n 
C 3 99  MET 99  99  99  MET MET 3 . n 
C 3 100 LEU 100 100 100 LEU LEU 3 . n 
C 3 101 GLY 101 101 101 GLY GLY 3 . n 
C 3 102 GLU 102 102 102 GLU GLU 3 . n 
C 3 103 ILE 103 103 103 ILE ILE 3 . n 
C 3 104 LEU 104 104 104 LEU LEU 3 . n 
C 3 105 ASN 105 105 105 ASN ASN 3 . n 
C 3 106 TYR 106 106 106 TYR TYR 3 . n 
C 3 107 TYR 107 107 107 TYR TYR 3 . n 
C 3 108 THR 108 108 108 THR THR 3 . n 
C 3 109 HIS 109 109 109 HIS HIS 3 . n 
C 3 110 TRP 110 110 110 TRP TRP 3 . n 
C 3 111 ALA 111 111 111 ALA ALA 3 . n 
C 3 112 GLY 112 112 112 GLY GLY 3 . n 
C 3 113 SER 113 113 113 SER SER 3 . n 
C 3 114 LEU 114 114 114 LEU LEU 3 . n 
C 3 115 LYS 115 115 115 LYS LYS 3 . n 
C 3 116 PHE 116 116 116 PHE PHE 3 . n 
C 3 117 THR 117 117 117 THR THR 3 . n 
C 3 118 PHE 118 118 118 PHE PHE 3 . n 
C 3 119 LEU 119 119 119 LEU LEU 3 . n 
C 3 120 PHE 120 120 120 PHE PHE 3 . n 
C 3 121 CYS 121 121 121 CYS CYS 3 . n 
C 3 122 GLY 122 122 122 GLY GLY 3 . n 
C 3 123 SER 123 123 123 SER SER 3 . n 
C 3 124 MET 124 124 124 MET MET 3 . n 
C 3 125 MET 125 125 125 MET MET 3 . n 
C 3 126 ALA 126 126 126 ALA ALA 3 . n 
C 3 127 THR 127 127 127 THR THR 3 . n 
C 3 128 GLY 128 128 128 GLY GLY 3 . n 
C 3 129 LYS 129 129 129 LYS LYS 3 . n 
C 3 130 LEU 130 130 130 LEU LEU 3 . n 
C 3 131 LEU 131 131 131 LEU LEU 3 . n 
C 3 132 VAL 132 132 132 VAL VAL 3 . n 
C 3 133 SER 133 133 133 SER SER 3 . n 
C 3 134 TYR 134 134 134 TYR TYR 3 . n 
C 3 135 ALA 135 135 135 ALA ALA 3 . n 
C 3 136 PRO 136 136 136 PRO PRO 3 . n 
C 3 137 PRO 137 137 137 PRO PRO 3 . n 
C 3 138 GLY 138 138 138 GLY GLY 3 . n 
C 3 139 ALA 139 139 139 ALA ALA 3 . n 
C 3 140 ASP 140 140 140 ASP ASP 3 . n 
C 3 141 PRO 141 141 141 PRO PRO 3 . n 
C 3 142 PRO 142 142 142 PRO PRO 3 . n 
C 3 143 LYS 143 143 143 LYS LYS 3 . n 
C 3 144 LYS 144 144 144 LYS LYS 3 . n 
C 3 145 ARG 145 145 145 ARG ARG 3 . n 
C 3 146 LYS 146 146 146 LYS LYS 3 . n 
C 3 147 GLU 147 147 147 GLU GLU 3 . n 
C 3 148 ALA 148 148 148 ALA ALA 3 . n 
C 3 149 MET 149 149 149 MET MET 3 . n 
C 3 150 LEU 150 150 150 LEU LEU 3 . n 
C 3 151 GLY 151 151 151 GLY GLY 3 . n 
C 3 152 THR 152 152 152 THR THR 3 . n 
C 3 153 HIS 153 153 153 HIS HIS 3 . n 
C 3 154 VAL 154 154 154 VAL VAL 3 . n 
C 3 155 ILE 155 155 155 ILE ILE 3 . n 
C 3 156 TRP 156 156 156 TRP TRP 3 . n 
C 3 157 ASP 157 157 157 ASP ASP 3 . n 
C 3 158 ILE 158 158 158 ILE ILE 3 . n 
C 3 159 GLY 159 159 159 GLY GLY 3 . n 
C 3 160 LEU 160 160 160 LEU LEU 3 . n 
C 3 161 GLN 161 161 161 GLN GLN 3 . n 
C 3 162 SER 162 162 162 SER SER 3 . n 
C 3 163 SER 163 163 163 SER SER 3 . n 
C 3 164 CYS 164 164 164 CYS CYS 3 . n 
C 3 165 THR 165 165 165 THR THR 3 . n 
C 3 166 MET 166 166 166 MET MET 3 . n 
C 3 167 VAL 167 167 167 VAL VAL 3 . n 
C 3 168 VAL 168 168 168 VAL VAL 3 . n 
C 3 169 PRO 169 169 169 PRO PRO 3 . n 
C 3 170 TRP 170 170 170 TRP TRP 3 . n 
C 3 171 ILE 171 171 171 ILE ILE 3 . n 
C 3 172 SER 172 172 172 SER SER 3 . n 
C 3 173 ASN 173 173 173 ASN ASN 3 . n 
C 3 174 THR 174 174 174 THR THR 3 . n 
C 3 175 THR 175 175 175 THR THR 3 . n 
C 3 176 TYR 176 176 176 TYR ALA 3 . n 
C 3 177 ARG 177 177 177 ARG ALA 3 . n 
C 3 178 GLN 178 178 178 GLN ALA 3 . n 
C 3 179 THR 179 179 179 THR ALA 3 . n 
C 3 180 ILE 180 180 180 ILE ALA 3 . n 
C 3 181 ASP 181 181 181 ASP ASP 3 . n 
C 3 182 ASP 182 182 182 ASP ASP 3 . n 
C 3 183 SER 183 183 183 SER SER 3 . n 
C 3 184 PHE 184 184 184 PHE PHE 3 . n 
C 3 185 THR 185 185 185 THR THR 3 . n 
C 3 186 GLU 186 186 186 GLU GLU 3 . n 
C 3 187 GLY 187 187 187 GLY GLY 3 . n 
C 3 188 GLY 188 188 188 GLY GLY 3 . n 
C 3 189 TYR 189 189 189 TYR TYR 3 . n 
C 3 190 ILE 190 190 190 ILE ILE 3 . n 
C 3 191 SER 191 191 191 SER SER 3 . n 
C 3 192 VAL 192 192 192 VAL VAL 3 . n 
C 3 193 PHE 193 193 193 PHE PHE 3 . n 
C 3 194 TYR 194 194 194 TYR TYR 3 . n 
C 3 195 GLN 195 195 195 GLN GLN 3 . n 
C 3 196 THR 196 196 196 THR THR 3 . n 
C 3 197 ARG 197 197 197 ARG ARG 3 . n 
C 3 198 ILE 198 198 198 ILE ILE 3 . n 
C 3 199 VAL 199 199 199 VAL VAL 3 . n 
C 3 200 VAL 200 200 200 VAL VAL 3 . n 
C 3 201 PRO 201 201 201 PRO PRO 3 . n 
C 3 202 LEU 202 202 202 LEU LEU 3 . n 
C 3 203 SER 203 203 203 SER SER 3 . n 
C 3 204 THR 204 204 204 THR THR 3 . n 
C 3 205 PRO 205 205 205 PRO PRO 3 . n 
C 3 206 ARG 206 206 206 ARG ARG 3 . n 
C 3 207 GLU 207 207 207 GLU GLU 3 . n 
C 3 208 MET 208 208 208 MET MET 3 . n 
C 3 209 ASP 209 209 209 ASP ASP 3 . n 
C 3 210 ILE 210 210 210 ILE ILE 3 . n 
C 3 211 LEU 211 211 211 LEU LEU 3 . n 
C 3 212 GLY 212 212 212 GLY GLY 3 . n 
C 3 213 PHE 213 213 213 PHE PHE 3 . n 
C 3 214 VAL 214 214 214 VAL VAL 3 . n 
C 3 215 SER 215 215 215 SER SER 3 . n 
C 3 216 ALA 216 216 216 ALA ALA 3 . n 
C 3 217 CYS 217 217 217 CYS CYS 3 . n 
C 3 218 ASN 218 218 218 ASN ASN 3 . n 
C 3 219 ASP 219 219 219 ASP ASP 3 . n 
C 3 220 PHE 220 220 220 PHE PHE 3 . n 
C 3 221 SER 221 221 221 SER SER 3 . n 
C 3 222 VAL 222 222 222 VAL VAL 3 . n 
C 3 223 ARG 223 223 223 ARG ARG 3 . n 
C 3 224 LEU 224 224 224 LEU LEU 3 . n 
C 3 225 LEU 225 225 225 LEU LEU 3 . n 
C 3 226 ARG 226 226 226 ARG ARG 3 . n 
C 3 227 ASP 227 227 227 ASP ASP 3 . n 
C 3 228 THR 228 228 228 THR THR 3 . n 
C 3 229 THR 229 229 229 THR THR 3 . n 
C 3 230 HIS 230 230 230 HIS HIS 3 . n 
C 3 231 ILE 231 231 231 ILE ILE 3 . n 
C 3 232 GLU 232 232 ?   ?   ?   3 . n 
C 3 233 GLN 233 233 ?   ?   ?   3 . n 
C 3 234 LYS 234 234 ?   ?   ?   3 . n 
C 3 235 ALA 235 235 ?   ?   ?   3 . n 
C 3 236 LEU 236 236 ?   ?   ?   3 . n 
C 3 237 ALA 237 237 ?   ?   ?   3 . n 
C 3 238 GLN 238 238 ?   ?   ?   3 . n 
# 
_cell.entry_id           3J48 
_cell.length_a           1 
_cell.length_b           1 
_cell.length_c           1 
_cell.angle_alpha        90 
_cell.angle_beta         90 
_cell.angle_gamma        90 
_cell.Z_PDB              1 
_cell.pdbx_unique_axis   ? 
_cell.length_a_esd       ? 
_cell.length_b_esd       ? 
_cell.length_c_esd       ? 
_cell.angle_alpha_esd    ? 
_cell.angle_beta_esd     ? 
_cell.angle_gamma_esd    ? 
# 
_symmetry.entry_id                         3J48 
_symmetry.space_group_name_H-M             'P 1' 
_symmetry.pdbx_full_space_group_name_H-M   ? 
_symmetry.cell_setting                     ? 
_symmetry.Int_Tables_number                1 
_symmetry.space_group_name_Hall            ? 
# 
_exptl.entry_id          3J48 
_exptl.method            'ELECTRON MICROSCOPY' 
_exptl.crystals_number   ? 
# 
_exptl_crystal.id                    1 
_exptl_crystal.density_meas          ? 
_exptl_crystal.density_Matthews      ? 
_exptl_crystal.density_percent_sol   ? 
_exptl_crystal.description           ? 
# 
_diffrn.id                     1 
_diffrn.ambient_temp           ? 
_diffrn.ambient_temp_details   ? 
_diffrn.crystal_id             1 
# 
_diffrn_radiation.diffrn_id                        1 
_diffrn_radiation.wavelength_id                    1 
_diffrn_radiation.pdbx_monochromatic_or_laue_m_l   M 
_diffrn_radiation.monochromator                    ? 
_diffrn_radiation.pdbx_diffrn_protocol             'SINGLE WAVELENGTH' 
_diffrn_radiation.pdbx_scattering_type             x-ray 
# 
_diffrn_radiation_wavelength.id           1 
_diffrn_radiation_wavelength.wavelength   . 
_diffrn_radiation_wavelength.wt           1.0 
# 
_refine_hist.pdbx_refine_id                   'ELECTRON MICROSCOPY' 
_refine_hist.cycle_id                         LAST 
_refine_hist.pdbx_number_atoms_protein        690 
_refine_hist.pdbx_number_atoms_nucleic_acid   0 
_refine_hist.pdbx_number_atoms_ligand         0 
_refine_hist.number_atoms_solvent             0 
_refine_hist.number_atoms_total               690 
_refine_hist.d_res_high                       . 
_refine_hist.d_res_low                        . 
# 
_struct.entry_id                  3J48 
_struct.title                     'Cryo-EM structure of Poliovirus 135S particles' 
_struct.pdbx_model_details        ? 
_struct.pdbx_CASP_flag            ? 
_struct.pdbx_model_type_details   ? 
# 
_struct_keywords.entry_id        3J48 
_struct_keywords.pdbx_keywords   VIRUS 
_struct_keywords.text            'cell entry, single particle analysis, VIRUS' 
# 
loop_
_struct_asym.id 
_struct_asym.pdbx_blank_PDB_chainid_flag 
_struct_asym.pdbx_modified 
_struct_asym.entity_id 
_struct_asym.details 
A N N 1 ? 
B N N 2 ? 
C N N 3 ? 
# 
loop_
_struct_ref.id 
_struct_ref.db_name 
_struct_ref.db_code 
_struct_ref.pdbx_db_accession 
_struct_ref.entity_id 
_struct_ref.pdbx_seq_one_letter_code 
_struct_ref.pdbx_align_begin 
_struct_ref.pdbx_db_isoform 
1 UNP POLG_POL1M P03300 1 
;GLGQMLESMIDNTVRETVGAATSRDALPNTEASGPTHSKEIPALTAVETGATNPLVPSDTVQTRHVVQHRSRSESSIESF
FARGACVTIMTVDNPASTTNKDKLFAVWKITYKDTVQLRRKLEFFTYSRFDMELTFVVTANFTETNNGHALNQVYQIMYV
PPGAPVPEKWDDYTWQTSSNPSIFYTYGTAPARISVPYVGISNAYSHFYDGFSKVPLKDQSAALGDSLYGAASLNDFGIL
AVRVVNDHNPTKVTSKIRVYLKPKHIRVWCPRPPRAVAYYGPGVDYKDGTLTPLSTKDLTTY
;
580 ? 
2 UNP POLG_POL1M P03300 2 
;SPNIEACGYSDRVLQLTLGNSTITTQEAANSVVAYGRWPEYLRDSEANPVDQPTEPDVAACRFYTLDTVSWTKESRGWWW
KLPDALRDMGLFGQNMYYHYLGRSGYTVHVQCNASKFHQGALGVFAVPEMCLAGDSNTTTMHTSYQNANPGEKGGTFTGT
FTPDNNQTSPARRFCPVDYLLGNGTLLGNAFVFPHQIINLRTNNCATLVLPYVNSLSIDSMVKHNNWGIAILPLAPLNFA
SESSPEIPITLTIAPMCCEFNGLRNITLPRLQ
;
70  ? 
3 UNP POLG_POL1M P03300 3 
;GLPVMNTPGSNQYLTADNFQSPCALPEFDVTPPIDIPGEVKNMMELAEIDTMIPFDLSATKKNTMEMYRVRLSDKPHTDD
PILCLSLSPASDPRLSHTMLGEILNYYTHWAGSLKFTFLFCGFMMATGKLLVSYAPPGADPPKKRKEAMLGTHVIWDIGL
QSSCTMVVPWISNTTYRQTIDDSFTEGGYISVFYQTRIVVPLSTPREMDILGFVSACNDFSVRLLRDTTHIEQKALAQ
;
342 ? 
# 
loop_
_struct_ref_seq.align_id 
_struct_ref_seq.ref_id 
_struct_ref_seq.pdbx_PDB_id_code 
_struct_ref_seq.pdbx_strand_id 
_struct_ref_seq.seq_align_beg 
_struct_ref_seq.pdbx_seq_align_beg_ins_code 
_struct_ref_seq.seq_align_end 
_struct_ref_seq.pdbx_seq_align_end_ins_code 
_struct_ref_seq.pdbx_db_accession 
_struct_ref_seq.db_align_beg 
_struct_ref_seq.pdbx_db_align_beg_ins_code 
_struct_ref_seq.db_align_end 
_struct_ref_seq.pdbx_db_align_end_ins_code 
_struct_ref_seq.pdbx_auth_seq_align_beg 
_struct_ref_seq.pdbx_auth_seq_align_end 
1 1 3J48 1 1 ? 302 ? P03300 580 ? 881 ? 1 302 
2 2 3J48 2 1 ? 272 ? P03300 70  ? 341 ? 1 272 
3 3 3J48 3 1 ? 238 ? P03300 342 ? 579 ? 1 238 
# 
_struct_ref_seq_dif.align_id                     3 
_struct_ref_seq_dif.pdbx_pdb_id_code             3J48 
_struct_ref_seq_dif.mon_id                       SER 
_struct_ref_seq_dif.pdbx_pdb_strand_id           3 
_struct_ref_seq_dif.seq_num                      123 
_struct_ref_seq_dif.pdbx_pdb_ins_code            ? 
_struct_ref_seq_dif.pdbx_seq_db_name             UNP 
_struct_ref_seq_dif.pdbx_seq_db_accession_code   P03300 
_struct_ref_seq_dif.db_mon_id                    PHE 
_struct_ref_seq_dif.pdbx_seq_db_seq_num          464 
_struct_ref_seq_dif.details                      conflict 
_struct_ref_seq_dif.pdbx_auth_seq_num            123 
_struct_ref_seq_dif.pdbx_ordinal                 1 
# 
loop_
_pdbx_struct_assembly.id 
_pdbx_struct_assembly.details 
_pdbx_struct_assembly.method_details 
_pdbx_struct_assembly.oligomeric_details 
_pdbx_struct_assembly.oligomeric_count 
1 'complete icosahedral assembly'                ? 180-meric      180 
2 'icosahedral asymmetric unit'                  ? trimeric       3   
3 'icosahedral pentamer'                         ? pentadecameric 15  
4 'icosahedral 23 hexamer'                       ? octadecameric  18  
5 'icosahedral asymmetric unit, std point frame' ? trimeric       3   
# 
loop_
_pdbx_struct_assembly_gen.assembly_id 
_pdbx_struct_assembly_gen.oper_expression 
_pdbx_struct_assembly_gen.asym_id_list 
1 '(1-60)'           A,B,C 
2 1                  A,B,C 
3 '(1-5)'            A,B,C 
4 '(1,2,6,10,23,24)' A,B,C 
5 P                  A,B,C 
# 
loop_
_pdbx_struct_oper_list.id 
_pdbx_struct_oper_list.type 
_pdbx_struct_oper_list.name 
_pdbx_struct_oper_list.symmetry_operation 
_pdbx_struct_oper_list.matrix[1][1] 
_pdbx_struct_oper_list.matrix[1][2] 
_pdbx_struct_oper_list.matrix[1][3] 
_pdbx_struct_oper_list.vector[1] 
_pdbx_struct_oper_list.matrix[2][1] 
_pdbx_struct_oper_list.matrix[2][2] 
_pdbx_struct_oper_list.matrix[2][3] 
_pdbx_struct_oper_list.vector[2] 
_pdbx_struct_oper_list.matrix[3][1] 
_pdbx_struct_oper_list.matrix[3][2] 
_pdbx_struct_oper_list.matrix[3][3] 
_pdbx_struct_oper_list.vector[3] 
P  'identity operation'       1_555 x,y,z 1.00000000  0.00000000  0.00000000  0.00000   0.00000000  1.00000000  0.00000000  0.00000    0.00000000  0.00000000  1.00000000  0.00000    
1  'identity operation'       1_555 x,y,z 1.00000000  0.00000000  0.00000000  0.00000   0.00000000  1.00000000  0.00000000  0.00000    0.00000000  0.00000000  1.00000000  0.00000    
2  'point symmetry operation' ?     ?     0.89150608  0.08054318  -0.44579108 -15.49152 0.38065842  0.40030922  0.83357764  18.59110   0.24559328  -0.91283367 0.32621868  -47.31843  
3  'point symmetry operation' ?     ?     0.71595925  0.51098002  -0.47571185 -6.71080  0.69646145  -0.57001082 0.43592328  -19.30728  -0.04841281 -0.64341827 -0.76398241 -83.52978  
4  'point symmetry operation' ?     ?     0.71595925  0.69646145  -0.04841281 14.20752  0.51098002  -0.57001082 -0.64341827 -61.32086  -0.47571185 0.43592328  -0.76398241 -58.59119  
5  'point symmetry operation' ?     ?     0.89150608  0.38065842  0.24559328  18.35502  0.08054318  0.40030922  -0.91283367 -49.38830  -0.44579108 0.83357764  0.32621868  -6.96695   
6  'point symmetry operation' ?     ?     -0.12341248 0.51672511  -0.84720985 71.13251  0.51672511  -0.69540424 -0.49940775 -50.43014  -0.84720985 -0.49940775 -0.18118328 42.84103   
7  'point symmetry operation' ?     ?     -0.12139625 0.97027147  0.20937100  122.73948 0.07330091  0.21911816  -0.97294101 -47.73214  -0.98989389 -0.10276431 -0.09772191 55.25438   
8  'point symmetry operation' ?     ?     0.31253663  0.18751008  0.93121470  132.75140 -0.09019039 0.98175222  -0.16741642 1.24400    -0.94561438 -0.03166285 0.32374513  73.30289   
9  'point symmetry operation' ?     ?     0.57870566  -0.74980943 0.32075779  87.33213  0.25219063  0.53856360  0.80395841  28.81492   -0.77556407 -0.38436319 0.50076471  72.04414   
10 'point symmetry operation' ?     ?     0.30927430  -0.54634335 -0.77836903 49.24956  0.62728503  -0.49797610 0.59877649  -3.12146   -0.71474673 -0.67344542 0.18870179  53.21768   
11 'point symmetry operation' ?     ?     -0.08817749 0.08094545  0.99281044  186.74186 0.08094545  -0.99281421 0.08813501  43.58247   0.99281044  0.08813501  0.08099170  -175.06185 
12 'point symmetry operation' ?     ?     0.19602936  -0.88096969 0.43065636  142.63450 -0.28411437 -0.47136568 -0.83492120 19.70058   0.93853689  0.04131341  -0.34269766 -192.63587 
13 'point symmetry operation' ?     ?     -0.05482085 -0.72998909 -0.68125662 102.84153 -0.63777005 0.55056867  -0.53863113 54.84590   0.76827341  0.40495685  -0.49574782 -190.19127 
14 'point symmetry operation' ?     ?     -0.49406167 0.32523718  -0.80630257 122.35549 -0.49128145 0.66071033  0.56754241  100.44878  0.71731833  0.67652246  -0.16664866 -171.10639 
15 'point symmetry operation' ?     ?     -0.51467721 0.82642228  0.22832778  174.20874 -0.04709086 -0.29315275 0.95490519  93.48760   0.85608984  0.48071578  0.18979597  -161.75590 
16 'point symmetry operation' ?     ?     -0.78841003 -0.59767056 -0.14560059 218.92051 -0.59767056 0.68821845  0.41127274  103.18388  -0.14560059 0.41127274  -0.89980843 -105.41565 
17 'point symmetry operation' ?     ?     -0.96613919 -0.16984496 -0.19423628 226.91242 -0.16984496 -0.14806170 0.97428457  105.77666  -0.19423628 0.97428457  0.11420089  -52.93655  
18 'point symmetry operation' ?     ?     -0.97367502 0.03149899  0.22575377  247.91274 0.03149899  -0.96231007 0.27012427  59.55358   0.22575377  0.27012427  0.93598509  -37.21832  
19 'point symmetry operation' ?     ?     -0.80060324 -0.27188920 0.53395759  252.89974 -0.27188920 -0.62926311 -0.72808255 28.39336   0.53395759  -0.72808255 0.42986635  -79.98302  
20 'point symmetry operation' ?     ?     -0.68610318 -0.66073735 0.30444797  234.98156 -0.66073735 0.39081962  -0.64084800 55.35836   0.30444797  -0.64084800 -0.70471644 -122.13129 
21 'point symmetry operation' ?     ?     0.88197141  -0.45373637 0.12747444  32.56981  -0.32524945 -0.39022586 0.86135740  123.42407  -0.34108536 -0.80115360 -0.49174556 -28.67133  
22 'point symmetry operation' ?     ?     0.64487117  -0.22696103 -0.72981494 4.43938   -0.22696103 -0.96868368 0.10070063  80.44988   -0.72981494 0.10070063  -0.67618750 -15.01309  
23 'point symmetry operation' ?     ?     0.30927430  0.62728503  -0.71474673 24.76358  -0.54634335 -0.49797610 -0.67344542 61.19196   -0.77836903 0.59877649  0.18870179  30.16112   
24 'point symmetry operation' ?     ?     0.33896427  0.92846281  0.15185532  65.45506  -0.84202089 0.37139500  -0.39123722 92.26411   -0.41964751 0.00475008  0.90767471  44.42208   
25 'point symmetry operation' ?     ?     0.69291054  0.26035484  0.67237663  70.27957  -0.70537735 0.43798832  0.55732309  130.72567  -0.14939135 -0.86045429 0.48713513  8.06163    
26 'point symmetry operation' ?     ?     -0.45130086 0.70760525  -0.54371164 123.64977 -0.89125013 -0.32686840 0.31437280  156.86885  0.04472968  0.62645978  0.77816926  -33.59818  
27 'point symmetry operation' ?     ?     -0.26651349 0.74323000  0.61366092  169.52385 -0.84177227 -0.48960263 0.22739545  149.72320  0.46945712  -0.45595880 0.75611612  -59.46628  
28 'point symmetry operation' ?     ?     0.19602936  -0.28411437 0.93853689  158.43254 -0.88096969 -0.47136568 0.04131341  142.90130  0.43065636  -0.83492120 -0.34269766 -110.99389 
29 'point symmetry operation' ?     ?     0.29710919  -0.95467286 -0.01805127 105.70366 -0.95467286 -0.29736041 0.01328574  145.83077  -0.01805127 0.01328574  -0.99974878 -116.97160 
30 'point symmetry operation' ?     ?     -0.10296288 -0.34175643 -0.93413125 84.20673  -0.96102652 -0.20805617 0.18204572  154.46319  -0.25656707 0.91646885  -0.30701493 -69.13842  
31 'point symmetry operation' ?     ?     0.01206004  0.53310245  0.84596474  155.17993 0.85225729  0.43701006  -0.28754081 -105.11145 -0.52298380 0.72444737  -0.44907009 -41.19660  
32 'point symmetry operation' ?     ?     0.42144479  -0.55784792 0.71497552  124.87434 0.85552603  0.50605960  -0.10944807 -96.58374  -0.30076485 0.65780649  0.69052959  1.62278    
33 'point symmetry operation' ?     ?     0.33896427  -0.84202089 -0.41964751 74.14300  0.92846281  0.37139500  0.00475008  -95.25003  0.15185532  -0.39123722 0.90767471  -14.16335  
34 'point symmetry operation' ?     ?     -0.12139625 0.07330091  -0.98989389 73.09489  0.97027147  0.21911816  -0.10276431 -102.95346 0.20937100  -0.97294101 -0.09772191 -66.73909  
35 'point symmetry operation' ?     ?     -0.32343417 0.92317387  -0.20770250 123.17847 0.92317387  0.25967048  -0.28341001 -109.04815 -0.20770250 -0.28341001 -0.93623631 -83.44656  
36 'point symmetry operation' ?     ?     -0.44273059 -0.78697132 -0.42972754 165.39536 0.36424229  0.28008420  -0.88818939 -78.84527  0.81933948  -0.54975356 0.16264639  -134.17036 
37 'point symmetry operation' ?     ?     -0.79980247 0.04157896  -0.59882150 177.95730 0.21320728  0.95222671  -0.21864800 -37.25315  0.56112266  -0.30254831 -0.77045821 -164.77987 
38 'point symmetry operation' ?     ?     -0.84426794 0.49885023  0.19585735  219.45575 0.49885023  0.59794678  0.62738192  -12.50703  0.19585735  0.62738192  -0.75367885 -142.64036 
39 'point symmetry operation' ?     ?     -0.51467721 -0.04709086 0.85608984  232.54126 0.82642228  -0.29315275 0.48071578  -38.80522  0.22832778  0.95490519  0.18979597  -98.34787  
40 'point symmetry operation' ?     ?     -0.26651349 -0.84177227 0.46945712  199.13011 0.74323000  -0.48960263 -0.45595880 -79.80451  0.61366092  0.22739545  0.75611612  -93.11313  
41 'point symmetry operation' ?     ?     0.88197141  -0.32524945 -0.34108536 1.63860   -0.45373637 -0.39022586 -0.80115360 39.97124   0.12747444  0.86135740  -0.49174556 -124.56305 
42 'point symmetry operation' ?     ?     0.57870566  0.25219063  -0.77556407 -1.93160  -0.74980943 0.53856360  -0.38436319 77.65490   0.32075779  0.80395841  0.50076471  -87.25562  
43 'point symmetry operation' ?     ?     0.42144479  0.85552603  -0.30076485 30.49033  -0.55784792 0.50605960  0.65780649  117.47055  0.71497552  -0.10944807 0.69052959  -100.97358 
44 'point symmetry operation' ?     ?     0.62751796  0.65096775  0.42715594  54.09840  -0.14313611 -0.44281843 0.88511235  104.39430  0.76533212  -0.61656534 -0.18469953 -146.75917 
45 'point symmetry operation' ?     ?     0.91213906  -0.07879164 0.40223649  36.26705  -0.07879164 -0.99675330 -0.01657457 56.49709   0.40223649  -0.01657457 -0.91538576 -161.33827 
46 'point symmetry operation' ?     ?     0.01206004  0.85225729  -0.52298380 66.16537  0.53310245  0.43701006  0.72444737  -6.94727   0.84596474  -0.28754081 -0.44907009 -180.00074 
47 'point symmetry operation' ?     ?     0.20672920  0.81953504  0.53443928  106.56971 0.81953504  -0.44342303 0.36295776  -41.36105  0.53443928  0.36295776  -0.76330617 -177.20243 
48 'point symmetry operation' ?     ?     0.62751796  -0.14313611 0.76533212  93.31439  0.65096775  -0.44281843 -0.61656534 -79.47521  0.42715594  0.88511235  -0.18469953 -142.61548 
49 'point symmetry operation' ?     ?     0.69291054  -0.70537735 -0.14939135 44.71781  0.26035484  0.43798832  -0.86045429 -68.61728  0.67237663  0.55732309  0.48713513  -124.03788 
50 'point symmetry operation' ?     ?     0.31253663  -0.09019039 -0.94561438 27.93879  0.18751008  0.98175222  -0.03166285 -23.79254  0.93121470  -0.16741642 0.32374513  -147.14324 
51 'point symmetry operation' ?     ?     -0.44273059 0.36424229  0.81933948  211.87545 -0.78697132 0.28008420  -0.54975356 78.48409   -0.42972754 -0.88818939 0.16264639  22.86773   
52 'point symmetry operation' ?     ?     -0.05482085 -0.63777005 0.76827341  186.73583 -0.72998909 0.55056867  0.40495685  121.89602  -0.68125662 -0.53863113 -0.49574782 5.31628    
53 'point symmetry operation' ?     ?     -0.10296288 -0.96102652 -0.25656707 139.37475 -0.34175643 -0.20805617 0.91646885  124.27842  -0.93413125 0.18204572  -0.30701493 29.31425   
54 'point symmetry operation' ?     ?     -0.52062603 -0.15879769 -0.83888725 135.24362 -0.15879769 -0.94739659 0.27789025  82.33889   -0.83888725 0.27789025  0.46802262  61.69726   
55 'point symmetry operation' ?     ?     -0.73061401 0.66026348  -0.17394044 180.05151 -0.43395562 -0.64570924 -0.62828504 54.03644   -0.52714862 -0.38355142 0.75828928  57.71309   
56 'point symmetry operation' ?     ?     -0.45130086 -0.89125013 0.04472968  197.11547 0.70760525  -0.32686840 0.62645978  -15.17185  -0.54371164 0.31437280  0.77816926  44.05959   
57 'point symmetry operation' ?     ?     -0.73061401 -0.43395562 -0.52714862 185.42095 0.66026348  -0.64570924 -0.38355142 -61.85367  -0.17394044 -0.62828504 0.75828928  21.50531   
58 'point symmetry operation' ?     ?     -0.94599987 0.24863660  -0.20800021 213.61541 0.24863660  0.14481500  -0.95771000 -65.93755  -0.20800021 -0.95771000 -0.19881513 -23.36165  
59 'point symmetry operation' ?     ?     -0.79980247 0.21320728  0.56112266  242.73506 0.04157896  0.95222671  -0.30254831 -21.77971  -0.59882150 -0.21864800 -0.77045821 -28.53667  
60 'point symmetry operation' ?     ?     -0.49406167 -0.49128145 0.71731833  232.53753 0.32523718  0.66071033  0.67652246  9.59522    -0.80630257 0.56754241  -0.16664866 13.13195 
# 
_struct_biol.id        1 
_struct_biol.details   ? 
# 
_pdbx_point_symmetry.entry_id             3J48 
_pdbx_point_symmetry.Schoenflies_symbol   I 
_pdbx_point_symmetry.circular_symmetry    ? 
_pdbx_point_symmetry.H-M_notation         ? 
# 
_em_3d_fitting.id                1 
_em_3d_fitting.entry_id          3J48 
_em_3d_fitting.ref_protocol      'RIGID BODY FIT' 
_em_3d_fitting.ref_space         RECIPROCAL 
_em_3d_fitting.overall_b_value   ? 
_em_3d_fitting.target_criteria   'mean amplitude-weighted cosine of the phase difference' 
_em_3d_fitting.details           
;METHOD--rigid body REFINEMENT PROTOCOL--rigid body DETAILS--Most of the model 
was docked, with specific areas of discrepancy fitted. The fitting was rigid 
body with flexible fitting or deletion of selected polypeptide segments. Rigid 
bodies for VP1, VP2, VP3, and the VP3 beta tube were defined to include beta 
barrels and non-covalently attached polypeptides. Each rigid body was 
repeatedly fitted manually and then refined. Disordered polypeptide segments 
were removed. Several rearranged segments were included as approximate backbone 
traces and refined.
;
_em_3d_fitting.method            ? 
# 
loop_
_em_3d_fitting_list.3d_fitting_id 
_em_3d_fitting_list.id 
_em_3d_fitting_list.pdb_entry_id 
_em_3d_fitting_list.pdb_chain_id 
_em_3d_fitting_list.details 
_em_3d_fitting_list.initial_refinement_model_id 
_em_3d_fitting_list.chain_id 
_em_3d_fitting_list.chain_residue_range 
_em_3d_fitting_list.pdb_chain_residue_range 
_em_3d_fitting_list.source_name 
_em_3d_fitting_list.type 
_em_3d_fitting_list.accession_code 
1 1 1POV 0 ? 1 ? ? ? PDB 'experimental model' 1POV 
1 2 1POV 1 ? 1 ? ? ? PDB 'experimental model' 1POV 
1 3 1POV 3 ? 1 ? ? ? PDB 'experimental model' 1POV 
# 
_em_3d_reconstruction.entry_id                    3J48 
_em_3d_reconstruction.id                          1 
_em_3d_reconstruction.resolution_method           'FSC 0.143 CUT-OFF' 
_em_3d_reconstruction.symmetry_type               POINT 
_em_3d_reconstruction.image_processing_id         1 
_em_3d_reconstruction.method                      'FREALIGN randomized search' 
_em_3d_reconstruction.nominal_pixel_size          1.37 
_em_3d_reconstruction.actual_pixel_size           1.37 
_em_3d_reconstruction.resolution                  5.5 
_em_3d_reconstruction.magnification_calibration   ? 
_em_3d_reconstruction.details                     
'Single particle details: The particles were selected using an automatic selection program (Single particle--Applied symmetry: I)' 
_em_3d_reconstruction.num_particles               117330 
_em_3d_reconstruction.num_class_averages          ? 
_em_3d_reconstruction.algorithm                   ? 
# 
_em_buffer.id            1 
_em_buffer.specimen_id   1 
_em_buffer.name          '20 mM HEPES, 2 mM CaCl2' 
_em_buffer.pH            7.4 
_em_buffer.details       '20 mM HEPES, 2 mM CaCl2' 
# 
_em_entity_assembly.id                   1 
_em_entity_assembly.name                 'Poliovirus 1 Mahoney 135S particle' 
_em_entity_assembly.type                 VIRUS 
_em_entity_assembly.parent_id            0 
_em_entity_assembly.synonym              ? 
_em_entity_assembly.details              'icosahedrally ordered capsid: 60 copies of VP1, VP2, VP3' 
_em_entity_assembly.oligomeric_details   ? 
# 
_em_image_scans.entry_id                3J48 
_em_image_scans.id                      1 
_em_image_scans.image_recording_id      1 
_em_image_scans.number_digital_images   1020 
_em_image_scans.citation_id             ? 
_em_image_scans.od_range                ? 
_em_image_scans.quant_bit_size          ? 
_em_image_scans.sampling_size           ? 
_em_image_scans.scanner_model           ? 
_em_image_scans.details                 ? 
# 
_em_imaging.entry_id                        3J48 
_em_imaging.id                              1 
_em_imaging.specimen_id                     1 
_em_imaging.date                            2011-02-28 
_em_imaging.temperature                     90 
_em_imaging.microscope_model                'FEI TECNAI F20' 
_em_imaging.nominal_defocus_min             980 
_em_imaging.nominal_defocus_max             2000 
_em_imaging.tilt_angle_min                  0 
_em_imaging.tilt_angle_max                  0 
_em_imaging.nominal_cs                      2 
_em_imaging.mode                            'BRIGHT FIELD' 
_em_imaging.illumination_mode               'FLOOD BEAM' 
_em_imaging.nominal_magnification           62000 
_em_imaging.calibrated_magnification        ? 
_em_imaging.electron_source                 'FIELD EMISSION GUN' 
_em_imaging.accelerating_voltage            200 
_em_imaging.details                         ? 
_em_imaging.specimen_holder_type            'Side entry liquid nitrogen-cooled cryo specimen holder' 
_em_imaging.specimen_holder_model           'GATAN LIQUID NITROGEN' 
_em_imaging.recording_temperature_minimum   90 
_em_imaging.recording_temperature_maximum   93 
_em_imaging.detector_distance               ? 
_em_imaging.electron_beam_tilt_params       ? 
_em_imaging.astigmatism                     'Objective lens astigmatism was corrected' 
_em_imaging.citation_id                     ? 
# 
_em_sample_support.id               1 
_em_sample_support.specimen_id      1 
_em_sample_support.details          'glow-discharged holey carbon-grids (200 mesh C-flat grids)' 
_em_sample_support.film_material    ? 
_em_sample_support.grid_material    ? 
_em_sample_support.grid_mesh_size   ? 
_em_sample_support.grid_type        ? 
_em_sample_support.method           ? 
# 
_em_virus_entity.id                    1 
_em_virus_entity.virus_host_category   VERTEBRATES 
_em_virus_entity.entity_assembly_id    1 
_em_virus_entity.virus_type            VIRION 
_em_virus_entity.virus_isolate         STRAIN 
_em_virus_entity.empty                 NO 
_em_virus_entity.enveloped             NO 
_em_virus_entity.details               ? 
# 
_em_vitrification.entry_id              3J48 
_em_vitrification.id                    1 
_em_vitrification.details               
'Blotted manually in ambient atmosphere before plunging into ethane cooled by liquid nitrogen.' 
_em_vitrification.cryogen_name          ETHANE 
_em_vitrification.humidity              ? 
_em_vitrification.temp                  90 
_em_vitrification.instrument            'HOMEMADE PLUNGER' 
_em_vitrification.method                'Blotted manually before plunge freezing into liquid ethane' 
_em_vitrification.time_resolved_state   ? 
_em_vitrification.citation_id           ? 
_em_vitrification.specimen_id           1 
# 
_em_experiment.entry_id                3J48 
_em_experiment.id                      1 
_em_experiment.aggregation_state       PARTICLE 
_em_experiment.entity_assembly_id      1 
_em_experiment.reconstruction_method   'SINGLE PARTICLE' 
# 
_em_single_particle_entity.entry_id              3J48 
_em_single_particle_entity.id                    1 
_em_single_particle_entity.point_symmetry        I 
_em_single_particle_entity.image_processing_id   1 
# 
loop_
_pdbx_unobs_or_zero_occ_residues.id 
_pdbx_unobs_or_zero_occ_residues.PDB_model_num 
_pdbx_unobs_or_zero_occ_residues.polymer_flag 
_pdbx_unobs_or_zero_occ_residues.occupancy_flag 
_pdbx_unobs_or_zero_occ_residues.auth_asym_id 
_pdbx_unobs_or_zero_occ_residues.auth_comp_id 
_pdbx_unobs_or_zero_occ_residues.auth_seq_id 
_pdbx_unobs_or_zero_occ_residues.PDB_ins_code 
_pdbx_unobs_or_zero_occ_residues.label_asym_id 
_pdbx_unobs_or_zero_occ_residues.label_comp_id 
_pdbx_unobs_or_zero_occ_residues.label_seq_id 
1   1 Y 1 1 GLY 1   ? A GLY 1   
2   1 Y 1 1 LEU 2   ? A LEU 2   
3   1 Y 1 1 GLY 3   ? A GLY 3   
4   1 Y 1 1 GLN 4   ? A GLN 4   
5   1 Y 1 1 MET 5   ? A MET 5   
6   1 Y 1 1 LEU 6   ? A LEU 6   
7   1 Y 1 1 GLU 7   ? A GLU 7   
8   1 Y 1 1 SER 8   ? A SER 8   
9   1 Y 1 1 MET 9   ? A MET 9   
10  1 Y 1 1 ILE 10  ? A ILE 10  
11  1 Y 1 1 ASP 11  ? A ASP 11  
12  1 Y 1 1 ASN 12  ? A ASN 12  
13  1 Y 1 1 THR 13  ? A THR 13  
14  1 Y 1 1 VAL 14  ? A VAL 14  
15  1 Y 1 1 ARG 15  ? A ARG 15  
16  1 Y 1 1 GLU 16  ? A GLU 16  
17  1 Y 1 1 THR 17  ? A THR 17  
18  1 Y 1 1 VAL 18  ? A VAL 18  
19  1 Y 1 1 GLY 19  ? A GLY 19  
20  1 Y 1 1 ALA 20  ? A ALA 20  
21  1 Y 1 1 ALA 21  ? A ALA 21  
22  1 Y 1 1 THR 22  ? A THR 22  
23  1 Y 1 1 SER 23  ? A SER 23  
24  1 Y 1 1 ARG 24  ? A ARG 24  
25  1 Y 1 1 ASP 25  ? A ASP 25  
26  1 Y 1 1 ALA 26  ? A ALA 26  
27  1 Y 1 1 LEU 27  ? A LEU 27  
28  1 Y 1 1 PRO 28  ? A PRO 28  
29  1 Y 1 1 ASN 29  ? A ASN 29  
30  1 Y 1 1 THR 30  ? A THR 30  
31  1 Y 1 1 GLU 31  ? A GLU 31  
32  1 Y 1 1 ALA 32  ? A ALA 32  
33  1 Y 1 1 SER 33  ? A SER 33  
34  1 Y 1 1 GLY 34  ? A GLY 34  
35  1 Y 1 1 PRO 35  ? A PRO 35  
36  1 Y 1 1 THR 36  ? A THR 36  
37  1 Y 1 1 HIS 37  ? A HIS 37  
38  1 Y 1 1 SER 38  ? A SER 38  
39  1 Y 1 1 LYS 39  ? A LYS 39  
40  1 Y 1 1 GLU 40  ? A GLU 40  
41  1 Y 1 1 ILE 41  ? A ILE 41  
42  1 Y 1 1 PRO 42  ? A PRO 42  
43  1 Y 1 1 ALA 43  ? A ALA 43  
44  1 Y 1 1 LEU 44  ? A LEU 44  
45  1 Y 1 1 THR 45  ? A THR 45  
46  1 Y 1 1 ALA 46  ? A ALA 46  
47  1 Y 1 1 VAL 47  ? A VAL 47  
48  1 Y 1 1 GLU 48  ? A GLU 48  
49  1 Y 1 1 THR 49  ? A THR 49  
50  1 Y 1 1 GLY 50  ? A GLY 50  
51  1 Y 1 1 ASP 219 ? A ASP 219 
52  1 Y 1 1 GLN 220 ? A GLN 220 
53  1 Y 1 1 SER 221 ? A SER 221 
54  1 Y 1 1 ALA 222 ? A ALA 222 
55  1 Y 1 1 ALA 223 ? A ALA 223 
56  1 Y 1 1 LEU 291 ? A LEU 291 
57  1 Y 1 1 THR 292 ? A THR 292 
58  1 Y 1 1 PRO 293 ? A PRO 293 
59  1 Y 1 1 LEU 294 ? A LEU 294 
60  1 Y 1 1 SER 295 ? A SER 295 
61  1 Y 1 1 THR 296 ? A THR 296 
62  1 Y 1 1 LYS 297 ? A LYS 297 
63  1 Y 1 1 ASP 298 ? A ASP 298 
64  1 Y 1 1 LEU 299 ? A LEU 299 
65  1 Y 1 1 THR 300 ? A THR 300 
66  1 Y 1 1 THR 301 ? A THR 301 
67  1 Y 1 1 TYR 302 ? A TYR 302 
68  1 Y 1 2 SER 1   ? B SER 1   
69  1 Y 1 2 PRO 2   ? B PRO 2   
70  1 Y 1 2 ASN 3   ? B ASN 3   
71  1 Y 1 2 ILE 4   ? B ILE 4   
72  1 Y 1 2 GLU 5   ? B GLU 5   
73  1 Y 1 2 ALA 6   ? B ALA 6   
74  1 Y 1 2 CYS 7   ? B CYS 7   
75  1 Y 1 2 GLY 8   ? B GLY 8   
76  1 Y 1 2 TYR 9   ? B TYR 9   
77  1 Y 1 2 SER 10  ? B SER 10  
78  1 Y 1 2 ASP 11  ? B ASP 11  
79  1 Y 1 2 ARG 12  ? B ARG 12  
80  1 Y 1 2 VAL 13  ? B VAL 13  
81  1 Y 1 2 SER 45  ? B SER 45  
82  1 Y 1 2 GLU 46  ? B GLU 46  
83  1 Y 1 2 ALA 47  ? B ALA 47  
84  1 Y 1 2 ASN 48  ? B ASN 48  
85  1 Y 1 2 PRO 49  ? B PRO 49  
86  1 Y 1 2 VAL 50  ? B VAL 50  
87  1 Y 1 2 ASP 51  ? B ASP 51  
88  1 Y 1 2 GLN 52  ? B GLN 52  
89  1 Y 1 2 PRO 53  ? B PRO 53  
90  1 Y 1 2 THR 54  ? B THR 54  
91  1 Y 1 2 GLU 55  ? B GLU 55  
92  1 Y 1 2 PRO 56  ? B PRO 56  
93  1 Y 1 2 ASP 57  ? B ASP 57  
94  1 Y 1 2 THR 158 ? B THR 158 
95  1 Y 1 2 GLY 159 ? B GLY 159 
96  1 Y 1 2 THR 160 ? B THR 160 
97  1 Y 1 2 PHE 161 ? B PHE 161 
98  1 Y 1 2 THR 162 ? B THR 162 
99  1 Y 1 2 PRO 163 ? B PRO 163 
100 1 Y 1 2 ASP 164 ? B ASP 164 
101 1 Y 1 2 ASN 165 ? B ASN 165 
102 1 Y 1 2 ASN 166 ? B ASN 166 
103 1 Y 1 2 GLN 167 ? B GLN 167 
104 1 Y 1 2 THR 168 ? B THR 168 
105 1 Y 1 2 SER 169 ? B SER 169 
106 1 Y 1 2 PRO 170 ? B PRO 170 
107 1 Y 1 2 ALA 171 ? B ALA 171 
108 1 Y 1 2 ARG 172 ? B ARG 172 
109 1 Y 1 2 ILE 266 ? B ILE 266 
110 1 Y 1 2 THR 267 ? B THR 267 
111 1 Y 1 2 LEU 268 ? B LEU 268 
112 1 Y 1 2 PRO 269 ? B PRO 269 
113 1 Y 1 2 ARG 270 ? B ARG 270 
114 1 Y 1 2 LEU 271 ? B LEU 271 
115 1 Y 1 2 GLN 272 ? B GLN 272 
116 1 Y 1 3 GLU 232 ? C GLU 232 
117 1 Y 1 3 GLN 233 ? C GLN 233 
118 1 Y 1 3 LYS 234 ? C LYS 234 
119 1 Y 1 3 ALA 235 ? C ALA 235 
120 1 Y 1 3 LEU 236 ? C LEU 236 
121 1 Y 1 3 ALA 237 ? C ALA 237 
122 1 Y 1 3 GLN 238 ? C GLN 238 
# 
loop_
_chem_comp_atom.comp_id 
_chem_comp_atom.atom_id 
_chem_comp_atom.type_symbol 
_chem_comp_atom.pdbx_aromatic_flag 
_chem_comp_atom.pdbx_stereo_config 
_chem_comp_atom.pdbx_ordinal 
ALA N    N N N 1   
ALA CA   C N S 2   
ALA C    C N N 3   
ALA O    O N N 4   
ALA CB   C N N 5   
ALA OXT  O N N 6   
ALA H    H N N 7   
ALA H2   H N N 8   
ALA HA   H N N 9   
ALA HB1  H N N 10  
ALA HB2  H N N 11  
ALA HB3  H N N 12  
ALA HXT  H N N 13  
ARG N    N N N 14  
ARG CA   C N S 15  
ARG C    C N N 16  
ARG O    O N N 17  
ARG CB   C N N 18  
ARG CG   C N N 19  
ARG CD   C N N 20  
ARG NE   N N N 21  
ARG CZ   C N N 22  
ARG NH1  N N N 23  
ARG NH2  N N N 24  
ARG OXT  O N N 25  
ARG H    H N N 26  
ARG H2   H N N 27  
ARG HA   H N N 28  
ARG HB2  H N N 29  
ARG HB3  H N N 30  
ARG HG2  H N N 31  
ARG HG3  H N N 32  
ARG HD2  H N N 33  
ARG HD3  H N N 34  
ARG HE   H N N 35  
ARG HH11 H N N 36  
ARG HH12 H N N 37  
ARG HH21 H N N 38  
ARG HH22 H N N 39  
ARG HXT  H N N 40  
ASN N    N N N 41  
ASN CA   C N S 42  
ASN C    C N N 43  
ASN O    O N N 44  
ASN CB   C N N 45  
ASN CG   C N N 46  
ASN OD1  O N N 47  
ASN ND2  N N N 48  
ASN OXT  O N N 49  
ASN H    H N N 50  
ASN H2   H N N 51  
ASN HA   H N N 52  
ASN HB2  H N N 53  
ASN HB3  H N N 54  
ASN HD21 H N N 55  
ASN HD22 H N N 56  
ASN HXT  H N N 57  
ASP N    N N N 58  
ASP CA   C N S 59  
ASP C    C N N 60  
ASP O    O N N 61  
ASP CB   C N N 62  
ASP CG   C N N 63  
ASP OD1  O N N 64  
ASP OD2  O N N 65  
ASP OXT  O N N 66  
ASP H    H N N 67  
ASP H2   H N N 68  
ASP HA   H N N 69  
ASP HB2  H N N 70  
ASP HB3  H N N 71  
ASP HD2  H N N 72  
ASP HXT  H N N 73  
CYS N    N N N 74  
CYS CA   C N R 75  
CYS C    C N N 76  
CYS O    O N N 77  
CYS CB   C N N 78  
CYS SG   S N N 79  
CYS OXT  O N N 80  
CYS H    H N N 81  
CYS H2   H N N 82  
CYS HA   H N N 83  
CYS HB2  H N N 84  
CYS HB3  H N N 85  
CYS HG   H N N 86  
CYS HXT  H N N 87  
GLN N    N N N 88  
GLN CA   C N S 89  
GLN C    C N N 90  
GLN O    O N N 91  
GLN CB   C N N 92  
GLN CG   C N N 93  
GLN CD   C N N 94  
GLN OE1  O N N 95  
GLN NE2  N N N 96  
GLN OXT  O N N 97  
GLN H    H N N 98  
GLN H2   H N N 99  
GLN HA   H N N 100 
GLN HB2  H N N 101 
GLN HB3  H N N 102 
GLN HG2  H N N 103 
GLN HG3  H N N 104 
GLN HE21 H N N 105 
GLN HE22 H N N 106 
GLN HXT  H N N 107 
GLU N    N N N 108 
GLU CA   C N S 109 
GLU C    C N N 110 
GLU O    O N N 111 
GLU CB   C N N 112 
GLU CG   C N N 113 
GLU CD   C N N 114 
GLU OE1  O N N 115 
GLU OE2  O N N 116 
GLU OXT  O N N 117 
GLU H    H N N 118 
GLU H2   H N N 119 
GLU HA   H N N 120 
GLU HB2  H N N 121 
GLU HB3  H N N 122 
GLU HG2  H N N 123 
GLU HG3  H N N 124 
GLU HE2  H N N 125 
GLU HXT  H N N 126 
GLY N    N N N 127 
GLY CA   C N N 128 
GLY C    C N N 129 
GLY O    O N N 130 
GLY OXT  O N N 131 
GLY H    H N N 132 
GLY H2   H N N 133 
GLY HA2  H N N 134 
GLY HA3  H N N 135 
GLY HXT  H N N 136 
HIS N    N N N 137 
HIS CA   C N S 138 
HIS C    C N N 139 
HIS O    O N N 140 
HIS CB   C N N 141 
HIS CG   C Y N 142 
HIS ND1  N Y N 143 
HIS CD2  C Y N 144 
HIS CE1  C Y N 145 
HIS NE2  N Y N 146 
HIS OXT  O N N 147 
HIS H    H N N 148 
HIS H2   H N N 149 
HIS HA   H N N 150 
HIS HB2  H N N 151 
HIS HB3  H N N 152 
HIS HD1  H N N 153 
HIS HD2  H N N 154 
HIS HE1  H N N 155 
HIS HE2  H N N 156 
HIS HXT  H N N 157 
ILE N    N N N 158 
ILE CA   C N S 159 
ILE C    C N N 160 
ILE O    O N N 161 
ILE CB   C N S 162 
ILE CG1  C N N 163 
ILE CG2  C N N 164 
ILE CD1  C N N 165 
ILE OXT  O N N 166 
ILE H    H N N 167 
ILE H2   H N N 168 
ILE HA   H N N 169 
ILE HB   H N N 170 
ILE HG12 H N N 171 
ILE HG13 H N N 172 
ILE HG21 H N N 173 
ILE HG22 H N N 174 
ILE HG23 H N N 175 
ILE HD11 H N N 176 
ILE HD12 H N N 177 
ILE HD13 H N N 178 
ILE HXT  H N N 179 
LEU N    N N N 180 
LEU CA   C N S 181 
LEU C    C N N 182 
LEU O    O N N 183 
LEU CB   C N N 184 
LEU CG   C N N 185 
LEU CD1  C N N 186 
LEU CD2  C N N 187 
LEU OXT  O N N 188 
LEU H    H N N 189 
LEU H2   H N N 190 
LEU HA   H N N 191 
LEU HB2  H N N 192 
LEU HB3  H N N 193 
LEU HG   H N N 194 
LEU HD11 H N N 195 
LEU HD12 H N N 196 
LEU HD13 H N N 197 
LEU HD21 H N N 198 
LEU HD22 H N N 199 
LEU HD23 H N N 200 
LEU HXT  H N N 201 
LYS N    N N N 202 
LYS CA   C N S 203 
LYS C    C N N 204 
LYS O    O N N 205 
LYS CB   C N N 206 
LYS CG   C N N 207 
LYS CD   C N N 208 
LYS CE   C N N 209 
LYS NZ   N N N 210 
LYS OXT  O N N 211 
LYS H    H N N 212 
LYS H2   H N N 213 
LYS HA   H N N 214 
LYS HB2  H N N 215 
LYS HB3  H N N 216 
LYS HG2  H N N 217 
LYS HG3  H N N 218 
LYS HD2  H N N 219 
LYS HD3  H N N 220 
LYS HE2  H N N 221 
LYS HE3  H N N 222 
LYS HZ1  H N N 223 
LYS HZ2  H N N 224 
LYS HZ3  H N N 225 
LYS HXT  H N N 226 
MET N    N N N 227 
MET CA   C N S 228 
MET C    C N N 229 
MET O    O N N 230 
MET CB   C N N 231 
MET CG   C N N 232 
MET SD   S N N 233 
MET CE   C N N 234 
MET OXT  O N N 235 
MET H    H N N 236 
MET H2   H N N 237 
MET HA   H N N 238 
MET HB2  H N N 239 
MET HB3  H N N 240 
MET HG2  H N N 241 
MET HG3  H N N 242 
MET HE1  H N N 243 
MET HE2  H N N 244 
MET HE3  H N N 245 
MET HXT  H N N 246 
PHE N    N N N 247 
PHE CA   C N S 248 
PHE C    C N N 249 
PHE O    O N N 250 
PHE CB   C N N 251 
PHE CG   C Y N 252 
PHE CD1  C Y N 253 
PHE CD2  C Y N 254 
PHE CE1  C Y N 255 
PHE CE2  C Y N 256 
PHE CZ   C Y N 257 
PHE OXT  O N N 258 
PHE H    H N N 259 
PHE H2   H N N 260 
PHE HA   H N N 261 
PHE HB2  H N N 262 
PHE HB3  H N N 263 
PHE HD1  H N N 264 
PHE HD2  H N N 265 
PHE HE1  H N N 266 
PHE HE2  H N N 267 
PHE HZ   H N N 268 
PHE HXT  H N N 269 
PRO N    N N N 270 
PRO CA   C N S 271 
PRO C    C N N 272 
PRO O    O N N 273 
PRO CB   C N N 274 
PRO CG   C N N 275 
PRO CD   C N N 276 
PRO OXT  O N N 277 
PRO H    H N N 278 
PRO HA   H N N 279 
PRO HB2  H N N 280 
PRO HB3  H N N 281 
PRO HG2  H N N 282 
PRO HG3  H N N 283 
PRO HD2  H N N 284 
PRO HD3  H N N 285 
PRO HXT  H N N 286 
SER N    N N N 287 
SER CA   C N S 288 
SER C    C N N 289 
SER O    O N N 290 
SER CB   C N N 291 
SER OG   O N N 292 
SER OXT  O N N 293 
SER H    H N N 294 
SER H2   H N N 295 
SER HA   H N N 296 
SER HB2  H N N 297 
SER HB3  H N N 298 
SER HG   H N N 299 
SER HXT  H N N 300 
THR N    N N N 301 
THR CA   C N S 302 
THR C    C N N 303 
THR O    O N N 304 
THR CB   C N R 305 
THR OG1  O N N 306 
THR CG2  C N N 307 
THR OXT  O N N 308 
THR H    H N N 309 
THR H2   H N N 310 
THR HA   H N N 311 
THR HB   H N N 312 
THR HG1  H N N 313 
THR HG21 H N N 314 
THR HG22 H N N 315 
THR HG23 H N N 316 
THR HXT  H N N 317 
TRP N    N N N 318 
TRP CA   C N S 319 
TRP C    C N N 320 
TRP O    O N N 321 
TRP CB   C N N 322 
TRP CG   C Y N 323 
TRP CD1  C Y N 324 
TRP CD2  C Y N 325 
TRP NE1  N Y N 326 
TRP CE2  C Y N 327 
TRP CE3  C Y N 328 
TRP CZ2  C Y N 329 
TRP CZ3  C Y N 330 
TRP CH2  C Y N 331 
TRP OXT  O N N 332 
TRP H    H N N 333 
TRP H2   H N N 334 
TRP HA   H N N 335 
TRP HB2  H N N 336 
TRP HB3  H N N 337 
TRP HD1  H N N 338 
TRP HE1  H N N 339 
TRP HE3  H N N 340 
TRP HZ2  H N N 341 
TRP HZ3  H N N 342 
TRP HH2  H N N 343 
TRP HXT  H N N 344 
TYR N    N N N 345 
TYR CA   C N S 346 
TYR C    C N N 347 
TYR O    O N N 348 
TYR CB   C N N 349 
TYR CG   C Y N 350 
TYR CD1  C Y N 351 
TYR CD2  C Y N 352 
TYR CE1  C Y N 353 
TYR CE2  C Y N 354 
TYR CZ   C Y N 355 
TYR OH   O N N 356 
TYR OXT  O N N 357 
TYR H    H N N 358 
TYR H2   H N N 359 
TYR HA   H N N 360 
TYR HB2  H N N 361 
TYR HB3  H N N 362 
TYR HD1  H N N 363 
TYR HD2  H N N 364 
TYR HE1  H N N 365 
TYR HE2  H N N 366 
TYR HH   H N N 367 
TYR HXT  H N N 368 
VAL N    N N N 369 
VAL CA   C N S 370 
VAL C    C N N 371 
VAL O    O N N 372 
VAL CB   C N N 373 
VAL CG1  C N N 374 
VAL CG2  C N N 375 
VAL OXT  O N N 376 
VAL H    H N N 377 
VAL H2   H N N 378 
VAL HA   H N N 379 
VAL HB   H N N 380 
VAL HG11 H N N 381 
VAL HG12 H N N 382 
VAL HG13 H N N 383 
VAL HG21 H N N 384 
VAL HG22 H N N 385 
VAL HG23 H N N 386 
VAL HXT  H N N 387 
# 
loop_
_chem_comp_bond.comp_id 
_chem_comp_bond.atom_id_1 
_chem_comp_bond.atom_id_2 
_chem_comp_bond.value_order 
_chem_comp_bond.pdbx_aromatic_flag 
_chem_comp_bond.pdbx_stereo_config 
_chem_comp_bond.pdbx_ordinal 
ALA N   CA   sing N N 1   
ALA N   H    sing N N 2   
ALA N   H2   sing N N 3   
ALA CA  C    sing N N 4   
ALA CA  CB   sing N N 5   
ALA CA  HA   sing N N 6   
ALA C   O    doub N N 7   
ALA C   OXT  sing N N 8   
ALA CB  HB1  sing N N 9   
ALA CB  HB2  sing N N 10  
ALA CB  HB3  sing N N 11  
ALA OXT HXT  sing N N 12  
ARG N   CA   sing N N 13  
ARG N   H    sing N N 14  
ARG N   H2   sing N N 15  
ARG CA  C    sing N N 16  
ARG CA  CB   sing N N 17  
ARG CA  HA   sing N N 18  
ARG C   O    doub N N 19  
ARG C   OXT  sing N N 20  
ARG CB  CG   sing N N 21  
ARG CB  HB2  sing N N 22  
ARG CB  HB3  sing N N 23  
ARG CG  CD   sing N N 24  
ARG CG  HG2  sing N N 25  
ARG CG  HG3  sing N N 26  
ARG CD  NE   sing N N 27  
ARG CD  HD2  sing N N 28  
ARG CD  HD3  sing N N 29  
ARG NE  CZ   sing N N 30  
ARG NE  HE   sing N N 31  
ARG CZ  NH1  sing N N 32  
ARG CZ  NH2  doub N N 33  
ARG NH1 HH11 sing N N 34  
ARG NH1 HH12 sing N N 35  
ARG NH2 HH21 sing N N 36  
ARG NH2 HH22 sing N N 37  
ARG OXT HXT  sing N N 38  
ASN N   CA   sing N N 39  
ASN N   H    sing N N 40  
ASN N   H2   sing N N 41  
ASN CA  C    sing N N 42  
ASN CA  CB   sing N N 43  
ASN CA  HA   sing N N 44  
ASN C   O    doub N N 45  
ASN C   OXT  sing N N 46  
ASN CB  CG   sing N N 47  
ASN CB  HB2  sing N N 48  
ASN CB  HB3  sing N N 49  
ASN CG  OD1  doub N N 50  
ASN CG  ND2  sing N N 51  
ASN ND2 HD21 sing N N 52  
ASN ND2 HD22 sing N N 53  
ASN OXT HXT  sing N N 54  
ASP N   CA   sing N N 55  
ASP N   H    sing N N 56  
ASP N   H2   sing N N 57  
ASP CA  C    sing N N 58  
ASP CA  CB   sing N N 59  
ASP CA  HA   sing N N 60  
ASP C   O    doub N N 61  
ASP C   OXT  sing N N 62  
ASP CB  CG   sing N N 63  
ASP CB  HB2  sing N N 64  
ASP CB  HB3  sing N N 65  
ASP CG  OD1  doub N N 66  
ASP CG  OD2  sing N N 67  
ASP OD2 HD2  sing N N 68  
ASP OXT HXT  sing N N 69  
CYS N   CA   sing N N 70  
CYS N   H    sing N N 71  
CYS N   H2   sing N N 72  
CYS CA  C    sing N N 73  
CYS CA  CB   sing N N 74  
CYS CA  HA   sing N N 75  
CYS C   O    doub N N 76  
CYS C   OXT  sing N N 77  
CYS CB  SG   sing N N 78  
CYS CB  HB2  sing N N 79  
CYS CB  HB3  sing N N 80  
CYS SG  HG   sing N N 81  
CYS OXT HXT  sing N N 82  
GLN N   CA   sing N N 83  
GLN N   H    sing N N 84  
GLN N   H2   sing N N 85  
GLN CA  C    sing N N 86  
GLN CA  CB   sing N N 87  
GLN CA  HA   sing N N 88  
GLN C   O    doub N N 89  
GLN C   OXT  sing N N 90  
GLN CB  CG   sing N N 91  
GLN CB  HB2  sing N N 92  
GLN CB  HB3  sing N N 93  
GLN CG  CD   sing N N 94  
GLN CG  HG2  sing N N 95  
GLN CG  HG3  sing N N 96  
GLN CD  OE1  doub N N 97  
GLN CD  NE2  sing N N 98  
GLN NE2 HE21 sing N N 99  
GLN NE2 HE22 sing N N 100 
GLN OXT HXT  sing N N 101 
GLU N   CA   sing N N 102 
GLU N   H    sing N N 103 
GLU N   H2   sing N N 104 
GLU CA  C    sing N N 105 
GLU CA  CB   sing N N 106 
GLU CA  HA   sing N N 107 
GLU C   O    doub N N 108 
GLU C   OXT  sing N N 109 
GLU CB  CG   sing N N 110 
GLU CB  HB2  sing N N 111 
GLU CB  HB3  sing N N 112 
GLU CG  CD   sing N N 113 
GLU CG  HG2  sing N N 114 
GLU CG  HG3  sing N N 115 
GLU CD  OE1  doub N N 116 
GLU CD  OE2  sing N N 117 
GLU OE2 HE2  sing N N 118 
GLU OXT HXT  sing N N 119 
GLY N   CA   sing N N 120 
GLY N   H    sing N N 121 
GLY N   H2   sing N N 122 
GLY CA  C    sing N N 123 
GLY CA  HA2  sing N N 124 
GLY CA  HA3  sing N N 125 
GLY C   O    doub N N 126 
GLY C   OXT  sing N N 127 
GLY OXT HXT  sing N N 128 
HIS N   CA   sing N N 129 
HIS N   H    sing N N 130 
HIS N   H2   sing N N 131 
HIS CA  C    sing N N 132 
HIS CA  CB   sing N N 133 
HIS CA  HA   sing N N 134 
HIS C   O    doub N N 135 
HIS C   OXT  sing N N 136 
HIS CB  CG   sing N N 137 
HIS CB  HB2  sing N N 138 
HIS CB  HB3  sing N N 139 
HIS CG  ND1  sing Y N 140 
HIS CG  CD2  doub Y N 141 
HIS ND1 CE1  doub Y N 142 
HIS ND1 HD1  sing N N 143 
HIS CD2 NE2  sing Y N 144 
HIS CD2 HD2  sing N N 145 
HIS CE1 NE2  sing Y N 146 
HIS CE1 HE1  sing N N 147 
HIS NE2 HE2  sing N N 148 
HIS OXT HXT  sing N N 149 
ILE N   CA   sing N N 150 
ILE N   H    sing N N 151 
ILE N   H2   sing N N 152 
ILE CA  C    sing N N 153 
ILE CA  CB   sing N N 154 
ILE CA  HA   sing N N 155 
ILE C   O    doub N N 156 
ILE C   OXT  sing N N 157 
ILE CB  CG1  sing N N 158 
ILE CB  CG2  sing N N 159 
ILE CB  HB   sing N N 160 
ILE CG1 CD1  sing N N 161 
ILE CG1 HG12 sing N N 162 
ILE CG1 HG13 sing N N 163 
ILE CG2 HG21 sing N N 164 
ILE CG2 HG22 sing N N 165 
ILE CG2 HG23 sing N N 166 
ILE CD1 HD11 sing N N 167 
ILE CD1 HD12 sing N N 168 
ILE CD1 HD13 sing N N 169 
ILE OXT HXT  sing N N 170 
LEU N   CA   sing N N 171 
LEU N   H    sing N N 172 
LEU N   H2   sing N N 173 
LEU CA  C    sing N N 174 
LEU CA  CB   sing N N 175 
LEU CA  HA   sing N N 176 
LEU C   O    doub N N 177 
LEU C   OXT  sing N N 178 
LEU CB  CG   sing N N 179 
LEU CB  HB2  sing N N 180 
LEU CB  HB3  sing N N 181 
LEU CG  CD1  sing N N 182 
LEU CG  CD2  sing N N 183 
LEU CG  HG   sing N N 184 
LEU CD1 HD11 sing N N 185 
LEU CD1 HD12 sing N N 186 
LEU CD1 HD13 sing N N 187 
LEU CD2 HD21 sing N N 188 
LEU CD2 HD22 sing N N 189 
LEU CD2 HD23 sing N N 190 
LEU OXT HXT  sing N N 191 
LYS N   CA   sing N N 192 
LYS N   H    sing N N 193 
LYS N   H2   sing N N 194 
LYS CA  C    sing N N 195 
LYS CA  CB   sing N N 196 
LYS CA  HA   sing N N 197 
LYS C   O    doub N N 198 
LYS C   OXT  sing N N 199 
LYS CB  CG   sing N N 200 
LYS CB  HB2  sing N N 201 
LYS CB  HB3  sing N N 202 
LYS CG  CD   sing N N 203 
LYS CG  HG2  sing N N 204 
LYS CG  HG3  sing N N 205 
LYS CD  CE   sing N N 206 
LYS CD  HD2  sing N N 207 
LYS CD  HD3  sing N N 208 
LYS CE  NZ   sing N N 209 
LYS CE  HE2  sing N N 210 
LYS CE  HE3  sing N N 211 
LYS NZ  HZ1  sing N N 212 
LYS NZ  HZ2  sing N N 213 
LYS NZ  HZ3  sing N N 214 
LYS OXT HXT  sing N N 215 
MET N   CA   sing N N 216 
MET N   H    sing N N 217 
MET N   H2   sing N N 218 
MET CA  C    sing N N 219 
MET CA  CB   sing N N 220 
MET CA  HA   sing N N 221 
MET C   O    doub N N 222 
MET C   OXT  sing N N 223 
MET CB  CG   sing N N 224 
MET CB  HB2  sing N N 225 
MET CB  HB3  sing N N 226 
MET CG  SD   sing N N 227 
MET CG  HG2  sing N N 228 
MET CG  HG3  sing N N 229 
MET SD  CE   sing N N 230 
MET CE  HE1  sing N N 231 
MET CE  HE2  sing N N 232 
MET CE  HE3  sing N N 233 
MET OXT HXT  sing N N 234 
PHE N   CA   sing N N 235 
PHE N   H    sing N N 236 
PHE N   H2   sing N N 237 
PHE CA  C    sing N N 238 
PHE CA  CB   sing N N 239 
PHE CA  HA   sing N N 240 
PHE C   O    doub N N 241 
PHE C   OXT  sing N N 242 
PHE CB  CG   sing N N 243 
PHE CB  HB2  sing N N 244 
PHE CB  HB3  sing N N 245 
PHE CG  CD1  doub Y N 246 
PHE CG  CD2  sing Y N 247 
PHE CD1 CE1  sing Y N 248 
PHE CD1 HD1  sing N N 249 
PHE CD2 CE2  doub Y N 250 
PHE CD2 HD2  sing N N 251 
PHE CE1 CZ   doub Y N 252 
PHE CE1 HE1  sing N N 253 
PHE CE2 CZ   sing Y N 254 
PHE CE2 HE2  sing N N 255 
PHE CZ  HZ   sing N N 256 
PHE OXT HXT  sing N N 257 
PRO N   CA   sing N N 258 
PRO N   CD   sing N N 259 
PRO N   H    sing N N 260 
PRO CA  C    sing N N 261 
PRO CA  CB   sing N N 262 
PRO CA  HA   sing N N 263 
PRO C   O    doub N N 264 
PRO C   OXT  sing N N 265 
PRO CB  CG   sing N N 266 
PRO CB  HB2  sing N N 267 
PRO CB  HB3  sing N N 268 
PRO CG  CD   sing N N 269 
PRO CG  HG2  sing N N 270 
PRO CG  HG3  sing N N 271 
PRO CD  HD2  sing N N 272 
PRO CD  HD3  sing N N 273 
PRO OXT HXT  sing N N 274 
SER N   CA   sing N N 275 
SER N   H    sing N N 276 
SER N   H2   sing N N 277 
SER CA  C    sing N N 278 
SER CA  CB   sing N N 279 
SER CA  HA   sing N N 280 
SER C   O    doub N N 281 
SER C   OXT  sing N N 282 
SER CB  OG   sing N N 283 
SER CB  HB2  sing N N 284 
SER CB  HB3  sing N N 285 
SER OG  HG   sing N N 286 
SER OXT HXT  sing N N 287 
THR N   CA   sing N N 288 
THR N   H    sing N N 289 
THR N   H2   sing N N 290 
THR CA  C    sing N N 291 
THR CA  CB   sing N N 292 
THR CA  HA   sing N N 293 
THR C   O    doub N N 294 
THR C   OXT  sing N N 295 
THR CB  OG1  sing N N 296 
THR CB  CG2  sing N N 297 
THR CB  HB   sing N N 298 
THR OG1 HG1  sing N N 299 
THR CG2 HG21 sing N N 300 
THR CG2 HG22 sing N N 301 
THR CG2 HG23 sing N N 302 
THR OXT HXT  sing N N 303 
TRP N   CA   sing N N 304 
TRP N   H    sing N N 305 
TRP N   H2   sing N N 306 
TRP CA  C    sing N N 307 
TRP CA  CB   sing N N 308 
TRP CA  HA   sing N N 309 
TRP C   O    doub N N 310 
TRP C   OXT  sing N N 311 
TRP CB  CG   sing N N 312 
TRP CB  HB2  sing N N 313 
TRP CB  HB3  sing N N 314 
TRP CG  CD1  doub Y N 315 
TRP CG  CD2  sing Y N 316 
TRP CD1 NE1  sing Y N 317 
TRP CD1 HD1  sing N N 318 
TRP CD2 CE2  doub Y N 319 
TRP CD2 CE3  sing Y N 320 
TRP NE1 CE2  sing Y N 321 
TRP NE1 HE1  sing N N 322 
TRP CE2 CZ2  sing Y N 323 
TRP CE3 CZ3  doub Y N 324 
TRP CE3 HE3  sing N N 325 
TRP CZ2 CH2  doub Y N 326 
TRP CZ2 HZ2  sing N N 327 
TRP CZ3 CH2  sing Y N 328 
TRP CZ3 HZ3  sing N N 329 
TRP CH2 HH2  sing N N 330 
TRP OXT HXT  sing N N 331 
TYR N   CA   sing N N 332 
TYR N   H    sing N N 333 
TYR N   H2   sing N N 334 
TYR CA  C    sing N N 335 
TYR CA  CB   sing N N 336 
TYR CA  HA   sing N N 337 
TYR C   O    doub N N 338 
TYR C   OXT  sing N N 339 
TYR CB  CG   sing N N 340 
TYR CB  HB2  sing N N 341 
TYR CB  HB3  sing N N 342 
TYR CG  CD1  doub Y N 343 
TYR CG  CD2  sing Y N 344 
TYR CD1 CE1  sing Y N 345 
TYR CD1 HD1  sing N N 346 
TYR CD2 CE2  doub Y N 347 
TYR CD2 HD2  sing N N 348 
TYR CE1 CZ   doub Y N 349 
TYR CE1 HE1  sing N N 350 
TYR CE2 CZ   sing Y N 351 
TYR CE2 HE2  sing N N 352 
TYR CZ  OH   sing N N 353 
TYR OH  HH   sing N N 354 
TYR OXT HXT  sing N N 355 
VAL N   CA   sing N N 356 
VAL N   H    sing N N 357 
VAL N   H2   sing N N 358 
VAL CA  C    sing N N 359 
VAL CA  CB   sing N N 360 
VAL CA  HA   sing N N 361 
VAL C   O    doub N N 362 
VAL C   OXT  sing N N 363 
VAL CB  CG1  sing N N 364 
VAL CB  CG2  sing N N 365 
VAL CB  HB   sing N N 366 
VAL CG1 HG11 sing N N 367 
VAL CG1 HG12 sing N N 368 
VAL CG1 HG13 sing N N 369 
VAL CG2 HG21 sing N N 370 
VAL CG2 HG22 sing N N 371 
VAL CG2 HG23 sing N N 372 
VAL OXT HXT  sing N N 373 
# 
_em_ctf_correction.id        1 
_em_ctf_correction.details   'Each micrograph' 
_em_ctf_correction.type      . 
# 
loop_
_em_entity_assembly_molwt.entity_assembly_id 
_em_entity_assembly_molwt.id 
_em_entity_assembly_molwt.experimental_flag 
_em_entity_assembly_molwt.value 
_em_entity_assembly_molwt.units 
1 1 YES 8.6 MEGADALTONS 
1 2 NO  9   MEGADALTONS 
# 
_em_image_processing.id                   1 
_em_image_processing.image_recording_id   1 
_em_image_processing.details              ? 
# 
_em_image_recording.avg_electron_dose_per_image   15 
_em_image_recording.details                       ? 
_em_image_recording.id                            1 
_em_image_recording.film_or_detector_model        'TVIPS TEMCAM-F415 (4k x 4k)' 
_em_image_recording.imaging_id                    1 
_em_image_recording.detector_mode                 ? 
_em_image_recording.average_exposure_time         ? 
_em_image_recording.num_diffraction_images        ? 
_em_image_recording.num_grids_imaged              ? 
_em_image_recording.num_real_images               ? 
# 
loop_
_em_software.id 
_em_software.name 
_em_software.version 
_em_software.category 
_em_software.details 
_em_software.image_processing_id 
1 Coot     ? 'MODEL FITTING' ? ? 
2 REFMAC   ? 'MODEL FITTING' ? ? 
3 FREALIGN ? RECONSTRUCTION  ? 1 
# 
_em_specimen.experiment_id           1 
_em_specimen.id                      1 
_em_specimen.concentration           0.3 
_em_specimen.vitrification_applied   YES 
_em_specimen.staining_applied        NO 
_em_specimen.embedding_applied       NO 
_em_specimen.shadowing_applied       NO 
_em_specimen.details                 ? 
# 
_em_virus_natural_host.entity_assembly_id   1 
_em_virus_natural_host.id                   1 
_em_virus_natural_host.ncbi_tax_id          9606 
_em_virus_natural_host.organism             'Homo sapiens' 
_em_virus_natural_host.strain               ? 
# 
loop_
_pdbx_coordinate_model.asym_id 
_pdbx_coordinate_model.type 
A 'CA ATOMS ONLY' 
B 'CA ATOMS ONLY' 
C 'CA ATOMS ONLY' 
# 
_pdbx_initial_refinement_model.id               1 
_pdbx_initial_refinement_model.type             'experimental model' 
_pdbx_initial_refinement_model.source_name      PDB 
_pdbx_initial_refinement_model.accession_code   1POV 
# 
_atom_sites.entry_id                    3J48 
_atom_sites.fract_transf_matrix[1][1]   1.000000 
_atom_sites.fract_transf_matrix[1][2]   0.000000 
_atom_sites.fract_transf_matrix[1][3]   0.000000 
_atom_sites.fract_transf_matrix[2][1]   0.000000 
_atom_sites.fract_transf_matrix[2][2]   1.000000 
_atom_sites.fract_transf_matrix[2][3]   0.000000 
_atom_sites.fract_transf_matrix[3][1]   0.000000 
_atom_sites.fract_transf_matrix[3][2]   0.000000 
_atom_sites.fract_transf_matrix[3][3]   1.000000 
_atom_sites.fract_transf_vector[1]      0.00000 
_atom_sites.fract_transf_vector[2]      0.00000 
_atom_sites.fract_transf_vector[3]      0.00000 
# 
_atom_type.symbol   C 
# 
loop_
_atom_site.group_PDB 
_atom_site.id 
_atom_site.type_symbol 
_atom_site.label_atom_id 
_atom_site.label_alt_id 
_atom_site.label_comp_id 
_atom_site.label_asym_id 
_atom_site.label_entity_id 
_atom_site.label_seq_id 
_atom_site.pdbx_PDB_ins_code 
_atom_site.Cartn_x 
_atom_site.Cartn_y 
_atom_site.Cartn_z 
_atom_site.occupancy 
_atom_site.B_iso_or_equiv 
_atom_site.pdbx_formal_charge 
_atom_site.auth_seq_id 
_atom_site.auth_comp_id 
_atom_site.auth_asym_id 
_atom_site.auth_atom_id 
_atom_site.pdbx_PDB_model_num 
ATOM 1   C CA . ALA A 1 51  ? 6.092   -45.438 24.042  0.33 10.00 ? 51  ALA 1 CA 1 
ATOM 2   C CA . THR A 1 52  ? 3.571   -43.275 22.170  0.33 10.00 ? 52  THR 1 CA 1 
ATOM 3   C CA . ASN A 1 53  ? 3.731   -43.794 18.403  0.33 10.00 ? 53  ASN 1 CA 1 
ATOM 4   C CA . PRO A 1 54  ? 3.545   -40.135 17.640  0.33 10.00 ? 54  PRO 1 CA 1 
ATOM 5   C CA . LEU A 1 55  ? 5.105   -37.463 15.437  0.33 10.00 ? 55  LEU 1 CA 1 
ATOM 6   C CA . VAL A 1 56  ? 4.974   -35.418 18.623  0.33 10.00 ? 56  VAL 1 CA 1 
ATOM 7   C CA . PRO A 1 57  ? 5.527   -31.681 18.213  0.33 10.00 ? 57  PRO 1 CA 1 
ATOM 8   C CA . SER A 1 58  ? 1.973   -30.967 16.992  0.33 10.00 ? 58  SER 1 CA 1 
ATOM 9   C CA . ASP A 1 59  ? 3.951   -29.219 14.256  0.50 10.00 ? 59  ASP 1 CA 1 
ATOM 10  C CA . THR A 1 60  ? 5.518   -25.947 15.513  0.50 10.00 ? 60  THR 1 CA 1 
ATOM 11  C CA . VAL A 1 61  ? 7.911   -28.612 14.304  0.50 10.00 ? 61  VAL 1 CA 1 
ATOM 12  C CA . GLN A 1 62  ? 11.580  -28.060 13.681  0.50 10.00 ? 62  GLN 1 CA 1 
ATOM 13  C CA . THR A 1 63  ? 11.048  -30.432 11.718  0.50 10.00 ? 63  THR 1 CA 1 
ATOM 14  C CA . ARG A 1 64  ? 12.335  -29.199 8.291   0.50 10.00 ? 64  ARG 1 CA 1 
ATOM 15  C CA . HIS A 1 65  ? 13.870  -26.444 6.083   0.50 10.00 ? 65  HIS 1 CA 1 
ATOM 16  C CA . VAL A 1 66  ? 15.946  -25.343 3.068   0.50 10.00 ? 66  VAL 1 CA 1 
ATOM 17  C CA . VAL A 1 67  ? 18.123  -22.779 4.708   0.50 10.00 ? 67  VAL 1 CA 1 
ATOM 18  C CA . GLN A 1 68  ? 19.023  -21.430 1.311   0.50 10.00 ? 68  GLN 1 CA 1 
ATOM 19  C CA . HIS A 1 69  ? 20.223  -18.188 -0.435  0.50 10.00 ? 69  HIS 1 CA 1 
ATOM 20  C CA . ARG A 1 70  ? 19.211  -17.439 -3.985  0.50 10.00 ? 70  ARG 1 CA 1 
ATOM 21  C CA . SER A 1 71  ? 19.525  -14.078 -5.737  0.50 10.00 ? 71  SER 1 CA 1 
ATOM 22  C CA . ARG A 1 72  ? 17.583  -10.933 -4.775  0.50 10.00 ? 72  ARG 1 CA 1 
ATOM 23  C CA . SER A 1 73  ? 14.033  -12.371 -10.569 1.00 10.00 ? 73  SER 1 CA 1 
ATOM 24  C CA . GLU A 1 74  ? 10.659  -13.981 -9.940  1.00 10.00 ? 74  GLU 1 CA 1 
ATOM 25  C CA . SER A 1 75  ? 9.890   -11.191 -7.506  1.00 10.00 ? 75  SER 1 CA 1 
ATOM 26  C CA . SER A 1 76  ? 10.653  -8.370  -9.879  1.00 10.00 ? 76  SER 1 CA 1 
ATOM 27  C CA . ILE A 1 77  ? 7.601   -6.112  -10.515 1.00 10.00 ? 77  ILE 1 CA 1 
ATOM 28  C CA . GLU A 1 78  ? 7.109   -7.688  -13.969 1.00 10.00 ? 78  GLU 1 CA 1 
ATOM 29  C CA . SER A 1 79  ? 7.425   -11.247 -12.749 1.00 10.00 ? 79  SER 1 CA 1 
ATOM 30  C CA . PHE A 1 80  ? 5.019   -10.445 -9.928  1.00 10.00 ? 80  PHE 1 CA 1 
ATOM 31  C CA . PHE A 1 81  ? 2.318   -9.347  -12.354 1.00 10.00 ? 81  PHE 1 CA 1 
ATOM 32  C CA . ALA A 1 82  ? 3.313   -11.611 -15.267 1.00 10.00 ? 82  ALA 1 CA 1 
ATOM 33  C CA . ARG A 1 83  ? 0.000   -13.439 -15.188 1.00 10.00 ? 83  ARG 1 CA 1 
ATOM 34  C CA . GLY A 1 84  ? -3.439  -13.081 -16.741 1.00 10.00 ? 84  GLY 1 CA 1 
ATOM 35  C CA . ALA A 1 85  ? -6.093  -12.415 -14.103 1.00 10.00 ? 85  ALA 1 CA 1 
ATOM 36  C CA . CYS A 1 86  ? -9.890  -12.573 -14.387 1.00 10.00 ? 86  CYS 1 CA 1 
ATOM 37  C CA . VAL A 1 87  ? -11.119 -8.995  -14.165 1.00 10.00 ? 87  VAL 1 CA 1 
ATOM 38  C CA . THR A 1 88  ? -14.710 -9.750  -15.234 1.00 10.00 ? 88  THR 1 CA 1 
ATOM 39  C CA . ILE A 1 89  ? -17.315 -12.168 -16.586 1.00 10.00 ? 89  ILE 1 CA 1 
ATOM 40  C CA . MET A 1 90  ? -19.671 -10.866 -19.292 1.00 10.00 ? 90  MET 1 CA 1 
ATOM 41  C CA . THR A 1 91  ? -22.956 -12.569 -20.175 1.00 10.00 ? 91  THR 1 CA 1 
ATOM 42  C CA . VAL A 1 92  ? -24.650 -12.468 -23.517 1.00 10.00 ? 92  VAL 1 CA 1 
ATOM 43  C CA . ASP A 1 93  ? -27.141 -14.604 -25.389 1.00 10.00 ? 93  ASP 1 CA 1 
ATOM 44  C CA . ASN A 1 94  ? -28.914 -15.438 -28.608 1.00 10.00 ? 94  ASN 1 CA 1 
ATOM 45  C CA . PRO A 1 95  ? -32.642 -16.180 -28.181 1.00 10.00 ? 95  PRO 1 CA 1 
ATOM 46  C CA . ALA A 1 96  ? -32.848 -13.993 -30.348 1.00 10.00 ? 96  ALA 1 CA 1 
ATOM 47  C CA . SER A 1 97  ? -36.218 -12.457 -29.359 1.00 10.00 ? 97  SER 1 CA 1 
ATOM 48  C CA . THR A 1 98  ? -37.525 -15.549 -27.314 1.00 10.00 ? 98  THR 1 CA 1 
ATOM 49  C CA . THR A 1 99  ? -36.464 -14.128 -23.773 1.00 10.00 ? 99  THR 1 CA 1 
ATOM 50  C CA . ASN A 1 100 ? -36.527 -10.249 -24.446 1.00 10.00 ? 100 ASN 1 CA 1 
ATOM 51  C CA . LYS A 1 101 ? -33.610 -9.467  -22.062 1.00 10.00 ? 101 LYS 1 CA 1 
ATOM 52  C CA . ASP A 1 102 ? -32.265 -8.551  -25.602 1.00 10.00 ? 102 ASP 1 CA 1 
ATOM 53  C CA . LYS A 1 103 ? -30.229 -11.502 -27.063 1.00 10.00 ? 103 LYS 1 CA 1 
ATOM 54  C CA . LEU A 1 104 ? -29.111 -9.967  -24.583 1.00 10.00 ? 104 LEU 1 CA 1 
ATOM 55  C CA . PHE A 1 105 ? -25.943 -8.048  -25.245 1.00 10.00 ? 105 PHE 1 CA 1 
ATOM 56  C CA . ALA A 1 106 ? -23.298 -7.155  -22.674 1.00 10.00 ? 106 ALA 1 CA 1 
ATOM 57  C CA . VAL A 1 107 ? -22.026 -3.727  -21.661 1.00 10.00 ? 107 VAL 1 CA 1 
ATOM 58  C CA . TRP A 1 108 ? -19.125 -3.712  -19.181 1.00 10.00 ? 108 TRP 1 CA 1 
ATOM 59  C CA . LYS A 1 109 ? -17.405 -0.698  -17.764 1.00 10.00 ? 109 LYS 1 CA 1 
ATOM 60  C CA . ILE A 1 110 ? -13.661 -1.367  -17.833 1.00 10.00 ? 110 ILE 1 CA 1 
ATOM 61  C CA . THR A 1 111 ? -12.016 -1.648  -14.436 1.00 10.00 ? 111 THR 1 CA 1 
ATOM 62  C CA . TYR A 1 112 ? -9.669  -3.741  -12.306 1.00 10.00 ? 112 TYR 1 CA 1 
ATOM 63  C CA . LYS A 1 113 ? -11.964 -3.472  -9.303  1.00 10.00 ? 113 LYS 1 CA 1 
ATOM 64  C CA . ASP A 1 114 ? -14.812 -5.897  -9.969  1.00 10.00 ? 114 ASP 1 CA 1 
ATOM 65  C CA . THR A 1 115 ? -12.713 -8.840  -8.848  1.00 10.00 ? 115 THR 1 CA 1 
ATOM 66  C CA . VAL A 1 116 ? -10.397 -8.887  -5.798  1.00 10.00 ? 116 VAL 1 CA 1 
ATOM 67  C CA . GLN A 1 117 ? -7.081  -10.575 -6.567  1.00 10.00 ? 117 GLN 1 CA 1 
ATOM 68  C CA . LEU A 1 118 ? -5.460  -8.419  -9.265  1.00 10.00 ? 118 LEU 1 CA 1 
ATOM 69  C CA . ARG A 1 119 ? -6.812  -5.400  -7.335  1.00 10.00 ? 119 ARG 1 CA 1 
ATOM 70  C CA . ARG A 1 120 ? -5.040  -6.312  -4.071  1.00 10.00 ? 120 ARG 1 CA 1 
ATOM 71  C CA . LYS A 1 121 ? -1.793  -6.870  -5.964  1.00 10.00 ? 121 LYS 1 CA 1 
ATOM 72  C CA . LEU A 1 122 ? -1.935  -3.531  -7.812  1.00 10.00 ? 122 LEU 1 CA 1 
ATOM 73  C CA . GLU A 1 123 ? -2.837  -1.727  -4.612  1.00 10.00 ? 123 GLU 1 CA 1 
ATOM 74  C CA . PHE A 1 124 ? 0.552   -2.570  -3.109  1.00 10.00 ? 124 PHE 1 CA 1 
ATOM 75  C CA . PHE A 1 125 ? 1.361   0.613   -5.027  1.00 10.00 ? 125 PHE 1 CA 1 
ATOM 76  C CA . THR A 1 126 ? -0.050  4.153   -5.329  1.00 10.00 ? 126 THR 1 CA 1 
ATOM 77  C CA . TYR A 1 127 ? 0.778   4.860   -8.946  1.00 10.00 ? 127 TYR 1 CA 1 
ATOM 78  C CA . SER A 1 128 ? 1.434   2.549   -11.890 1.00 10.00 ? 128 SER 1 CA 1 
ATOM 79  C CA . ARG A 1 129 ? 2.353   2.637   -15.534 1.00 10.00 ? 129 ARG 1 CA 1 
ATOM 80  C CA . PHE A 1 130 ? 1.885   -0.256  -17.971 1.00 10.00 ? 130 PHE 1 CA 1 
ATOM 81  C CA . ASP A 1 131 ? 1.012   -1.558  -21.411 1.00 10.00 ? 131 ASP 1 CA 1 
ATOM 82  C CA . MET A 1 132 ? -1.900  -3.948  -21.081 1.00 10.00 ? 132 MET 1 CA 1 
ATOM 83  C CA . GLU A 1 133 ? -2.824  -7.366  -22.471 1.00 10.00 ? 133 GLU 1 CA 1 
ATOM 84  C CA . LEU A 1 134 ? -6.409  -8.585  -22.625 1.00 10.00 ? 134 LEU 1 CA 1 
ATOM 85  C CA . THR A 1 135 ? -7.317  -12.207 -23.296 1.00 10.00 ? 135 THR 1 CA 1 
ATOM 86  C CA . PHE A 1 136 ? -10.842 -13.455 -23.845 1.00 10.00 ? 136 PHE 1 CA 1 
ATOM 87  C CA . VAL A 1 137 ? -12.193 -16.863 -22.907 1.00 10.00 ? 137 VAL 1 CA 1 
ATOM 88  C CA . VAL A 1 138 ? -15.573 -17.586 -24.390 1.00 10.00 ? 138 VAL 1 CA 1 
ATOM 89  C CA . THR A 1 139 ? -17.822 -20.432 -23.334 1.00 10.00 ? 139 THR 1 CA 1 
ATOM 90  C CA . ALA A 1 140 ? -21.395 -21.262 -24.319 1.00 10.00 ? 140 ALA 1 CA 1 
ATOM 91  C CA . ASN A 1 141 ? -24.230 -23.585 -23.389 1.00 10.00 ? 141 ASN 1 CA 1 
ATOM 92  C CA . PHE A 1 142 ? -27.814 -24.656 -23.816 1.00 10.00 ? 142 PHE 1 CA 1 
ATOM 93  C CA . THR A 1 143 ? -30.522 -23.120 -21.643 1.00 10.00 ? 143 THR 1 CA 1 
ATOM 94  C CA . GLU A 1 144 ? -33.606 -25.276 -22.309 1.00 10.00 ? 144 GLU 1 CA 1 
ATOM 95  C CA . THR A 1 145 ? -34.387 -29.042 -22.486 1.00 10.00 ? 145 THR 1 CA 1 
ATOM 96  C CA . ASN A 1 146 ? -35.278 -28.429 -26.092 1.00 10.00 ? 146 ASN 1 CA 1 
ATOM 97  C CA . ASN A 1 147 ? -33.077 -31.006 -27.840 1.00 10.00 ? 147 ASN 1 CA 1 
ATOM 98  C CA . GLY A 1 148 ? -32.752 -28.679 -30.874 1.00 10.00 ? 148 GLY 1 CA 1 
ATOM 99  C CA . HIS A 1 149 ? -29.411 -27.110 -32.021 1.00 10.00 ? 149 HIS 1 CA 1 
ATOM 100 C CA . ALA A 1 150 ? -27.374 -24.087 -33.068 1.00 10.00 ? 150 ALA 1 CA 1 
ATOM 101 C CA . LEU A 1 151 ? -24.656 -23.404 -35.625 1.00 10.00 ? 151 LEU 1 CA 1 
ATOM 102 C CA . ASN A 1 152 ? -21.314 -21.985 -34.491 1.00 10.00 ? 152 ASN 1 CA 1 
ATOM 103 C CA . GLN A 1 153 ? -21.406 -18.560 -32.946 1.00 10.00 ? 153 GLN 1 CA 1 
ATOM 104 C CA . VAL A 1 154 ? -19.446 -15.503 -33.814 1.00 10.00 ? 154 VAL 1 CA 1 
ATOM 105 C CA . TYR A 1 155 ? -18.964 -12.850 -31.156 1.00 10.00 ? 155 TYR 1 CA 1 
ATOM 106 C CA . GLN A 1 156 ? -18.290 -9.152  -31.547 1.00 10.00 ? 156 GLN 1 CA 1 
ATOM 107 C CA . ILE A 1 157 ? -15.736 -7.609  -27.692 1.00 10.00 ? 157 ILE 1 CA 1 
ATOM 108 C CA . MET A 1 158 ? -15.733 -3.917  -28.470 1.00 10.00 ? 158 MET 1 CA 1 
ATOM 109 C CA . TYR A 1 159 ? -13.609 -1.336  -26.718 1.00 10.00 ? 159 TYR 1 CA 1 
ATOM 110 C CA . VAL A 1 160 ? -15.476 1.970   -26.323 1.00 10.00 ? 160 VAL 1 CA 1 
ATOM 111 C CA . PRO A 1 161 ? -13.002 4.735   -25.393 1.00 10.00 ? 161 PRO 1 CA 1 
ATOM 112 C CA . PRO A 1 162 ? -14.154 7.767   -23.353 1.00 10.00 ? 162 PRO 1 CA 1 
ATOM 113 C CA . GLY A 1 163 ? -16.073 9.901   -25.812 1.00 10.00 ? 163 GLY 1 CA 1 
ATOM 114 C CA . ALA A 1 164 ? -17.269 7.300   -28.233 1.00 10.00 ? 164 ALA 1 CA 1 
ATOM 115 C CA . PRO A 1 165 ? -20.927 6.211   -28.634 1.00 10.00 ? 165 PRO 1 CA 1 
ATOM 116 C CA . VAL A 1 166 ? -21.874 3.584   -26.053 1.00 10.00 ? 166 VAL 1 CA 1 
ATOM 117 C CA . PRO A 1 167 ? -24.127 0.839   -27.389 1.00 10.00 ? 167 PRO 1 CA 1 
ATOM 118 C CA . GLU A 1 168 ? -27.736 0.826   -26.311 1.00 10.00 ? 168 GLU 1 CA 1 
ATOM 119 C CA . LYS A 1 169 ? -28.687 -2.368  -28.094 1.00 10.00 ? 169 LYS 1 CA 1 
ATOM 120 C CA . TRP A 1 170 ? -27.133 -5.693  -29.146 1.00 10.00 ? 170 TRP 1 CA 1 
ATOM 121 C CA . ASP A 1 171 ? -28.335 -4.518  -32.554 1.00 10.00 ? 171 ASP 1 CA 1 
ATOM 122 C CA . ASP A 1 172 ? -27.243 -0.938  -33.070 1.00 10.00 ? 172 ASP 1 CA 1 
ATOM 123 C CA . TYR A 1 173 ? -24.901 1.062   -35.293 1.00 10.00 ? 173 TYR 1 CA 1 
ATOM 124 C CA . THR A 1 174 ? -22.170 1.426   -32.688 1.00 10.00 ? 174 THR 1 CA 1 
ATOM 125 C CA . TRP A 1 175 ? -21.160 -2.187  -33.352 1.00 10.00 ? 175 TRP 1 CA 1 
ATOM 126 C CA . GLN A 1 176 ? -20.072 -1.248  -36.909 1.00 10.00 ? 176 GLN 1 CA 1 
ATOM 127 C CA . THR A 1 177 ? -16.856 -0.464  -35.032 1.00 10.00 ? 177 THR 1 CA 1 
ATOM 128 C CA . SER A 1 178 ? -15.170 1.545   -37.775 1.00 10.00 ? 178 SER 1 CA 1 
ATOM 129 C CA . SER A 1 179 ? -12.622 3.241   -35.554 1.00 10.00 ? 179 SER 1 CA 1 
ATOM 130 C CA . ASN A 1 180 ? -12.936 1.410   -32.240 1.00 10.00 ? 180 ASN 1 CA 1 
ATOM 131 C CA . PRO A 1 181 ? -10.989 -1.835  -31.645 1.00 10.00 ? 181 PRO 1 CA 1 
ATOM 132 C CA . SER A 1 182 ? -13.736 -4.414  -32.594 1.00 10.00 ? 182 SER 1 CA 1 
ATOM 133 C CA . ILE A 1 183 ? -12.832 -8.071  -32.176 1.00 10.00 ? 183 ILE 1 CA 1 
ATOM 134 C CA . PHE A 1 184 ? -14.746 -10.652 -34.129 1.00 10.00 ? 184 PHE 1 CA 1 
ATOM 135 C CA . TYR A 1 185 ? -14.326 -13.914 -32.330 1.00 10.00 ? 185 TYR 1 CA 1 
ATOM 136 C CA . THR A 1 186 ? -15.184 -17.330 -33.675 1.00 10.00 ? 186 THR 1 CA 1 
ATOM 137 C CA . TYR A 1 187 ? -16.452 -19.809 -31.100 1.00 10.00 ? 187 TYR 1 CA 1 
ATOM 138 C CA . GLY A 1 188 ? -14.252 -22.837 -30.540 1.00 10.00 ? 188 GLY 1 CA 1 
ATOM 139 C CA . THR A 1 189 ? -11.071 -21.123 -31.603 1.00 10.00 ? 189 THR 1 CA 1 
ATOM 140 C CA . ALA A 1 190 ? -8.042  -20.158 -29.480 1.00 10.00 ? 190 ALA 1 CA 1 
ATOM 141 C CA . PRO A 1 191 ? -9.022  -17.466 -26.958 1.00 10.00 ? 191 PRO 1 CA 1 
ATOM 142 C CA . ALA A 1 192 ? -8.951  -13.966 -28.419 1.00 10.00 ? 192 ALA 1 CA 1 
ATOM 143 C CA . ARG A 1 193 ? -6.174  -11.536 -27.522 1.00 10.00 ? 193 ARG 1 CA 1 
ATOM 144 C CA . ILE A 1 194 ? -5.076  -7.938  -27.976 1.00 10.00 ? 194 ILE 1 CA 1 
ATOM 145 C CA . SER A 1 195 ? -2.624  -5.405  -26.544 1.00 10.00 ? 195 SER 1 CA 1 
ATOM 146 C CA . VAL A 1 196 ? -3.400  -1.855  -25.421 1.00 10.00 ? 196 VAL 1 CA 1 
ATOM 147 C CA . PRO A 1 197 ? -0.718  0.835   -24.828 1.00 10.00 ? 197 PRO 1 CA 1 
ATOM 148 C CA . TYR A 1 198 ? -0.502  2.942   -21.654 1.00 10.00 ? 198 TYR 1 CA 1 
ATOM 149 C CA . VAL A 1 199 ? -3.623  5.003   -22.333 1.00 10.00 ? 199 VAL 1 CA 1 
ATOM 150 C CA . GLY A 1 200 ? -3.644  7.280   -19.308 1.00 10.00 ? 200 GLY 1 CA 1 
ATOM 151 C CA . ILE A 1 201 ? -4.312  11.024  -19.637 1.00 10.00 ? 201 ILE 1 CA 1 
ATOM 152 C CA . SER A 1 202 ? -1.986  11.559  -16.662 1.00 10.00 ? 202 SER 1 CA 1 
ATOM 153 C CA . ASN A 1 203 ? 1.711   10.561  -16.439 1.00 10.00 ? 203 ASN 1 CA 1 
ATOM 154 C CA . ALA A 1 204 ? 0.695   7.470   -14.531 1.00 10.00 ? 204 ALA 1 CA 1 
ATOM 155 C CA . TYR A 1 205 ? -2.396  5.457   -13.623 1.00 10.00 ? 205 TYR 1 CA 1 
ATOM 156 C CA . SER A 1 206 ? -3.531  6.498   -10.192 1.00 10.00 ? 206 SER 1 CA 1 
ATOM 157 C CA . HIS A 1 207 ? -4.566  3.638   -7.867  1.00 10.00 ? 207 HIS 1 CA 1 
ATOM 158 C CA . PHE A 1 208 ? -6.484  7.068   -5.866  1.00 10.00 ? 208 PHE 1 CA 1 
ATOM 159 C CA . TYR A 1 209 ? -7.679  10.630  -6.517  1.00 10.00 ? 209 TYR 1 CA 1 
ATOM 160 C CA . ASP A 1 210 ? -7.743  12.947  -3.529  1.00 10.00 ? 210 ASP 1 CA 1 
ATOM 161 C CA . GLY A 1 211 ? -9.997  15.414  -5.183  1.00 10.00 ? 211 GLY 1 CA 1 
ATOM 162 C CA . PHE A 1 212 ? -13.121 16.412  -7.000  1.00 10.00 ? 212 PHE 1 CA 1 
ATOM 163 C CA . SER A 1 213 ? -16.974 16.351  -10.761 0.33 10.00 ? 213 SER 1 CA 1 
ATOM 164 C CA . LYS A 1 214 ? -18.305 13.003  -11.954 0.33 10.00 ? 214 LYS 1 CA 1 
ATOM 165 C CA . VAL A 1 215 ? -20.714 15.827  -11.401 0.33 10.00 ? 215 VAL 1 CA 1 
ATOM 166 C CA . PRO A 1 216 ? -24.049 15.584  -13.190 0.33 10.00 ? 216 PRO 1 CA 1 
ATOM 167 C CA . LEU A 1 217 ? -26.160 13.647  -14.356 0.33 10.00 ? 217 LEU 1 CA 1 
ATOM 168 C CA . LYS A 1 218 ? -28.954 11.585  -12.762 0.33 10.00 ? 218 LYS 1 CA 1 
ATOM 169 C CA . LEU A 1 224 ? -22.104 8.537   -11.990 0.33 10.00 ? 224 LEU 1 CA 1 
ATOM 170 C CA . GLY A 1 225 ? -24.075 9.328   -8.863  0.33 10.00 ? 225 GLY 1 CA 1 
ATOM 171 C CA . ASP A 1 226 ? -23.170 12.522  -7.013  0.33 10.00 ? 226 ASP 1 CA 1 
ATOM 172 C CA . SER A 1 227 ? -19.184 14.861  -6.306  1.00 17.24 ? 227 SER 1 CA 1 
ATOM 173 C CA . LEU A 1 228 ? -17.898 11.461  -5.130  1.00 14.17 ? 228 LEU 1 CA 1 
ATOM 174 C CA . TYR A 1 229 ? -14.877 11.125  -2.890  1.00 13.17 ? 229 TYR 1 CA 1 
ATOM 175 C CA . GLY A 1 230 ? -11.812 9.570   -4.477  1.00 15.71 ? 230 GLY 1 CA 1 
ATOM 176 C CA . ALA A 1 231 ? -13.203 9.633   -7.994  1.00 19.22 ? 231 ALA 1 CA 1 
ATOM 177 C CA . ALA A 1 232 ? -11.744 11.473  -11.010 1.00 25.24 ? 232 ALA 1 CA 1 
ATOM 178 C CA . SER A 1 233 ? -13.627 11.124  -14.357 1.00 30.72 ? 233 SER 1 CA 1 
ATOM 179 C CA . LEU A 1 234 ? -17.201 9.735   -14.509 1.00 32.59 ? 234 LEU 1 CA 1 
ATOM 180 C CA . ASN A 1 235 ? -15.706 7.725   -17.336 1.00 31.09 ? 235 ASN 1 CA 1 
ATOM 181 C CA . ASP A 1 236 ? -11.982 6.851   -17.252 1.00 10.00 ? 236 ASP 1 CA 1 
ATOM 182 C CA . PHE A 1 237 ? -11.557 4.130   -19.855 1.00 10.00 ? 237 PHE 1 CA 1 
ATOM 183 C CA . GLY A 1 238 ? -14.905 3.672   -21.525 1.00 10.00 ? 238 GLY 1 CA 1 
ATOM 184 C CA . ILE A 1 239 ? -16.578 0.291   -22.010 1.00 10.00 ? 239 ILE 1 CA 1 
ATOM 185 C CA . LEU A 1 240 ? -16.609 -3.136  -23.597 1.00 10.00 ? 240 LEU 1 CA 1 
ATOM 186 C CA . ALA A 1 241 ? -19.751 -3.941  -25.512 1.00 10.00 ? 241 ALA 1 CA 1 
ATOM 187 C CA . VAL A 1 242 ? -20.303 -7.595  -26.502 1.00 10.00 ? 242 VAL 1 CA 1 
ATOM 188 C CA . ARG A 1 243 ? -22.819 -9.356  -28.715 1.00 10.00 ? 243 ARG 1 CA 1 
ATOM 189 C CA . VAL A 1 244 ? -23.611 -12.588 -30.552 1.00 10.00 ? 244 VAL 1 CA 1 
ATOM 190 C CA . VAL A 1 245 ? -23.441 -11.507 -34.217 1.00 10.00 ? 245 VAL 1 CA 1 
ATOM 191 C CA . ASN A 1 246 ? -25.534 -14.479 -35.316 1.00 10.00 ? 246 ASN 1 CA 1 
ATOM 192 C CA . ASP A 1 247 ? -29.254 -13.992 -35.776 1.00 10.00 ? 247 ASP 1 CA 1 
ATOM 193 C CA . HIS A 1 248 ? -31.919 -15.271 -33.412 1.00 10.00 ? 248 HIS 1 CA 1 
ATOM 194 C CA . ASN A 1 249 ? -31.968 -19.044 -33.328 1.00 10.00 ? 249 ASN 1 CA 1 
ATOM 195 C CA . PRO A 1 250 ? -35.054 -21.273 -32.628 1.00 10.00 ? 250 PRO 1 CA 1 
ATOM 196 C CA . THR A 1 251 ? -33.318 -22.947 -29.759 1.00 10.00 ? 251 THR 1 CA 1 
ATOM 197 C CA . LYS A 1 252 ? -31.564 -20.616 -27.327 1.00 10.00 ? 252 LYS 1 CA 1 
ATOM 198 C CA . VAL A 1 253 ? -27.913 -20.421 -26.395 1.00 10.00 ? 253 VAL 1 CA 1 
ATOM 199 C CA . THR A 1 254 ? -26.368 -18.484 -23.539 1.00 10.00 ? 254 THR 1 CA 1 
ATOM 200 C CA . SER A 1 255 ? -22.721 -17.469 -23.616 1.00 10.00 ? 255 SER 1 CA 1 
ATOM 201 C CA . LYS A 1 256 ? -20.106 -16.114 -21.286 1.00 10.00 ? 256 LYS 1 CA 1 
ATOM 202 C CA . ILE A 1 257 ? -17.029 -14.036 -21.862 1.00 10.00 ? 257 ILE 1 CA 1 
ATOM 203 C CA . ARG A 1 258 ? -14.222 -14.081 -19.371 1.00 10.00 ? 258 ARG 1 CA 1 
ATOM 204 C CA . VAL A 1 259 ? -11.810 -11.193 -19.502 1.00 10.00 ? 259 VAL 1 CA 1 
ATOM 205 C CA . TYR A 1 260 ? -8.296  -11.890 -18.343 1.00 10.00 ? 260 TYR 1 CA 1 
ATOM 206 C CA . LEU A 1 261 ? -5.946  -8.972  -17.722 1.00 10.00 ? 261 LEU 1 CA 1 
ATOM 207 C CA . LYS A 1 262 ? -2.201  -8.884  -17.649 1.00 10.00 ? 262 LYS 1 CA 1 
ATOM 208 C CA . PRO A 1 263 ? -0.015  -5.837  -17.140 1.00 10.00 ? 263 PRO 1 CA 1 
ATOM 209 C CA . LYS A 1 264 ? 3.060   -5.783  -19.390 1.00 10.00 ? 264 LYS 1 CA 1 
ATOM 210 C CA . HIS A 1 265 ? 6.057   -3.417  -19.457 1.00 10.00 ? 265 HIS 1 CA 1 
ATOM 211 C CA . ILE A 1 266 ? 5.137   -2.226  -15.953 1.00 10.00 ? 266 ILE 1 CA 1 
ATOM 212 C CA . ARG A 1 267 ? 6.403   0.398   -13.571 1.00 10.00 ? 267 ARG 1 CA 1 
ATOM 213 C CA . VAL A 1 268 ? 5.190   1.204   -10.091 1.00 10.00 ? 268 VAL 1 CA 1 
ATOM 214 C CA . TRP A 1 269 ? 5.672   3.983   -7.565  1.00 10.00 ? 269 TRP 1 CA 1 
ATOM 215 C CA . CYS A 1 270 ? 4.924   4.837   -3.910  1.00 10.00 ? 270 CYS 1 CA 1 
ATOM 216 C CA . PRO A 1 271 ? 4.332   1.562   -2.048  1.00 10.00 ? 271 PRO 1 CA 1 
ATOM 217 C CA . ARG A 1 272 ? 1.477   0.760   0.308   1.00 10.00 ? 272 ARG 1 CA 1 
ATOM 218 C CA . PRO A 1 273 ? 0.444   -1.920  2.805   1.00 10.00 ? 273 PRO 1 CA 1 
ATOM 219 C CA . PRO A 1 274 ? -1.792  -4.672  1.442   1.00 10.00 ? 274 PRO 1 CA 1 
ATOM 220 C CA . ARG A 1 275 ? -5.571  -4.607  1.958   1.00 10.00 ? 275 ARG 1 CA 1 
ATOM 221 C CA . ALA A 1 276 ? -6.169  -6.285  5.304   1.00 10.00 ? 276 ALA 1 CA 1 
ATOM 222 C CA . VAL A 1 277 ? -9.949  -6.309  5.424   1.00 10.00 ? 277 VAL 1 CA 1 
ATOM 223 C CA . ALA A 1 278 ? -12.588 -7.177  2.816   1.00 10.00 ? 278 ALA 1 CA 1 
ATOM 224 C CA . TYR A 1 279 ? -13.066 -4.756  0.004   1.00 10.00 ? 279 TYR 1 CA 1 
ATOM 225 C CA . TYR A 1 280 ? -16.318 -2.785  0.059   1.00 10.00 ? 280 TYR 1 CA 1 
ATOM 226 C CA . GLY A 1 281 ? -16.841 -1.097  -3.226  1.00 10.00 ? 281 GLY 1 CA 1 
ATOM 227 C CA . PRO A 1 282 ? -14.498 0.852   -5.569  1.00 10.00 ? 282 PRO 1 CA 1 
ATOM 228 C CA . GLY A 1 283 ? -13.092 2.926   -2.759  1.00 10.00 ? 283 GLY 1 CA 1 
ATOM 229 C CA . VAL A 1 284 ? -11.180 2.304   0.461   1.00 10.00 ? 284 VAL 1 CA 1 
ATOM 230 C CA . ASP A 1 285 ? -14.344 1.812   2.491   1.00 10.00 ? 285 ASP 1 CA 1 
ATOM 231 C CA . TYR A 1 286 ? -14.927 -0.966  4.913   1.00 10.00 ? 286 TYR 1 CA 1 
ATOM 232 C CA . LYS A 1 287 ? -17.948 -2.728  6.237   1.00 10.00 ? 287 LYS 1 CA 1 
ATOM 233 C CA . ASP A 1 288 ? -19.050 -3.277  9.805   1.00 10.00 ? 288 ASP 1 CA 1 
ATOM 234 C CA . GLY A 1 289 ? -18.414 -6.848  10.909  1.00 10.00 ? 289 GLY 1 CA 1 
ATOM 235 C CA . THR A 1 290 ? -15.444 -7.419  8.542   1.00 10.00 ? 290 THR 1 CA 1 
ATOM 236 C CA . LEU B 2 14  ? 31.470  2.023   19.716  0.50 10.00 ? 14  LEU 2 CA 1 
ATOM 237 C CA . GLN B 2 15  ? 30.610  -1.698  19.534  0.50 10.00 ? 15  GLN 2 CA 1 
ATOM 238 C CA . LEU B 2 16  ? 32.663  -4.027  21.885  0.50 10.00 ? 16  LEU 2 CA 1 
ATOM 239 C CA . THR B 2 17  ? 32.163  -7.621  20.517  0.50 10.00 ? 17  THR 2 CA 1 
ATOM 240 C CA . LEU B 2 18  ? 33.291  -11.234 21.373  0.50 10.00 ? 18  LEU 2 CA 1 
ATOM 241 C CA . GLY B 2 19  ? 31.748  -14.192 19.472  0.50 10.00 ? 19  GLY 2 CA 1 
ATOM 242 C CA . ASN B 2 20  ? 27.916  -13.645 19.459  0.50 10.00 ? 20  ASN 2 CA 1 
ATOM 243 C CA . SER B 2 21  ? 28.159  -11.383 22.520  0.50 10.00 ? 21  SER 2 CA 1 
ATOM 244 C CA . THR B 2 22  ? 28.435  -7.554  22.074  0.50 10.00 ? 22  THR 2 CA 1 
ATOM 245 C CA . ILE B 2 23  ? 28.612  -4.378  24.214  0.50 10.00 ? 23  ILE 2 CA 1 
ATOM 246 C CA . THR B 2 24  ? 27.374  -1.043  22.600  0.50 10.00 ? 24  THR 2 CA 1 
ATOM 247 C CA . THR B 2 25  ? 29.708  1.652   24.204  0.50 10.00 ? 25  THR 2 CA 1 
ATOM 248 C CA . GLN B 2 26  ? 30.240  5.446   23.860  0.50 10.00 ? 26  GLN 2 CA 1 
ATOM 249 C CA . GLU B 2 27  ? 31.952  5.345   27.228  0.50 10.00 ? 27  GLU 2 CA 1 
ATOM 250 C CA . ALA B 2 28  ? 19.186  17.922  9.061   1.00 10.00 ? 28  ALA 2 CA 1 
ATOM 251 C CA . ALA B 2 29  ? 19.939  14.179  9.417   1.00 10.00 ? 29  ALA 2 CA 1 
ATOM 252 C CA . ASN B 2 30  ? 16.285  14.717  10.360  1.00 10.00 ? 30  ASN 2 CA 1 
ATOM 253 C CA . SER B 2 31  ? 15.298  15.632  6.810   1.00 10.00 ? 31  SER 2 CA 1 
ATOM 254 C CA . VAL B 2 32  ? 13.924  13.514  4.014   1.00 10.00 ? 32  VAL 2 CA 1 
ATOM 255 C CA . VAL B 2 33  ? 13.576  13.807  0.264   1.00 10.00 ? 33  VAL 2 CA 1 
ATOM 256 C CA . ALA B 2 34  ? 10.443  11.945  -0.775  1.00 10.00 ? 34  ALA 2 CA 1 
ATOM 257 C CA . TYR B 2 35  ? 11.018  9.024   -3.122  1.00 10.00 ? 35  TYR 2 CA 1 
ATOM 258 C CA . GLY B 2 36  ? 14.622  10.186  -3.360  1.00 10.00 ? 36  GLY 2 CA 1 
ATOM 259 C CA . ARG B 2 37  ? 13.350  12.903  -5.677  1.00 10.00 ? 37  ARG 2 CA 1 
ATOM 260 C CA . TRP B 2 38  ? 13.999  16.553  -5.472  1.00 10.00 ? 38  TRP 2 CA 1 
ATOM 261 C CA . PRO B 2 39  ? 11.443  19.122  -6.691  1.00 10.00 ? 39  PRO 2 CA 1 
ATOM 262 C CA . GLU B 2 40  ? 11.821  20.209  -10.304 1.00 10.00 ? 40  GLU 2 CA 1 
ATOM 263 C CA . TYR B 2 41  ? 10.339  22.487  -12.998 1.00 10.00 ? 41  TYR 2 CA 1 
ATOM 264 C CA . LEU B 2 42  ? 7.803   21.142  -15.453 1.00 10.00 ? 42  LEU 2 CA 1 
ATOM 265 C CA . ARG B 2 43  ? 10.363  20.679  -18.073 1.00 10.00 ? 43  ARG 2 CA 1 
ATOM 266 C CA . ASP B 2 44  ? 11.138  19.995  -21.574 1.00 10.00 ? 44  ASP 2 CA 1 
ATOM 267 C CA . VAL B 2 58  ? 8.967   33.175  -8.056  1.00 10.00 ? 58  VAL 2 CA 1 
ATOM 268 C CA . ALA B 2 59  ? 8.590   34.759  -4.565  1.00 10.00 ? 59  ALA 2 CA 1 
ATOM 269 C CA . ALA B 2 60  ? 4.945   33.851  -4.073  1.00 10.00 ? 60  ALA 2 CA 1 
ATOM 270 C CA . CYS B 2 61  ? 6.543   30.457  -3.543  1.00 10.00 ? 61  CYS 2 CA 1 
ATOM 271 C CA . ARG B 2 62  ? 8.182   30.970  -0.153  1.00 10.00 ? 62  ARG 2 CA 1 
ATOM 272 C CA . PHE B 2 63  ? 7.866   29.863  3.492   1.00 10.00 ? 63  PHE 2 CA 1 
ATOM 273 C CA . TYR B 2 64  ? 4.466   30.235  5.036   1.00 10.00 ? 64  TYR 2 CA 1 
ATOM 274 C CA . THR B 2 65  ? 3.943   29.451  8.722   1.00 10.00 ? 65  THR 2 CA 1 
ATOM 275 C CA . LEU B 2 66  ? 0.519   28.059  9.571   1.00 10.00 ? 66  LEU 2 CA 1 
ATOM 276 C CA . ASP B 2 67  ? -1.506  28.366  12.734  1.00 10.00 ? 67  ASP 2 CA 1 
ATOM 277 C CA . THR B 2 68  ? 0.177   26.598  15.577  1.00 10.00 ? 68  THR 2 CA 1 
ATOM 278 C CA . VAL B 2 69  ? -1.501  23.564  17.079  1.00 10.00 ? 69  VAL 2 CA 1 
ATOM 279 C CA . SER B 2 70  ? -1.267  22.018  20.553  1.00 10.00 ? 70  SER 2 CA 1 
ATOM 280 C CA . TRP B 2 71  ? -0.075  18.538  21.415  1.00 10.00 ? 71  TRP 2 CA 1 
ATOM 281 C CA . THR B 2 72  ? -1.514  17.089  24.578  1.00 10.00 ? 72  THR 2 CA 1 
ATOM 282 C CA . LYS B 2 73  ? -1.566  13.814  26.498  1.00 10.00 ? 73  LYS 2 CA 1 
ATOM 283 C CA . GLU B 2 74  ? -4.790  13.097  24.638  1.00 10.00 ? 74  GLU 2 CA 1 
ATOM 284 C CA . SER B 2 75  ? -4.303  14.287  21.061  1.00 10.00 ? 75  SER 2 CA 1 
ATOM 285 C CA . ARG B 2 76  ? -4.956  11.550  18.474  1.00 10.00 ? 76  ARG 2 CA 1 
ATOM 286 C CA . GLY B 2 77  ? -3.365  13.335  15.524  1.00 10.00 ? 77  GLY 2 CA 1 
ATOM 287 C CA . TRP B 2 78  ? -3.613  16.034  12.857  1.00 10.00 ? 78  TRP 2 CA 1 
ATOM 288 C CA . TRP B 2 79  ? -3.928  16.248  9.071   1.00 10.00 ? 79  TRP 2 CA 1 
ATOM 289 C CA . TRP B 2 80  ? -3.613  18.777  6.312   1.00 10.00 ? 80  TRP 2 CA 1 
ATOM 290 C CA . LYS B 2 81  ? -3.719  18.787  2.517   1.00 10.00 ? 81  LYS 2 CA 1 
ATOM 291 C CA . LEU B 2 82  ? -1.588  20.461  -0.145  1.00 10.00 ? 82  LEU 2 CA 1 
ATOM 292 C CA . PRO B 2 83  ? -2.186  22.791  -1.880  1.00 10.00 ? 83  PRO 2 CA 1 
ATOM 293 C CA . ASP B 2 84  ? -5.305  23.362  0.225   1.00 10.00 ? 84  ASP 2 CA 1 
ATOM 294 C CA . ALA B 2 85  ? -3.585  24.395  3.482   1.00 10.00 ? 85  ALA 2 CA 1 
ATOM 295 C CA . LEU B 2 86  ? -1.834  27.157  1.580   1.00 10.00 ? 86  LEU 2 CA 1 
ATOM 296 C CA . ARG B 2 87  ? -4.839  28.475  -0.344  1.00 10.00 ? 87  ARG 2 CA 1 
ATOM 297 C CA . ASP B 2 88  ? -4.878  31.788  1.536   1.00 10.00 ? 88  ASP 2 CA 1 
ATOM 298 C CA . MET B 2 89  ? -1.172  32.399  1.771   1.00 10.00 ? 89  MET 2 CA 1 
ATOM 299 C CA . GLY B 2 90  ? -0.347  35.723  0.160   1.00 10.00 ? 90  GLY 2 CA 1 
ATOM 300 C CA . LEU B 2 91  ? 0.541   35.759  -3.526  1.00 10.00 ? 91  LEU 2 CA 1 
ATOM 301 C CA . PHE B 2 92  ? 0.724   31.974  -3.667  1.00 10.00 ? 92  PHE 2 CA 1 
ATOM 302 C CA . GLY B 2 93  ? -2.960  31.645  -2.979  1.00 10.00 ? 93  GLY 2 CA 1 
ATOM 303 C CA . GLN B 2 94  ? -3.772  34.386  -5.481  1.00 10.00 ? 94  GLN 2 CA 1 
ATOM 304 C CA . ASN B 2 95  ? -1.768  32.707  -8.178  1.00 10.00 ? 95  ASN 2 CA 1 
ATOM 305 C CA . MET B 2 96  ? -3.546  29.475  -7.449  1.00 10.00 ? 96  MET 2 CA 1 
ATOM 306 C CA . TYR B 2 97  ? -7.021  30.895  -7.941  1.00 10.00 ? 97  TYR 2 CA 1 
ATOM 307 C CA . TYR B 2 98  ? -6.204  33.085  -10.990 1.00 10.00 ? 98  TYR 2 CA 1 
ATOM 308 C CA . HIS B 2 99  ? -4.982  30.071  -12.975 1.00 10.00 ? 99  HIS 2 CA 1 
ATOM 309 C CA . TYR B 2 100 ? -6.621  26.943  -14.383 1.00 10.00 ? 100 TYR 2 CA 1 
ATOM 310 C CA . LEU B 2 101 ? -3.516  24.914  -13.842 1.00 10.00 ? 101 LEU 2 CA 1 
ATOM 311 C CA . GLY B 2 102 ? -0.723  24.913  -11.353 1.00 10.00 ? 102 GLY 2 CA 1 
ATOM 312 C CA . ARG B 2 103 ? 2.036   22.661  -10.094 1.00 10.00 ? 103 ARG 2 CA 1 
ATOM 313 C CA . SER B 2 104 ? 4.324   22.763  -7.153  1.00 10.00 ? 104 SER 2 CA 1 
ATOM 314 C CA . GLY B 2 105 ? 6.537   20.801  -4.889  1.00 10.00 ? 105 GLY 2 CA 1 
ATOM 315 C CA . TYR B 2 106 ? 6.937   21.497  -1.149  1.00 10.00 ? 106 TYR 2 CA 1 
ATOM 316 C CA . THR B 2 107 ? 9.280   21.798  1.776   1.00 10.00 ? 107 THR 2 CA 1 
ATOM 317 C CA . VAL B 2 108 ? 7.440   20.828  4.943   1.00 10.00 ? 108 VAL 2 CA 1 
ATOM 318 C CA . HIS B 2 109 ? 9.129   21.871  8.162   1.00 10.00 ? 109 HIS 2 CA 1 
ATOM 319 C CA . VAL B 2 110 ? 7.493   20.495  11.342  1.00 10.00 ? 110 VAL 2 CA 1 
ATOM 320 C CA . GLN B 2 111 ? 8.598   22.303  14.529  1.00 10.00 ? 111 GLN 2 CA 1 
ATOM 321 C CA . CYS B 2 112 ? 8.075   20.866  18.008  1.00 10.00 ? 112 CYS 2 CA 1 
ATOM 322 C CA . ASN B 2 113 ? 10.319  21.402  21.010  1.00 10.00 ? 113 ASN 2 CA 1 
ATOM 323 C CA . ALA B 2 114 ? 10.231  20.210  24.602  1.00 10.00 ? 114 ALA 2 CA 1 
ATOM 324 C CA . SER B 2 115 ? 12.608  19.715  27.600  1.00 10.00 ? 115 SER 2 CA 1 
ATOM 325 C CA . LYS B 2 116 ? 15.063  16.903  28.429  1.00 10.00 ? 116 LYS 2 CA 1 
ATOM 326 C CA . PHE B 2 117 ? 12.497  15.749  30.943  1.00 10.00 ? 117 PHE 2 CA 1 
ATOM 327 C CA . HIS B 2 118 ? 9.652   15.553  28.455  1.00 10.00 ? 118 HIS 2 CA 1 
ATOM 328 C CA . GLN B 2 119 ? 9.009   12.483  26.319  1.00 10.00 ? 119 GLN 2 CA 1 
ATOM 329 C CA . GLY B 2 120 ? 7.058   11.424  23.274  1.00 10.00 ? 120 GLY 2 CA 1 
ATOM 330 C CA . ALA B 2 121 ? 7.273   10.694  19.578  1.00 10.00 ? 121 ALA 2 CA 1 
ATOM 331 C CA . LEU B 2 122 ? 5.612   12.192  16.558  1.00 10.00 ? 122 LEU 2 CA 1 
ATOM 332 C CA . GLY B 2 123 ? 5.197   10.325  13.297  1.00 10.00 ? 123 GLY 2 CA 1 
ATOM 333 C CA . VAL B 2 124 ? 5.210   12.793  10.382  1.00 10.00 ? 124 VAL 2 CA 1 
ATOM 334 C CA . PHE B 2 125 ? 3.800   11.235  7.236   1.00 10.00 ? 125 PHE 2 CA 1 
ATOM 335 C CA . ALA B 2 126 ? 3.620   12.634  3.697   1.00 10.00 ? 126 ALA 2 CA 1 
ATOM 336 C CA . VAL B 2 127 ? 0.937   10.732  1.758   1.00 10.00 ? 127 VAL 2 CA 1 
ATOM 337 C CA . PRO B 2 128 ? 0.436   10.994  -2.038  1.00 10.00 ? 128 PRO 2 CA 1 
ATOM 338 C CA . GLU B 2 129 ? -3.297  11.069  -3.018  1.00 10.00 ? 129 GLU 2 CA 1 
ATOM 339 C CA . MET B 2 130 ? -4.334  10.847  0.625   1.00 10.00 ? 130 MET 2 CA 1 
ATOM 340 C CA . CYS B 2 131 ? -7.962  9.923   0.221   1.00 10.00 ? 131 CYS 2 CA 1 
ATOM 341 C CA . LEU B 2 132 ? -9.666  9.785   3.592   1.00 10.00 ? 132 LEU 2 CA 1 
ATOM 342 C CA . ALA B 2 133 ? -12.732 7.848   4.748   1.00 10.00 ? 133 ALA 2 CA 1 
ATOM 343 C CA . GLY B 2 134 ? -16.126 9.457   5.323   1.00 10.00 ? 134 GLY 2 CA 1 
ATOM 344 C CA . ASP B 2 135 ? -18.617 9.713   8.223   1.00 10.00 ? 135 ASP 2 CA 1 
ATOM 345 C CA . SER B 2 136 ? -21.436 7.769   6.571   1.00 10.00 ? 136 SER 2 CA 1 
ATOM 346 C CA . ASN B 2 137 ? -22.496 4.169   6.609   1.00 10.00 ? 137 ASN 2 CA 1 
ATOM 347 C CA . THR B 2 138 ? -25.549 4.544   4.413   1.00 10.00 ? 138 THR 2 CA 1 
ATOM 348 C CA . THR B 2 139 ? -23.823 6.198   1.441   1.00 10.00 ? 139 THR 2 CA 1 
ATOM 349 C CA . THR B 2 140 ? -20.209 6.323   0.152   1.00 10.00 ? 140 THR 2 CA 1 
ATOM 350 C CA . MET B 2 141 ? -17.700 8.820   -1.341  1.00 10.00 ? 141 MET 2 CA 1 
ATOM 351 C CA . HIS B 2 142 ? -19.878 11.644  -0.122  1.00 10.00 ? 142 HIS 2 CA 1 
ATOM 352 C CA . THR B 2 143 ? -17.703 14.093  1.851   1.00 10.00 ? 143 THR 2 CA 1 
ATOM 353 C CA . SER B 2 144 ? -18.410 17.639  0.699   1.00 10.00 ? 144 SER 2 CA 1 
ATOM 354 C CA . TYR B 2 145 ? -15.759 19.796  -1.028  1.00 10.00 ? 145 TYR 2 CA 1 
ATOM 355 C CA . GLN B 2 146 ? -16.024 22.208  1.885   1.00 10.00 ? 146 GLN 2 CA 1 
ATOM 356 C CA . ASN B 2 147 ? -15.361 19.573  4.470   1.00 10.00 ? 147 ASN 2 CA 1 
ATOM 357 C CA . ALA B 2 148 ? -12.685 17.805  2.519   1.00 10.00 ? 148 ALA 2 CA 1 
ATOM 358 C CA . ASN B 2 149 ? -10.780 21.039  2.232   1.00 10.00 ? 149 ASN 2 CA 1 
ATOM 359 C CA . PRO B 2 150 ? -10.176 22.583  5.671   1.00 10.00 ? 150 PRO 2 CA 1 
ATOM 360 C CA . GLY B 2 151 ? -7.585  25.043  4.538   1.00 10.00 ? 151 GLY 2 CA 1 
ATOM 361 C CA . GLU B 2 152 ? -4.770  26.041  6.954   1.00 10.00 ? 152 GLU 2 CA 1 
ATOM 362 C CA . LYS B 2 153 ? -6.993  25.276  9.882   1.00 10.00 ? 153 LYS 2 CA 1 
ATOM 363 C CA . GLY B 2 154 ? -6.258  21.669  9.687   1.00 10.00 ? 154 GLY 2 CA 1 
ATOM 364 C CA . GLY B 2 155 ? -8.492  18.714  10.178  1.00 10.00 ? 155 GLY 2 CA 1 
ATOM 365 C CA . THR B 2 156 ? -7.940  16.062  12.895  1.00 10.00 ? 156 THR 2 CA 1 
ATOM 366 C CA . PHE B 2 157 ? -7.770  12.290  13.588  1.00 10.00 ? 157 PHE 2 CA 1 
ATOM 367 C CA . ARG B 2 173 ? -17.652 14.867  6.292   1.00 10.00 ? 173 ARG 2 CA 1 
ATOM 368 C CA . PHE B 2 174 ? -14.621 12.661  7.015   1.00 10.00 ? 174 PHE 2 CA 1 
ATOM 369 C CA . CYS B 2 175 ? -14.241 10.364  9.977   1.00 10.00 ? 175 CYS 2 CA 1 
ATOM 370 C CA . PRO B 2 176 ? -10.527 9.513   10.136  1.00 10.00 ? 176 PRO 2 CA 1 
ATOM 371 C CA . VAL B 2 177 ? -9.637  6.687   12.561  1.00 10.00 ? 177 VAL 2 CA 1 
ATOM 372 C CA . ASP B 2 178 ? -6.038  6.983   13.774  1.00 10.00 ? 178 ASP 2 CA 1 
ATOM 373 C CA . TYR B 2 179 ? -4.907  3.321   13.808  1.00 10.00 ? 179 TYR 2 CA 1 
ATOM 374 C CA . LEU B 2 180 ? -6.326  2.970   10.290  1.00 10.00 ? 180 LEU 2 CA 1 
ATOM 375 C CA . LEU B 2 181 ? -4.624  6.103   8.922   1.00 10.00 ? 181 LEU 2 CA 1 
ATOM 376 C CA . GLY B 2 182 ? -8.114  7.413   8.247   1.00 10.00 ? 182 GLY 2 CA 1 
ATOM 377 C CA . ASN B 2 183 ? -8.120  5.265   5.085   1.00 10.00 ? 183 ASN 2 CA 1 
ATOM 378 C CA . GLY B 2 184 ? -8.638  1.590   5.900   1.00 10.00 ? 184 GLY 2 CA 1 
ATOM 379 C CA . THR B 2 185 ? -4.981  0.665   6.209   1.00 10.00 ? 185 THR 2 CA 1 
ATOM 380 C CA . LEU B 2 186 ? -2.950  0.014   9.387   1.00 10.00 ? 186 LEU 2 CA 1 
ATOM 381 C CA . LEU B 2 187 ? -1.003  2.959   10.826  1.00 10.00 ? 187 LEU 2 CA 1 
ATOM 382 C CA . GLY B 2 188 ? 1.963   0.731   11.623  1.00 10.00 ? 188 GLY 2 CA 1 
ATOM 383 C CA . ASN B 2 189 ? 2.549   0.418   7.903   1.00 10.00 ? 189 ASN 2 CA 1 
ATOM 384 C CA . ALA B 2 190 ? 2.263   4.158   7.139   1.00 10.00 ? 190 ALA 2 CA 1 
ATOM 385 C CA . PHE B 2 191 ? 6.043   4.192   7.037   1.00 10.00 ? 191 PHE 2 CA 1 
ATOM 386 C CA . VAL B 2 192 ? 6.056   2.859   3.456   1.00 10.00 ? 192 VAL 2 CA 1 
ATOM 387 C CA . PHE B 2 193 ? 5.154   6.508   2.733   1.00 10.00 ? 193 PHE 2 CA 1 
ATOM 388 C CA . PRO B 2 194 ? 7.723   9.378   2.677   1.00 10.00 ? 194 PRO 2 CA 1 
ATOM 389 C CA . HIS B 2 195 ? 8.099   10.189  6.340   1.00 10.00 ? 195 HIS 2 CA 1 
ATOM 390 C CA . GLN B 2 196 ? 10.063  11.351  9.311   1.00 10.00 ? 196 GLN 2 CA 1 
ATOM 391 C CA . ILE B 2 197 ? 9.966   10.890  13.100  1.00 10.00 ? 197 ILE 2 CA 1 
ATOM 392 C CA . ILE B 2 198 ? 10.236  13.518  15.798  1.00 10.00 ? 198 ILE 2 CA 1 
ATOM 393 C CA . ASN B 2 199 ? 11.540  11.834  18.883  1.00 10.00 ? 199 ASN 2 CA 1 
ATOM 394 C CA . LEU B 2 200 ? 11.461  14.389  21.690  1.00 10.00 ? 200 LEU 2 CA 1 
ATOM 395 C CA . ARG B 2 201 ? 14.523  12.724  23.213  1.00 10.00 ? 201 ARG 2 CA 1 
ATOM 396 C CA . THR B 2 202 ? 16.727  13.242  20.163  1.00 10.00 ? 202 THR 2 CA 1 
ATOM 397 C CA . ASN B 2 203 ? 15.246  15.960  17.939  1.00 10.00 ? 203 ASN 2 CA 1 
ATOM 398 C CA . ASN B 2 204 ? 12.828  18.877  17.932  1.00 10.00 ? 204 ASN 2 CA 1 
ATOM 399 C CA . CYS B 2 205 ? 12.008  19.236  14.257  1.00 10.00 ? 205 CYS 2 CA 1 
ATOM 400 C CA . ALA B 2 206 ? 11.481  17.424  10.982  1.00 10.00 ? 206 ALA 2 CA 1 
ATOM 401 C CA . THR B 2 207 ? 11.929  18.476  7.370   1.00 10.00 ? 207 THR 2 CA 1 
ATOM 402 C CA . LEU B 2 208 ? 10.272  16.793  4.441   1.00 10.00 ? 208 LEU 2 CA 1 
ATOM 403 C CA . VAL B 2 209 ? 11.171  17.755  0.879   1.00 10.00 ? 209 VAL 2 CA 1 
ATOM 404 C CA . LEU B 2 210 ? 8.251   16.800  -1.345  1.00 10.00 ? 210 LEU 2 CA 1 
ATOM 405 C CA . PRO B 2 211 ? 8.305   16.509  -5.154  1.00 10.00 ? 211 PRO 2 CA 1 
ATOM 406 C CA . TYR B 2 212 ? 5.245   17.132  -7.375  1.00 10.00 ? 212 TYR 2 CA 1 
ATOM 407 C CA . VAL B 2 213 ? 3.623   13.714  -7.549  1.00 10.00 ? 213 VAL 2 CA 1 
ATOM 408 C CA . ASN B 2 214 ? 0.757   12.948  -9.891  1.00 10.00 ? 214 ASN 2 CA 1 
ATOM 409 C CA . SER B 2 215 ? -0.641  10.946  -12.831 1.00 10.00 ? 215 SER 2 CA 1 
ATOM 410 C CA . LEU B 2 216 ? -0.265  14.198  -14.837 1.00 10.00 ? 216 LEU 2 CA 1 
ATOM 411 C CA . SER B 2 217 ? 2.472   16.811  -15.467 1.00 10.00 ? 217 SER 2 CA 1 
ATOM 412 C CA . ILE B 2 218 ? 0.194   19.554  -14.230 1.00 10.00 ? 218 ILE 2 CA 1 
ATOM 413 C CA . ASP B 2 219 ? -3.354  19.741  -12.869 1.00 10.00 ? 219 ASP 2 CA 1 
ATOM 414 C CA . SER B 2 220 ? -6.081  21.831  -11.218 1.00 10.00 ? 220 SER 2 CA 1 
ATOM 415 C CA . MET B 2 221 ? -4.897  22.972  -7.792  1.00 10.00 ? 221 MET 2 CA 1 
ATOM 416 C CA . VAL B 2 222 ? -8.456  23.878  -6.840  1.00 10.00 ? 222 VAL 2 CA 1 
ATOM 417 C CA . LYS B 2 223 ? -10.095 20.546  -7.672  1.00 10.00 ? 223 LYS 2 CA 1 
ATOM 418 C CA . HIS B 2 224 ? -7.279  18.295  -6.612  1.00 10.00 ? 224 HIS 2 CA 1 
ATOM 419 C CA . ASN B 2 225 ? -4.989  17.909  -3.649  1.00 10.00 ? 225 ASN 2 CA 1 
ATOM 420 C CA . ASN B 2 226 ? -1.669  16.180  -4.367  1.00 10.00 ? 226 ASN 2 CA 1 
ATOM 421 C CA . TRP B 2 227 ? -0.117  15.518  -1.007  1.00 10.00 ? 227 TRP 2 CA 1 
ATOM 422 C CA . GLY B 2 228 ? -1.492  14.869  2.454   1.00 10.00 ? 228 GLY 2 CA 1 
ATOM 423 C CA . ILE B 2 229 ? 0.411   15.681  5.660   1.00 10.00 ? 229 ILE 2 CA 1 
ATOM 424 C CA . ALA B 2 230 ? -0.405  13.372  8.545   1.00 10.00 ? 230 ALA 2 CA 1 
ATOM 425 C CA . ILE B 2 231 ? 0.998   13.857  12.033  1.00 10.00 ? 231 ILE 2 CA 1 
ATOM 426 C CA . LEU B 2 232 ? 0.349   11.209  14.632  1.00 10.00 ? 232 LEU 2 CA 1 
ATOM 427 C CA . PRO B 2 233 ? 1.590   10.512  18.170  1.00 10.00 ? 233 PRO 2 CA 1 
ATOM 428 C CA . LEU B 2 234 ? 3.515   7.242   17.798  1.00 10.00 ? 234 LEU 2 CA 1 
ATOM 429 C CA . ALA B 2 235 ? 4.392   7.607   21.431  1.00 10.00 ? 235 ALA 2 CA 1 
ATOM 430 C CA . PRO B 2 236 ? 2.224   9.761   23.751  1.00 10.00 ? 236 PRO 2 CA 1 
ATOM 431 C CA . LEU B 2 237 ? 3.347   13.072  25.229  1.00 10.00 ? 237 LEU 2 CA 1 
ATOM 432 C CA . ASN B 2 238 ? 4.583   12.869  28.731  1.00 10.00 ? 238 ASN 2 CA 1 
ATOM 433 C CA . PHE B 2 239 ? 6.195   15.186  31.171  1.00 10.00 ? 239 PHE 2 CA 1 
ATOM 434 C CA . ALA B 2 240 ? 6.750   15.086  35.221  1.00 10.00 ? 240 ALA 2 CA 1 
ATOM 435 C CA . SER B 2 241 ? 4.766   17.952  36.787  1.00 10.00 ? 241 SER 2 CA 1 
ATOM 436 C CA . GLU B 2 242 ? 3.504   19.041  33.276  1.00 10.00 ? 242 GLU 2 CA 1 
ATOM 437 C CA . SER B 2 243 ? 3.258   15.779  31.123  1.00 10.00 ? 243 SER 2 CA 1 
ATOM 438 C CA . SER B 2 244 ? 1.188   17.175  28.233  1.00 10.00 ? 244 SER 2 CA 1 
ATOM 439 C CA . PRO B 2 245 ? 2.126   20.846  28.442  1.00 10.00 ? 245 PRO 2 CA 1 
ATOM 440 C CA . GLU B 2 246 ? 1.088   20.369  26.601  1.00 10.00 ? 246 GLU 2 CA 1 
ATOM 441 C CA . ILE B 2 247 ? 3.478   21.396  23.887  1.00 10.00 ? 247 ILE 2 CA 1 
ATOM 442 C CA . PRO B 2 248 ? 3.059   23.289  20.610  1.00 10.00 ? 248 PRO 2 CA 1 
ATOM 443 C CA . ILE B 2 249 ? 3.565   21.936  17.110  1.00 10.00 ? 249 ILE 2 CA 1 
ATOM 444 C CA . THR B 2 250 ? 4.199   24.544  14.430  1.00 10.00 ? 250 THR 2 CA 1 
ATOM 445 C CA . LEU B 2 251 ? 4.130   23.841  10.707  1.00 10.00 ? 251 LEU 2 CA 1 
ATOM 446 C CA . THR B 2 252 ? 6.112   26.034  8.300   1.00 10.00 ? 252 THR 2 CA 1 
ATOM 447 C CA . ILE B 2 253 ? 5.571   25.081  4.628   1.00 10.00 ? 253 ILE 2 CA 1 
ATOM 448 C CA . ALA B 2 254 ? 7.067   26.382  1.390   1.00 10.00 ? 254 ALA 2 CA 1 
ATOM 449 C CA . PRO B 2 255 ? 5.993   25.656  -2.205  1.00 10.00 ? 255 PRO 2 CA 1 
ATOM 450 C CA . MET B 2 256 ? 8.860   24.711  -4.505  1.00 10.00 ? 256 MET 2 CA 1 
ATOM 451 C CA . CYS B 2 257 ? 9.941   24.875  -8.187  1.00 10.00 ? 257 CYS 2 CA 1 
ATOM 452 C CA . CYS B 2 258 ? 6.441   26.111  -8.704  1.00 10.00 ? 258 CYS 2 CA 1 
ATOM 453 C CA . GLU B 2 259 ? 4.554   27.065  -11.753 1.00 10.00 ? 259 GLU 2 CA 1 
ATOM 454 C CA . PHE B 2 260 ? 1.144   28.146  -12.902 1.00 10.00 ? 260 PHE 2 CA 1 
ATOM 455 C CA . ASN B 2 261 ? -0.811  28.246  -16.111 1.00 10.00 ? 261 ASN 2 CA 1 
ATOM 456 C CA . GLY B 2 262 ? -3.978  29.283  -17.888 1.00 10.00 ? 262 GLY 2 CA 1 
ATOM 457 C CA . LEU B 2 263 ? -4.591  32.747  -16.526 1.00 10.00 ? 263 LEU 2 CA 1 
ATOM 458 C CA . ARG B 2 264 ? -8.087  34.181  -16.411 1.00 10.00 ? 264 ARG 2 CA 1 
ATOM 459 C CA . ASN B 2 265 ? -10.649 35.755  -14.021 1.00 10.00 ? 265 ASN 2 CA 1 
ATOM 460 C CA . GLY C 3 1   ? 2.710   -23.257 -48.754 1.00 10.00 ? 1   GLY 3 CA 1 
ATOM 461 C CA . LEU C 3 2   ? 5.562   -23.749 -46.184 1.00 10.00 ? 2   LEU 3 CA 1 
ATOM 462 C CA . PRO C 3 3   ? 5.033   -27.196 -44.677 1.00 10.00 ? 3   PRO 3 CA 1 
ATOM 463 C CA . VAL C 3 4   ? 4.152   -26.998 -40.980 1.00 10.00 ? 4   VAL 3 CA 1 
ATOM 464 C CA . MET C 3 5   ? 3.088   -29.310 -38.171 1.00 10.00 ? 5   MET 3 CA 1 
ATOM 465 C CA . ASN C 3 6   ? 1.026   -28.346 -35.164 1.00 10.00 ? 6   ASN 3 CA 1 
ATOM 466 C CA . THR C 3 7   ? 2.303   -29.184 -31.746 1.00 10.00 ? 7   THR 3 CA 1 
ATOM 467 C CA . PRO C 3 8   ? 0.492   -29.727 -28.412 1.00 10.00 ? 8   PRO 3 CA 1 
ATOM 468 C CA . GLY C 3 9   ? -0.505  -26.393 -26.884 1.00 10.00 ? 9   GLY 3 CA 1 
ATOM 469 C CA . SER C 3 10  ? -1.928  -25.173 -30.185 1.00 10.00 ? 10  SER 3 CA 1 
ATOM 470 C CA . ASN C 3 11  ? -5.023  -22.947 -29.958 1.00 10.00 ? 11  ASN 3 CA 1 
ATOM 471 C CA . GLN C 3 12  ? -4.897  -22.808 -26.176 1.00 10.00 ? 12  GLN 3 CA 1 
ATOM 472 C CA . TYR C 3 13  ? -4.219  -20.415 -23.261 1.00 10.00 ? 13  TYR 3 CA 1 
ATOM 473 C CA . LEU C 3 14  ? -1.637  -20.496 -20.552 1.00 10.00 ? 14  LEU 3 CA 1 
ATOM 474 C CA . THR C 3 15  ? -2.199  -17.565 -18.164 1.00 10.00 ? 15  THR 3 CA 1 
ATOM 475 C CA . ALA C 3 16  ? 1.562   -17.415 -17.504 1.00 10.00 ? 16  ALA 3 CA 1 
ATOM 476 C CA . ASP C 3 17  ? 2.548   -17.248 -21.154 1.00 10.00 ? 17  ASP 3 CA 1 
ATOM 477 C CA . ASN C 3 18  ? 4.620   -14.508 -22.694 1.00 10.00 ? 18  ASN 3 CA 1 
ATOM 478 C CA . PHE C 3 19  ? 3.762   -13.778 -26.312 1.00 10.00 ? 19  PHE 3 CA 1 
ATOM 479 C CA . GLN C 3 20  ? 3.226   -10.839 -28.650 1.00 10.00 ? 20  GLN 3 CA 1 
ATOM 480 C CA . SER C 3 21  ? -0.272  -9.782  -29.674 1.00 10.00 ? 21  SER 3 CA 1 
ATOM 481 C CA . PRO C 3 22  ? -1.788  -7.216  -32.029 1.00 10.00 ? 22  PRO 3 CA 1 
ATOM 482 C CA . CYS C 3 23  ? -2.367  -3.661  -30.773 1.00 10.00 ? 23  CYS 3 CA 1 
ATOM 483 C CA . ALA C 3 24  ? -5.993  -2.456  -30.614 1.00 10.00 ? 24  ALA 3 CA 1 
ATOM 484 C CA . LEU C 3 25  ? -4.988  1.205   -30.614 1.00 10.00 ? 25  LEU 3 CA 1 
ATOM 485 C CA . PRO C 3 26  ? -2.430  1.613   -33.379 1.00 10.00 ? 26  PRO 3 CA 1 
ATOM 486 C CA . GLU C 3 27  ? -0.098  4.619   -33.533 1.00 10.00 ? 27  GLU 3 CA 1 
ATOM 487 C CA . PHE C 3 28  ? -1.333  5.800   -30.136 1.00 10.00 ? 28  PHE 3 CA 1 
ATOM 488 C CA . ASP C 3 29  ? 0.960   8.505   -28.806 1.00 10.00 ? 29  ASP 3 CA 1 
ATOM 489 C CA . VAL C 3 30  ? 1.661   7.662   -25.193 1.00 10.00 ? 30  VAL 3 CA 1 
ATOM 490 C CA . THR C 3 31  ? 1.933   10.207  -22.378 1.00 10.00 ? 31  THR 3 CA 1 
ATOM 491 C CA . PRO C 3 32  ? 5.576   10.431  -21.310 1.00 10.00 ? 32  PRO 3 CA 1 
ATOM 492 C CA . PRO C 3 33  ? 6.815   9.316   -17.874 1.00 10.00 ? 33  PRO 3 CA 1 
ATOM 493 C CA . ILE C 3 34  ? 7.720   11.817  -15.170 1.00 10.00 ? 34  ILE 3 CA 1 
ATOM 494 C CA . ASP C 3 35  ? 10.209  11.273  -12.358 1.00 10.00 ? 35  ASP 3 CA 1 
ATOM 495 C CA . ILE C 3 36  ? 7.782   10.316  -9.632  1.00 10.00 ? 36  ILE 3 CA 1 
ATOM 496 C CA . PRO C 3 37  ? 9.468   9.815   -6.271  1.00 10.00 ? 37  PRO 3 CA 1 
ATOM 497 C CA . GLY C 3 38  ? 9.338   6.404   -4.647  1.00 10.00 ? 38  GLY 3 CA 1 
ATOM 498 C CA . GLU C 3 39  ? 9.680   3.881   -7.478  1.00 10.00 ? 39  GLU 3 CA 1 
ATOM 499 C CA . VAL C 3 40  ? 9.757   0.215   -6.622  1.00 10.00 ? 40  VAL 3 CA 1 
ATOM 500 C CA . LYS C 3 41  ? 11.633  -2.333  -8.688  1.00 10.00 ? 41  LYS 3 CA 1 
ATOM 501 C CA . ASN C 3 42  ? 11.312  -5.559  -6.726  1.00 10.00 ? 42  ASN 3 CA 1 
ATOM 502 C CA . MET C 3 43  ? 9.644   -6.489  -4.070  1.00 10.00 ? 43  MET 3 CA 1 
ATOM 503 C CA . MET C 3 44  ? 12.685  -7.126  -1.877  1.00 10.00 ? 44  MET 3 CA 1 
ATOM 504 C CA . GLU C 3 45  ? 13.416  -3.395  -1.996  1.00 10.00 ? 45  GLU 3 CA 1 
ATOM 505 C CA . LEU C 3 46  ? 10.220  -2.987  -0.076  1.00 10.00 ? 46  LEU 3 CA 1 
ATOM 506 C CA . ALA C 3 47  ? 10.967  -5.768  2.381   1.00 10.00 ? 47  ALA 3 CA 1 
ATOM 507 C CA . GLU C 3 48  ? 14.101  -3.874  3.296   1.00 10.00 ? 48  GLU 3 CA 1 
ATOM 508 C CA . ILE C 3 49  ? 12.107  -0.875  4.518   1.00 10.00 ? 49  ILE 3 CA 1 
ATOM 509 C CA . ASP C 3 50  ? 11.756  -0.821  8.313   1.00 10.00 ? 50  ASP 3 CA 1 
ATOM 510 C CA . THR C 3 51  ? 8.119   -1.088  9.386   1.00 10.00 ? 51  THR 3 CA 1 
ATOM 511 C CA . MET C 3 52  ? 6.691   -1.010  12.906  1.00 10.00 ? 52  MET 3 CA 1 
ATOM 512 C CA . ILE C 3 53  ? 5.986   -4.148  14.937  1.00 10.00 ? 53  ILE 3 CA 1 
ATOM 513 C CA . PRO C 3 54  ? 2.592   -4.862  16.527  1.00 10.00 ? 54  PRO 3 CA 1 
ATOM 514 C CA . PHE C 3 55  ? 4.221   -6.358  19.674  1.00 10.00 ? 55  PHE 3 CA 1 
ATOM 515 C CA . ASP C 3 56  ? 1.386   -6.247  22.134  1.00 10.00 ? 56  ASP 3 CA 1 
ATOM 516 C CA . LEU C 3 57  ? -1.339  -8.202  20.359  1.00 10.00 ? 57  LEU 3 CA 1 
ATOM 517 C CA . SER C 3 58  ? -3.029  -8.626  23.712  1.00 10.00 ? 58  SER 3 CA 1 
ATOM 518 C CA . ALA C 3 59  ? -6.799  -9.168  23.761  1.00 10.00 ? 59  ALA 3 CA 1 
ATOM 519 C CA . THR C 3 60  ? -7.746  -5.686  24.778  1.00 10.00 ? 60  THR 3 CA 1 
ATOM 520 C CA . LYS C 3 61  ? -5.164  -3.783  22.794  1.00 10.00 ? 61  LYS 3 CA 1 
ATOM 521 C CA . LYS C 3 62  ? -4.834  -5.621  19.513  1.00 10.00 ? 62  LYS 3 CA 1 
ATOM 522 C CA . ASN C 3 63  ? -6.348  -3.901  16.468  1.00 10.00 ? 63  ASN 3 CA 1 
ATOM 523 C CA . THR C 3 64  ? -5.750  -0.550  18.108  1.00 10.00 ? 64  THR 3 CA 1 
ATOM 524 C CA . MET C 3 65  ? -2.889  2.033   18.031  1.00 10.00 ? 65  MET 3 CA 1 
ATOM 525 C CA . GLU C 3 66  ? -1.700  0.442   21.314  1.00 10.00 ? 66  GLU 3 CA 1 
ATOM 526 C CA . MET C 3 67  ? -0.532  -2.874  19.893  1.00 10.00 ? 67  MET 3 CA 1 
ATOM 527 C CA . TYR C 3 68  ? 2.538   -0.968  18.733  1.00 10.00 ? 68  TYR 3 CA 1 
ATOM 528 C CA . ARG C 3 69  ? 3.711   0.286   22.146  1.00 10.00 ? 69  ARG 3 CA 1 
ATOM 529 C CA . VAL C 3 70  ? 5.886   -1.835  24.489  1.00 10.00 ? 70  VAL 3 CA 1 
ATOM 530 C CA . ARG C 3 71  ? 5.608   -0.347  27.953  1.00 10.00 ? 71  ARG 3 CA 1 
ATOM 531 C CA . LEU C 3 72  ? 8.533   -0.029  30.351  1.00 10.00 ? 72  LEU 3 CA 1 
ATOM 532 C CA . SER C 3 73  ? 9.038   1.363   33.838  1.00 10.00 ? 73  SER 3 CA 1 
ATOM 533 C CA . ASP C 3 74  ? 11.408  2.599   36.525  1.00 10.00 ? 74  ASP 3 CA 1 
ATOM 534 C CA . LYS C 3 75  ? 10.694  -0.541  38.462  1.00 10.00 ? 75  LYS 3 CA 1 
ATOM 535 C CA . PRO C 3 76  ? 13.316  -2.559  40.299  1.00 10.00 ? 76  PRO 3 CA 1 
ATOM 536 C CA . HIS C 3 77  ? 15.652  -4.859  38.431  1.00 10.00 ? 77  HIS 3 CA 1 
ATOM 537 C CA . THR C 3 78  ? 14.330  -8.132  37.233  1.00 10.00 ? 78  THR 3 CA 1 
ATOM 538 C CA . ASP C 3 79  ? 15.601  -10.940 35.013  1.00 10.00 ? 79  ASP 3 CA 1 
ATOM 539 C CA . ASP C 3 80  ? 12.223  -11.490 33.488  1.00 10.00 ? 80  ASP 3 CA 1 
ATOM 540 C CA . PRO C 3 81  ? 11.441  -10.790 29.818  1.00 10.00 ? 81  PRO 3 CA 1 
ATOM 541 C CA . ILE C 3 82  ? 10.153  -7.430  28.546  1.00 10.00 ? 82  ILE 3 CA 1 
ATOM 542 C CA . LEU C 3 83  ? 9.025   -9.215  25.390  1.00 10.00 ? 83  LEU 3 CA 1 
ATOM 543 C CA . CYS C 3 84  ? 9.336   -12.671 23.859  1.00 10.00 ? 84  CYS 3 CA 1 
ATOM 544 C CA . LEU C 3 85  ? 9.063   -13.187 20.077  1.00 10.00 ? 85  LEU 3 CA 1 
ATOM 545 C CA . SER C 3 86  ? 9.644   -16.060 17.593  1.00 10.00 ? 86  SER 3 CA 1 
ATOM 546 C CA . LEU C 3 87  ? 11.683  -15.745 14.405  1.00 10.00 ? 87  LEU 3 CA 1 
ATOM 547 C CA . SER C 3 88  ? 8.888   -16.718 12.070  1.00 10.00 ? 88  SER 3 CA 1 
ATOM 548 C CA . PRO C 3 89  ? 8.840   -13.625 9.869   1.00 10.00 ? 89  PRO 3 CA 1 
ATOM 549 C CA . ALA C 3 90  ? 5.824   -14.703 7.836   1.00 10.00 ? 90  ALA 3 CA 1 
ATOM 550 C CA . SER C 3 91  ? 3.855   -16.765 10.330  1.00 10.00 ? 91  SER 3 CA 1 
ATOM 551 C CA . ASP C 3 92  ? 4.247   -15.147 13.750  1.00 10.00 ? 92  ASP 3 CA 1 
ATOM 552 C CA . PRO C 3 93  ? 1.250   -12.883 14.527  1.00 10.00 ? 93  PRO 3 CA 1 
ATOM 553 C CA . ARG C 3 94  ? 3.509   -9.991  15.465  1.00 10.00 ? 94  ARG 3 CA 1 
ATOM 554 C CA . LEU C 3 95  ? 5.752   -10.167 12.406  1.00 10.00 ? 95  LEU 3 CA 1 
ATOM 555 C CA . SER C 3 96  ? 3.357   -11.507 9.778   1.00 10.00 ? 96  SER 3 CA 1 
ATOM 556 C CA . HIS C 3 97  ? 1.517   -8.284  9.035   1.00 10.00 ? 97  HIS 3 CA 1 
ATOM 557 C CA . THR C 3 98  ? 4.528   -6.008  8.834   1.00 10.00 ? 98  THR 3 CA 1 
ATOM 558 C CA . MET C 3 99  ? 5.613   -4.962  5.293   1.00 10.00 ? 99  MET 3 CA 1 
ATOM 559 C CA . LEU C 3 100 ? 8.301   -7.665  5.375   1.00 10.00 ? 100 LEU 3 CA 1 
ATOM 560 C CA . GLY C 3 101 ? 5.847   -10.266 6.603   1.00 10.00 ? 101 GLY 3 CA 1 
ATOM 561 C CA . GLU C 3 102 ? 3.260   -9.335  3.996   1.00 10.00 ? 102 GLU 3 CA 1 
ATOM 562 C CA . ILE C 3 103 ? 5.656   -9.662  1.082   1.00 10.00 ? 103 ILE 3 CA 1 
ATOM 563 C CA . LEU C 3 104 ? 6.916   -12.915 2.577   1.00 10.00 ? 104 LEU 3 CA 1 
ATOM 564 C CA . ASN C 3 105 ? 3.420   -14.292 2.272   1.00 10.00 ? 105 ASN 3 CA 1 
ATOM 565 C CA . TYR C 3 106 ? 3.303   -13.971 -1.483  1.00 10.00 ? 106 TYR 3 CA 1 
ATOM 566 C CA . TYR C 3 107 ? 6.221   -16.427 -1.445  1.00 10.00 ? 107 TYR 3 CA 1 
ATOM 567 C CA . THR C 3 108 ? 7.020   -19.927 -0.150  1.00 10.00 ? 108 THR 3 CA 1 
ATOM 568 C CA . HIS C 3 109 ? 10.675  -19.751 0.812   1.00 10.00 ? 109 HIS 3 CA 1 
ATOM 569 C CA . TRP C 3 110 ? 12.800  -17.156 2.572   1.00 10.00 ? 110 TRP 3 CA 1 
ATOM 570 C CA . ALA C 3 111 ? 16.448  -16.654 3.326   1.00 10.00 ? 111 ALA 3 CA 1 
ATOM 571 C CA . GLY C 3 112 ? 18.633  -13.965 4.759   1.00 10.00 ? 112 GLY 3 CA 1 
ATOM 572 C CA . SER C 3 113 ? 19.499  -11.758 7.702   1.00 10.00 ? 113 SER 3 CA 1 
ATOM 573 C CA . LEU C 3 114 ? 16.823  -9.818  9.530   1.00 10.00 ? 114 LEU 3 CA 1 
ATOM 574 C CA . LYS C 3 115 ? 17.303  -6.445  11.177  1.00 10.00 ? 115 LYS 3 CA 1 
ATOM 575 C CA . PHE C 3 116 ? 15.569  -5.351  14.381  1.00 10.00 ? 116 PHE 3 CA 1 
ATOM 576 C CA . THR C 3 117 ? 15.524  -1.768  15.598  1.00 10.00 ? 117 THR 3 CA 1 
ATOM 577 C CA . PHE C 3 118 ? 14.204  -0.440  18.909  1.00 10.00 ? 118 PHE 3 CA 1 
ATOM 578 C CA . LEU C 3 119 ? 13.208  3.147   19.571  1.00 10.00 ? 119 LEU 3 CA 1 
ATOM 579 C CA . PHE C 3 120 ? 13.030  4.563   23.088  1.00 10.00 ? 120 PHE 3 CA 1 
ATOM 580 C CA . CYS C 3 121 ? 10.192  7.060   23.299  1.00 10.00 ? 121 CYS 3 CA 1 
ATOM 581 C CA . GLY C 3 122 ? 10.546  7.964   26.961  1.00 10.00 ? 122 GLY 3 CA 1 
ATOM 582 C CA . SER C 3 123 ? 11.924  11.266  28.319  1.00 10.00 ? 123 SER 3 CA 1 
ATOM 583 C CA . MET C 3 124 ? 15.393  12.764  28.140  1.00 10.00 ? 124 MET 3 CA 1 
ATOM 584 C CA . MET C 3 125 ? 15.842  12.517  31.892  1.00 10.00 ? 125 MET 3 CA 1 
ATOM 585 C CA . ALA C 3 126 ? 15.213  8.785   31.761  1.00 10.00 ? 126 ALA 3 CA 1 
ATOM 586 C CA . THR C 3 127 ? 18.215  6.473   31.781  1.00 10.00 ? 127 THR 3 CA 1 
ATOM 587 C CA . GLY C 3 128 ? 18.762  2.715   31.533  1.00 10.00 ? 128 GLY 3 CA 1 
ATOM 588 C CA . LYS C 3 129 ? 20.342  -0.355  30.004  1.00 10.00 ? 129 LYS 3 CA 1 
ATOM 589 C CA . LEU C 3 130 ? 18.518  -3.088  28.131  1.00 10.00 ? 130 LEU 3 CA 1 
ATOM 590 C CA . LEU C 3 131 ? 19.663  -6.400  26.755  1.00 10.00 ? 131 LEU 3 CA 1 
ATOM 591 C CA . VAL C 3 132 ? 18.474  -7.545  23.341  1.00 10.00 ? 132 VAL 3 CA 1 
ATOM 592 C CA . SER C 3 133 ? 18.879  -11.188 22.491  1.00 10.00 ? 133 SER 3 CA 1 
ATOM 593 C CA . TYR C 3 134 ? 18.679  -13.767 19.759  1.00 10.00 ? 134 TYR 3 CA 1 
ATOM 594 C CA . ALA C 3 135 ? 18.785  -17.474 20.383  1.00 10.00 ? 135 ALA 3 CA 1 
ATOM 595 C CA . PRO C 3 136 ? 19.156  -17.892 15.696  1.00 10.00 ? 136 PRO 3 CA 1 
ATOM 596 C CA . PRO C 3 137 ? 15.809  -19.779 15.734  1.00 10.00 ? 137 PRO 3 CA 1 
ATOM 597 C CA . GLY C 3 138 ? 15.348  -23.496 16.704  1.00 10.00 ? 138 GLY 3 CA 1 
ATOM 598 C CA . ALA C 3 139 ? 14.040  -24.259 20.254  1.00 10.00 ? 139 ALA 3 CA 1 
ATOM 599 C CA . ASP C 3 140 ? 13.502  -21.857 23.320  1.00 10.00 ? 140 ASP 3 CA 1 
ATOM 600 C CA . PRO C 3 141 ? 13.391  -18.246 24.509  1.00 10.00 ? 141 PRO 3 CA 1 
ATOM 601 C CA . PRO C 3 142 ? 14.677  -18.147 26.984  1.00 10.00 ? 142 PRO 3 CA 1 
ATOM 602 C CA . LYS C 3 143 ? 12.601  -17.115 29.978  1.00 10.00 ? 143 LYS 3 CA 1 
ATOM 603 C CA . LYS C 3 144 ? 15.338  -15.417 31.886  1.00 10.00 ? 144 LYS 3 CA 1 
ATOM 604 C CA . ARG C 3 145 ? 18.178  -12.949 31.204  1.00 10.00 ? 145 ARG 3 CA 1 
ATOM 605 C CA . LYS C 3 146 ? 20.599  -15.564 32.432  1.00 10.00 ? 146 LYS 3 CA 1 
ATOM 606 C CA . GLU C 3 147 ? 19.840  -17.778 29.489  1.00 10.00 ? 147 GLU 3 CA 1 
ATOM 607 C CA . ALA C 3 148 ? 19.251  -15.072 26.888  1.00 10.00 ? 148 ALA 3 CA 1 
ATOM 608 C CA . MET C 3 149 ? 22.718  -13.763 27.810  1.00 10.00 ? 149 MET 3 CA 1 
ATOM 609 C CA . LEU C 3 150 ? 24.164  -16.957 26.449  1.00 10.00 ? 150 LEU 3 CA 1 
ATOM 610 C CA . GLY C 3 151 ? 23.165  -16.365 22.852  1.00 10.00 ? 151 GLY 3 CA 1 
ATOM 611 C CA . THR C 3 152 ? 23.697  -13.563 20.339  1.00 10.00 ? 152 THR 3 CA 1 
ATOM 612 C CA . HIS C 3 153 ? 23.177  -10.303 22.149  1.00 10.00 ? 153 HIS 3 CA 1 
ATOM 613 C CA . VAL C 3 154 ? 23.521  -6.596  22.325  1.00 10.00 ? 154 VAL 3 CA 1 
ATOM 614 C CA . ILE C 3 155 ? 23.538  -4.210  25.275  1.00 10.00 ? 155 ILE 3 CA 1 
ATOM 615 C CA . TRP C 3 156 ? 21.551  -1.073  24.675  1.00 10.00 ? 156 TRP 3 CA 1 
ATOM 616 C CA . ASP C 3 157 ? 22.174  2.104   26.661  1.00 10.00 ? 157 ASP 3 CA 1 
ATOM 617 C CA . ILE C 3 158 ? 18.916  4.077   26.588  1.00 10.00 ? 158 ILE 3 CA 1 
ATOM 618 C CA . GLY C 3 159 ? 20.379  7.189   28.098  1.00 10.00 ? 159 GLY 3 CA 1 
ATOM 619 C CA . LEU C 3 160 ? 23.246  7.459   25.624  1.00 10.00 ? 160 LEU 3 CA 1 
ATOM 620 C CA . GLN C 3 161 ? 21.306  6.646   22.509  1.00 10.00 ? 161 GLN 3 CA 1 
ATOM 621 C CA . SER C 3 162 ? 17.601  6.701   21.889  1.00 10.00 ? 162 SER 3 CA 1 
ATOM 622 C CA . SER C 3 163 ? 17.493  3.936   19.365  1.00 10.00 ? 163 SER 3 CA 1 
ATOM 623 C CA . CYS C 3 164 ? 19.218  0.612   18.914  1.00 10.00 ? 164 CYS 3 CA 1 
ATOM 624 C CA . THR C 3 165 ? 19.687  -1.827  16.068  1.00 10.00 ? 165 THR 3 CA 1 
ATOM 625 C CA . MET C 3 166 ? 20.313  -5.544  16.226  1.00 10.00 ? 166 MET 3 CA 1 
ATOM 626 C CA . VAL C 3 167 ? 20.997  -7.728  13.230  1.00 10.00 ? 167 VAL 3 CA 1 
ATOM 627 C CA . VAL C 3 168 ? 19.742  -11.314 13.423  1.00 10.00 ? 168 VAL 3 CA 1 
ATOM 628 C CA . PRO C 3 169 ? 21.140  -14.272 11.301  1.00 10.00 ? 169 PRO 3 CA 1 
ATOM 629 C CA . TRP C 3 170 ? 20.518  -16.300 8.195   1.00 10.00 ? 170 TRP 3 CA 1 
ATOM 630 C CA . ILE C 3 171 ? 17.055  -17.877 7.148   1.00 10.00 ? 171 ILE 3 CA 1 
ATOM 631 C CA . SER C 3 172 ? 14.512  -19.661 4.618   1.00 10.00 ? 172 SER 3 CA 1 
ATOM 632 C CA . ASN C 3 173 ? 10.748  -20.905 5.019   1.00 10.00 ? 173 ASN 3 CA 1 
ATOM 633 C CA . THR C 3 174 ? 8.015   -23.463 3.762   1.00 10.00 ? 174 THR 3 CA 1 
ATOM 634 C CA . THR C 3 175 ? 4.751   -22.286 5.431   1.00 10.00 ? 175 THR 3 CA 1 
ATOM 635 C CA . TYR C 3 176 ? 2.368   -24.923 4.020   0.33 10.00 ? 176 TYR 3 CA 1 
ATOM 636 C CA . ARG C 3 177 ? 3.406   -27.708 3.443   0.33 10.00 ? 177 ARG 3 CA 1 
ATOM 637 C CA . GLN C 3 178 ? 3.438   -30.668 4.238   0.33 10.00 ? 178 GLN 3 CA 1 
ATOM 638 C CA . THR C 3 179 ? 1.687   -32.598 5.867   0.33 10.00 ? 179 THR 3 CA 1 
ATOM 639 C CA . ILE C 3 180 ? -1.094  -30.650 7.659   0.33 10.00 ? 180 ILE 3 CA 1 
ATOM 640 C CA . ASP C 3 181 ? -1.099  -26.827 7.965   0.33 10.00 ? 181 ASP 3 CA 1 
ATOM 641 C CA . ASP C 3 182 ? 2.439   -26.896 9.478   1.00 10.00 ? 182 ASP 3 CA 1 
ATOM 642 C CA . SER C 3 183 ? 4.343   -23.915 10.862  1.00 10.00 ? 183 SER 3 CA 1 
ATOM 643 C CA . PHE C 3 184 ? 7.925   -24.735 9.968   1.00 10.00 ? 184 PHE 3 CA 1 
ATOM 644 C CA . THR C 3 185 ? 9.262   -23.219 13.205  1.00 10.00 ? 185 THR 3 CA 1 
ATOM 645 C CA . GLU C 3 186 ? 12.582  -21.773 13.978  1.00 10.00 ? 186 GLU 3 CA 1 
ATOM 646 C CA . GLY C 3 187 ? 11.215  -20.178 17.092  1.00 10.00 ? 187 GLY 3 CA 1 
ATOM 647 C CA . GLY C 3 188 ? 13.144  -16.907 16.997  1.00 10.00 ? 188 GLY 3 CA 1 
ATOM 648 C CA . TYR C 3 189 ? 13.575  -15.391 20.419  1.00 10.00 ? 189 TYR 3 CA 1 
ATOM 649 C CA . ILE C 3 190 ? 14.160  -12.939 20.007  1.00 10.00 ? 190 ILE 3 CA 1 
ATOM 650 C CA . SER C 3 191 ? 13.805  -11.590 23.505  1.00 10.00 ? 191 SER 3 CA 1 
ATOM 651 C CA . VAL C 3 192 ? 14.413  -8.325  25.377  1.00 10.00 ? 192 VAL 3 CA 1 
ATOM 652 C CA . PHE C 3 193 ? 15.523  -7.644  28.950  1.00 10.00 ? 193 PHE 3 CA 1 
ATOM 653 C CA . TYR C 3 194 ? 16.466  -5.123  31.609  1.00 10.00 ? 194 TYR 3 CA 1 
ATOM 654 C CA . GLN C 3 195 ? 20.259  -5.133  31.932  1.00 10.00 ? 195 GLN 3 CA 1 
ATOM 655 C CA . THR C 3 196 ? 20.298  -2.678  34.832  1.00 10.00 ? 196 THR 3 CA 1 
ATOM 656 C CA . ARG C 3 197 ? 16.909  -0.871  35.151  1.00 10.00 ? 197 ARG 3 CA 1 
ATOM 657 C CA . ILE C 3 198 ? 15.129  2.260   33.955  1.00 10.00 ? 198 ILE 3 CA 1 
ATOM 658 C CA . VAL C 3 199 ? 15.983  5.150   36.210  1.00 10.00 ? 199 VAL 3 CA 1 
ATOM 659 C CA . VAL C 3 200 ? 14.264  8.514   36.398  1.00 10.00 ? 200 VAL 3 CA 1 
ATOM 660 C CA . PRO C 3 201 ? 14.533  11.579  38.621  1.00 10.00 ? 201 PRO 3 CA 1 
ATOM 661 C CA . LEU C 3 202 ? 11.621  13.206  40.479  1.00 10.00 ? 202 LEU 3 CA 1 
ATOM 662 C CA . SER C 3 203 ? 9.051   15.267  38.522  1.00 10.00 ? 203 SER 3 CA 1 
ATOM 663 C CA . THR C 3 204 ? 9.342   12.891  35.637  1.00 10.00 ? 204 THR 3 CA 1 
ATOM 664 C CA . PRO C 3 205 ? 7.318   10.045  34.134  1.00 10.00 ? 205 PRO 3 CA 1 
ATOM 665 C CA . ARG C 3 206 ? 8.014   6.587   35.559  1.00 10.00 ? 206 ARG 3 CA 1 
ATOM 666 C CA . GLU C 3 207 ? 6.536   4.751   32.655  1.00 10.00 ? 207 GLU 3 CA 1 
ATOM 667 C CA . MET C 3 208 ? 7.414   5.035   29.038  1.00 10.00 ? 208 MET 3 CA 1 
ATOM 668 C CA . ASP C 3 209 ? 7.111   3.357   25.682  1.00 10.00 ? 209 ASP 3 CA 1 
ATOM 669 C CA . ILE C 3 210 ? 9.425   1.700   23.283  1.00 10.00 ? 210 ILE 3 CA 1 
ATOM 670 C CA . LEU C 3 211 ? 8.629   1.186   19.643  1.00 10.00 ? 211 LEU 3 CA 1 
ATOM 671 C CA . GLY C 3 212 ? 10.170  -1.601  17.644  1.00 10.00 ? 212 GLY 3 CA 1 
ATOM 672 C CA . PHE C 3 213 ? 10.838  -2.154  13.981  1.00 10.00 ? 213 PHE 3 CA 1 
ATOM 673 C CA . VAL C 3 214 ? 11.778  -4.903  11.538  1.00 10.00 ? 214 VAL 3 CA 1 
ATOM 674 C CA . SER C 3 215 ? 13.151  -5.188  8.041   1.00 10.00 ? 215 SER 3 CA 1 
ATOM 675 C CA . ALA C 3 216 ? 15.188  -7.381  5.737   1.00 10.00 ? 216 ALA 3 CA 1 
ATOM 676 C CA . CYS C 3 217 ? 18.924  -6.986  5.203   1.00 10.00 ? 217 CYS 3 CA 1 
ATOM 677 C CA . ASN C 3 218 ? 20.407  -6.832  1.650   1.00 10.00 ? 218 ASN 3 CA 1 
ATOM 678 C CA . ASP C 3 219 ? 21.490  -10.454 1.811   1.00 10.00 ? 219 ASP 3 CA 1 
ATOM 679 C CA . PHE C 3 220 ? 17.813  -11.429 1.782   1.00 10.00 ? 220 PHE 3 CA 1 
ATOM 680 C CA . SER C 3 221 ? 15.730  -13.240 -0.759  1.00 10.00 ? 221 SER 3 CA 1 
ATOM 681 C CA . VAL C 3 222 ? 12.593  -15.201 -1.378  1.00 10.00 ? 222 VAL 3 CA 1 
ATOM 682 C CA . ARG C 3 223 ? 11.275  -17.888 -3.686  1.00 10.00 ? 223 ARG 3 CA 1 
ATOM 683 C CA . LEU C 3 224 ? 8.313   -19.722 -5.198  1.00 10.00 ? 224 LEU 3 CA 1 
ATOM 684 C CA . LEU C 3 225 ? 5.623   -17.140 -5.780  1.00 10.00 ? 225 LEU 3 CA 1 
ATOM 685 C CA . ARG C 3 226 ? 2.259   -17.974 -4.261  1.00 10.00 ? 226 ARG 3 CA 1 
ATOM 686 C CA . ASP C 3 227 ? -1.563  -15.325 -5.206  1.00 10.00 ? 227 ASP 3 CA 1 
ATOM 687 C CA . THR C 3 228 ? -4.021  -13.229 -3.234  1.00 10.00 ? 228 THR 3 CA 1 
ATOM 688 C CA . THR C 3 229 ? -4.493  -15.060 0.030   1.00 10.00 ? 229 THR 3 CA 1 
ATOM 689 C CA . HIS C 3 230 ? -7.174  -12.382 0.918   1.00 10.00 ? 230 HIS 3 CA 1 
ATOM 690 C CA . ILE C 3 231 ? -10.640 -13.968 -0.005  1.00 10.00 ? 231 ILE 3 CA 1 
# 
